data_1TUV
# 
_entry.id   1TUV 
# 
_audit_conform.dict_name       mmcif_pdbx.dic 
_audit_conform.dict_version    5.386 
_audit_conform.dict_location   http://mmcif.pdb.org/dictionaries/ascii/mmcif_pdbx.dic 
# 
loop_
_database_2.database_id 
_database_2.database_code 
_database_2.pdbx_database_accession 
_database_2.pdbx_DOI 
PDB   1TUV         pdb_00001tuv 10.2210/pdb1tuv/pdb 
RCSB  RCSB022921   ?            ?                   
WWPDB D_1000022921 ?            ?                   
# 
loop_
_pdbx_audit_revision_history.ordinal 
_pdbx_audit_revision_history.data_content_type 
_pdbx_audit_revision_history.major_revision 
_pdbx_audit_revision_history.minor_revision 
_pdbx_audit_revision_history.revision_date 
1 'Structure model' 1 0 2005-01-11 
2 'Structure model' 1 1 2008-04-30 
3 'Structure model' 1 2 2011-07-13 
4 'Structure model' 1 3 2024-02-14 
# 
_pdbx_audit_revision_details.ordinal             1 
_pdbx_audit_revision_details.revision_ordinal    1 
_pdbx_audit_revision_details.data_content_type   'Structure model' 
_pdbx_audit_revision_details.provider            repository 
_pdbx_audit_revision_details.type                'Initial release' 
_pdbx_audit_revision_details.description         ? 
_pdbx_audit_revision_details.details             ? 
# 
loop_
_pdbx_audit_revision_group.ordinal 
_pdbx_audit_revision_group.revision_ordinal 
_pdbx_audit_revision_group.data_content_type 
_pdbx_audit_revision_group.group 
1 2 'Structure model' 'Version format compliance' 
2 3 'Structure model' 'Derived calculations'      
3 3 'Structure model' 'Version format compliance' 
4 4 'Structure model' 'Data collection'           
5 4 'Structure model' 'Database references'       
6 4 'Structure model' 'Derived calculations'      
# 
loop_
_pdbx_audit_revision_category.ordinal 
_pdbx_audit_revision_category.revision_ordinal 
_pdbx_audit_revision_category.data_content_type 
_pdbx_audit_revision_category.category 
1 4 'Structure model' chem_comp_atom     
2 4 'Structure model' chem_comp_bond     
3 4 'Structure model' database_2         
4 4 'Structure model' struct_ref_seq_dif 
5 4 'Structure model' struct_site        
# 
loop_
_pdbx_audit_revision_item.ordinal 
_pdbx_audit_revision_item.revision_ordinal 
_pdbx_audit_revision_item.data_content_type 
_pdbx_audit_revision_item.item 
1 4 'Structure model' '_database_2.pdbx_DOI'                
2 4 'Structure model' '_database_2.pdbx_database_accession' 
3 4 'Structure model' '_struct_ref_seq_dif.details'         
4 4 'Structure model' '_struct_site.pdbx_auth_asym_id'      
5 4 'Structure model' '_struct_site.pdbx_auth_comp_id'      
6 4 'Structure model' '_struct_site.pdbx_auth_seq_id'       
# 
_pdbx_database_status.status_code                     REL 
_pdbx_database_status.entry_id                        1TUV 
_pdbx_database_status.recvd_initial_deposition_date   2004-06-25 
_pdbx_database_status.deposit_site                    RCSB 
_pdbx_database_status.process_site                    RCSB 
_pdbx_database_status.status_code_sf                  REL 
_pdbx_database_status.status_code_mr                  ? 
_pdbx_database_status.SG_entry                        ? 
_pdbx_database_status.pdb_format_compatible           Y 
_pdbx_database_status.status_code_cs                  ? 
_pdbx_database_status.status_code_nmr_data            ? 
_pdbx_database_status.methods_development_category    ? 
# 
_pdbx_database_related.db_name        PDB 
_pdbx_database_related.db_id          1R6Y 
_pdbx_database_related.details        'Native, Uncomplexed protein' 
_pdbx_database_related.content_type   unspecified 
# 
loop_
_audit_author.name 
_audit_author.pdbx_ordinal 
'Adams, M.A.' 1 
'Jia, Z.'     2 
# 
_citation.id                        primary 
_citation.title                     
;Structural and Biochemical Evidence for an Enzymatic Quinone Redox Cycle in Escherichia coli: IDENTIFICATION OF A NOVEL QUINOL MONOOXYGENASE
;
_citation.journal_abbrev            J.Biol.Chem. 
_citation.journal_volume            280 
_citation.page_first                8358 
_citation.page_last                 8363 
_citation.year                      2005 
_citation.journal_id_ASTM           JBCHA3 
_citation.country                   US 
_citation.journal_id_ISSN           0021-9258 
_citation.journal_id_CSD            0071 
_citation.book_publisher            ? 
_citation.pdbx_database_id_PubMed   15613473 
_citation.pdbx_database_id_DOI      10.1074/jbc.M412637200 
# 
loop_
_citation_author.citation_id 
_citation_author.name 
_citation_author.ordinal 
_citation_author.identifier_ORCID 
primary 'Adams, M.A.' 1 ? 
primary 'Jia, Z.'     2 ? 
# 
loop_
_entity.id 
_entity.type 
_entity.src_method 
_entity.pdbx_description 
_entity.formula_weight 
_entity.pdbx_number_of_molecules 
_entity.pdbx_ec 
_entity.pdbx_mutation 
_entity.pdbx_fragment 
_entity.details 
1 polymer     man 'Protein ygiN' 12775.716 1   ? ? ? ? 
2 non-polymer syn MENADIONE      172.180   1   ? ? ? ? 
3 water       nat water          18.015    181 ? ? ? ? 
# 
_entity_poly.entity_id                      1 
_entity_poly.type                           'polypeptide(L)' 
_entity_poly.nstd_linkage                   no 
_entity_poly.nstd_monomer                   no 
_entity_poly.pdbx_seq_one_letter_code       
;MLTVIAEIRTRPGQHHRQAVLDQFAKIVPTVLKEEGCHGYAPMVDCAAGVSFQSMAPDSIVMIEQWESIAHLEAHLQTPH
MKAYSEAVKGDVLEMNIRILQPGISGRVHHHHHH
;
_entity_poly.pdbx_seq_one_letter_code_can   
;MLTVIAEIRTRPGQHHRQAVLDQFAKIVPTVLKEEGCHGYAPMVDCAAGVSFQSMAPDSIVMIEQWESIAHLEAHLQTPH
MKAYSEAVKGDVLEMNIRILQPGISGRVHHHHHH
;
_entity_poly.pdbx_strand_id                 A 
_entity_poly.pdbx_target_identifier         ? 
# 
loop_
_pdbx_entity_nonpoly.entity_id 
_pdbx_entity_nonpoly.name 
_pdbx_entity_nonpoly.comp_id 
2 MENADIONE VK3 
3 water     HOH 
# 
loop_
_entity_poly_seq.entity_id 
_entity_poly_seq.num 
_entity_poly_seq.mon_id 
_entity_poly_seq.hetero 
1 1   MET n 
1 2   LEU n 
1 3   THR n 
1 4   VAL n 
1 5   ILE n 
1 6   ALA n 
1 7   GLU n 
1 8   ILE n 
1 9   ARG n 
1 10  THR n 
1 11  ARG n 
1 12  PRO n 
1 13  GLY n 
1 14  GLN n 
1 15  HIS n 
1 16  HIS n 
1 17  ARG n 
1 18  GLN n 
1 19  ALA n 
1 20  VAL n 
1 21  LEU n 
1 22  ASP n 
1 23  GLN n 
1 24  PHE n 
1 25  ALA n 
1 26  LYS n 
1 27  ILE n 
1 28  VAL n 
1 29  PRO n 
1 30  THR n 
1 31  VAL n 
1 32  LEU n 
1 33  LYS n 
1 34  GLU n 
1 35  GLU n 
1 36  GLY n 
1 37  CYS n 
1 38  HIS n 
1 39  GLY n 
1 40  TYR n 
1 41  ALA n 
1 42  PRO n 
1 43  MET n 
1 44  VAL n 
1 45  ASP n 
1 46  CYS n 
1 47  ALA n 
1 48  ALA n 
1 49  GLY n 
1 50  VAL n 
1 51  SER n 
1 52  PHE n 
1 53  GLN n 
1 54  SER n 
1 55  MET n 
1 56  ALA n 
1 57  PRO n 
1 58  ASP n 
1 59  SER n 
1 60  ILE n 
1 61  VAL n 
1 62  MET n 
1 63  ILE n 
1 64  GLU n 
1 65  GLN n 
1 66  TRP n 
1 67  GLU n 
1 68  SER n 
1 69  ILE n 
1 70  ALA n 
1 71  HIS n 
1 72  LEU n 
1 73  GLU n 
1 74  ALA n 
1 75  HIS n 
1 76  LEU n 
1 77  GLN n 
1 78  THR n 
1 79  PRO n 
1 80  HIS n 
1 81  MET n 
1 82  LYS n 
1 83  ALA n 
1 84  TYR n 
1 85  SER n 
1 86  GLU n 
1 87  ALA n 
1 88  VAL n 
1 89  LYS n 
1 90  GLY n 
1 91  ASP n 
1 92  VAL n 
1 93  LEU n 
1 94  GLU n 
1 95  MET n 
1 96  ASN n 
1 97  ILE n 
1 98  ARG n 
1 99  ILE n 
1 100 LEU n 
1 101 GLN n 
1 102 PRO n 
1 103 GLY n 
1 104 ILE n 
1 105 SER n 
1 106 GLY n 
1 107 ARG n 
1 108 VAL n 
1 109 HIS n 
1 110 HIS n 
1 111 HIS n 
1 112 HIS n 
1 113 HIS n 
1 114 HIS n 
# 
_entity_src_gen.entity_id                          1 
_entity_src_gen.pdbx_src_id                        1 
_entity_src_gen.pdbx_alt_source_flag               sample 
_entity_src_gen.pdbx_seq_type                      ? 
_entity_src_gen.pdbx_beg_seq_num                   ? 
_entity_src_gen.pdbx_end_seq_num                   ? 
_entity_src_gen.gene_src_common_name               ? 
_entity_src_gen.gene_src_genus                     Escherichia 
_entity_src_gen.pdbx_gene_src_gene                 ygiN 
_entity_src_gen.gene_src_species                   ? 
_entity_src_gen.gene_src_strain                    ? 
_entity_src_gen.gene_src_tissue                    ? 
_entity_src_gen.gene_src_tissue_fraction           ? 
_entity_src_gen.gene_src_details                   ? 
_entity_src_gen.pdbx_gene_src_fragment             ? 
_entity_src_gen.pdbx_gene_src_scientific_name      'Escherichia coli' 
_entity_src_gen.pdbx_gene_src_ncbi_taxonomy_id     562 
_entity_src_gen.pdbx_gene_src_variant              ? 
_entity_src_gen.pdbx_gene_src_cell_line            ? 
_entity_src_gen.pdbx_gene_src_atcc                 ? 
_entity_src_gen.pdbx_gene_src_organ                ? 
_entity_src_gen.pdbx_gene_src_organelle            ? 
_entity_src_gen.pdbx_gene_src_cell                 ? 
_entity_src_gen.pdbx_gene_src_cellular_location    ? 
_entity_src_gen.host_org_common_name               ? 
_entity_src_gen.pdbx_host_org_scientific_name      'Escherichia coli BL21(DE3)' 
_entity_src_gen.pdbx_host_org_ncbi_taxonomy_id     469008 
_entity_src_gen.host_org_genus                     Escherichia 
_entity_src_gen.pdbx_host_org_gene                 ? 
_entity_src_gen.pdbx_host_org_organ                ? 
_entity_src_gen.host_org_species                   'Escherichia coli' 
_entity_src_gen.pdbx_host_org_tissue               ? 
_entity_src_gen.pdbx_host_org_tissue_fraction      ? 
_entity_src_gen.pdbx_host_org_strain               'BL21(DE3)' 
_entity_src_gen.pdbx_host_org_variant              ? 
_entity_src_gen.pdbx_host_org_cell_line            ? 
_entity_src_gen.pdbx_host_org_atcc                 ? 
_entity_src_gen.pdbx_host_org_culture_collection   ? 
_entity_src_gen.pdbx_host_org_cell                 ? 
_entity_src_gen.pdbx_host_org_organelle            ? 
_entity_src_gen.pdbx_host_org_cellular_location    ? 
_entity_src_gen.pdbx_host_org_vector_type          plasmid 
_entity_src_gen.pdbx_host_org_vector               ? 
_entity_src_gen.host_org_details                   ? 
_entity_src_gen.expression_system_id               ? 
_entity_src_gen.plasmid_name                       pET21b 
_entity_src_gen.plasmid_details                    ? 
_entity_src_gen.pdbx_description                   ? 
# 
loop_
_chem_comp.id 
_chem_comp.type 
_chem_comp.mon_nstd_flag 
_chem_comp.name 
_chem_comp.pdbx_synonyms 
_chem_comp.formula 
_chem_comp.formula_weight 
ALA 'L-peptide linking' y ALANINE         ?                                           'C3 H7 N O2'     89.093  
ARG 'L-peptide linking' y ARGININE        ?                                           'C6 H15 N4 O2 1' 175.209 
ASN 'L-peptide linking' y ASPARAGINE      ?                                           'C4 H8 N2 O3'    132.118 
ASP 'L-peptide linking' y 'ASPARTIC ACID' ?                                           'C4 H7 N O4'     133.103 
CYS 'L-peptide linking' y CYSTEINE        ?                                           'C3 H7 N O2 S'   121.158 
GLN 'L-peptide linking' y GLUTAMINE       ?                                           'C5 H10 N2 O3'   146.144 
GLU 'L-peptide linking' y 'GLUTAMIC ACID' ?                                           'C5 H9 N O4'     147.129 
GLY 'peptide linking'   y GLYCINE         ?                                           'C2 H5 N O2'     75.067  
HIS 'L-peptide linking' y HISTIDINE       ?                                           'C6 H10 N3 O2 1' 156.162 
HOH non-polymer         . WATER           ?                                           'H2 O'           18.015  
ILE 'L-peptide linking' y ISOLEUCINE      ?                                           'C6 H13 N O2'    131.173 
LEU 'L-peptide linking' y LEUCINE         ?                                           'C6 H13 N O2'    131.173 
LYS 'L-peptide linking' y LYSINE          ?                                           'C6 H15 N2 O2 1' 147.195 
MET 'L-peptide linking' y METHIONINE      ?                                           'C5 H11 N O2 S'  149.211 
PHE 'L-peptide linking' y PHENYLALANINE   ?                                           'C9 H11 N O2'    165.189 
PRO 'L-peptide linking' y PROLINE         ?                                           'C5 H9 N O2'     115.130 
SER 'L-peptide linking' y SERINE          ?                                           'C3 H7 N O3'     105.093 
THR 'L-peptide linking' y THREONINE       ?                                           'C4 H9 N O3'     119.119 
TRP 'L-peptide linking' y TRYPTOPHAN      ?                                           'C11 H12 N2 O2'  204.225 
TYR 'L-peptide linking' y TYROSINE        ?                                           'C9 H11 N O3'    181.189 
VAL 'L-peptide linking' y VALINE          ?                                           'C5 H11 N O2'    117.146 
VK3 non-polymer         . MENADIONE       'VITAMIN K3; 2-METHYL-1,4-NAPHTHALENEDIONE' 'C11 H8 O2'      172.180 
# 
loop_
_pdbx_poly_seq_scheme.asym_id 
_pdbx_poly_seq_scheme.entity_id 
_pdbx_poly_seq_scheme.seq_id 
_pdbx_poly_seq_scheme.mon_id 
_pdbx_poly_seq_scheme.ndb_seq_num 
_pdbx_poly_seq_scheme.pdb_seq_num 
_pdbx_poly_seq_scheme.auth_seq_num 
_pdbx_poly_seq_scheme.pdb_mon_id 
_pdbx_poly_seq_scheme.auth_mon_id 
_pdbx_poly_seq_scheme.pdb_strand_id 
_pdbx_poly_seq_scheme.pdb_ins_code 
_pdbx_poly_seq_scheme.hetero 
A 1 1   MET 1   1   1   MET MET A . n 
A 1 2   LEU 2   2   2   LEU LEU A . n 
A 1 3   THR 3   3   3   THR THR A . n 
A 1 4   VAL 4   4   4   VAL VAL A . n 
A 1 5   ILE 5   5   5   ILE ILE A . n 
A 1 6   ALA 6   6   6   ALA ALA A . n 
A 1 7   GLU 7   7   7   GLU GLU A . n 
A 1 8   ILE 8   8   8   ILE ILE A . n 
A 1 9   ARG 9   9   9   ARG ARG A . n 
A 1 10  THR 10  10  10  THR THR A . n 
A 1 11  ARG 11  11  11  ARG ARG A . n 
A 1 12  PRO 12  12  12  PRO PRO A . n 
A 1 13  GLY 13  13  13  GLY GLY A . n 
A 1 14  GLN 14  14  14  GLN GLN A . n 
A 1 15  HIS 15  15  15  HIS HIS A . n 
A 1 16  HIS 16  16  16  HIS HIS A . n 
A 1 17  ARG 17  17  17  ARG ARG A . n 
A 1 18  GLN 18  18  18  GLN GLN A . n 
A 1 19  ALA 19  19  19  ALA ALA A . n 
A 1 20  VAL 20  20  20  VAL VAL A . n 
A 1 21  LEU 21  21  21  LEU LEU A . n 
A 1 22  ASP 22  22  22  ASP ASP A . n 
A 1 23  GLN 23  23  23  GLN GLN A . n 
A 1 24  PHE 24  24  24  PHE PHE A . n 
A 1 25  ALA 25  25  25  ALA ALA A . n 
A 1 26  LYS 26  26  26  LYS LYS A . n 
A 1 27  ILE 27  27  27  ILE ILE A . n 
A 1 28  VAL 28  28  28  VAL VAL A . n 
A 1 29  PRO 29  29  29  PRO PRO A . n 
A 1 30  THR 30  30  30  THR THR A . n 
A 1 31  VAL 31  31  31  VAL VAL A . n 
A 1 32  LEU 32  32  32  LEU LEU A . n 
A 1 33  LYS 33  33  33  LYS LYS A . n 
A 1 34  GLU 34  34  34  GLU GLU A . n 
A 1 35  GLU 35  35  35  GLU GLU A . n 
A 1 36  GLY 36  36  36  GLY GLY A . n 
A 1 37  CYS 37  37  37  CYS CYS A . n 
A 1 38  HIS 38  38  38  HIS HIS A . n 
A 1 39  GLY 39  39  39  GLY GLY A . n 
A 1 40  TYR 40  40  40  TYR TYR A . n 
A 1 41  ALA 41  41  41  ALA ALA A . n 
A 1 42  PRO 42  42  42  PRO PRO A . n 
A 1 43  MET 43  43  43  MET MET A . n 
A 1 44  VAL 44  44  44  VAL VAL A . n 
A 1 45  ASP 45  45  45  ASP ASP A . n 
A 1 46  CYS 46  46  46  CYS CYS A . n 
A 1 47  ALA 47  47  47  ALA ALA A . n 
A 1 48  ALA 48  48  48  ALA ALA A . n 
A 1 49  GLY 49  49  49  GLY GLY A . n 
A 1 50  VAL 50  50  50  VAL VAL A . n 
A 1 51  SER 51  51  51  SER SER A . n 
A 1 52  PHE 52  52  52  PHE PHE A . n 
A 1 53  GLN 53  53  53  GLN GLN A . n 
A 1 54  SER 54  54  54  SER SER A . n 
A 1 55  MET 55  55  55  MET MET A . n 
A 1 56  ALA 56  56  56  ALA ALA A . n 
A 1 57  PRO 57  57  57  PRO PRO A . n 
A 1 58  ASP 58  58  58  ASP ASP A . n 
A 1 59  SER 59  59  59  SER SER A . n 
A 1 60  ILE 60  60  60  ILE ILE A . n 
A 1 61  VAL 61  61  61  VAL VAL A . n 
A 1 62  MET 62  62  62  MET MET A . n 
A 1 63  ILE 63  63  63  ILE ILE A . n 
A 1 64  GLU 64  64  64  GLU GLU A . n 
A 1 65  GLN 65  65  65  GLN GLN A . n 
A 1 66  TRP 66  66  66  TRP TRP A . n 
A 1 67  GLU 67  67  67  GLU GLU A . n 
A 1 68  SER 68  68  68  SER SER A . n 
A 1 69  ILE 69  69  69  ILE ILE A . n 
A 1 70  ALA 70  70  70  ALA ALA A . n 
A 1 71  HIS 71  71  71  HIS HIS A . n 
A 1 72  LEU 72  72  72  LEU LEU A . n 
A 1 73  GLU 73  73  73  GLU GLU A . n 
A 1 74  ALA 74  74  74  ALA ALA A . n 
A 1 75  HIS 75  75  75  HIS HIS A . n 
A 1 76  LEU 76  76  76  LEU LEU A . n 
A 1 77  GLN 77  77  77  GLN GLN A . n 
A 1 78  THR 78  78  78  THR THR A . n 
A 1 79  PRO 79  79  79  PRO PRO A . n 
A 1 80  HIS 80  80  80  HIS HIS A . n 
A 1 81  MET 81  81  81  MET MET A . n 
A 1 82  LYS 82  82  82  LYS LYS A . n 
A 1 83  ALA 83  83  83  ALA ALA A . n 
A 1 84  TYR 84  84  84  TYR TYR A . n 
A 1 85  SER 85  85  85  SER SER A . n 
A 1 86  GLU 86  86  86  GLU GLU A . n 
A 1 87  ALA 87  87  87  ALA ALA A . n 
A 1 88  VAL 88  88  88  VAL VAL A . n 
A 1 89  LYS 89  89  89  LYS LYS A . n 
A 1 90  GLY 90  90  90  GLY GLY A . n 
A 1 91  ASP 91  91  91  ASP ASP A . n 
A 1 92  VAL 92  92  92  VAL VAL A . n 
A 1 93  LEU 93  93  93  LEU LEU A . n 
A 1 94  GLU 94  94  94  GLU GLU A . n 
A 1 95  MET 95  95  95  MET MET A . n 
A 1 96  ASN 96  96  96  ASN ASN A . n 
A 1 97  ILE 97  97  97  ILE ILE A . n 
A 1 98  ARG 98  98  98  ARG ARG A . n 
A 1 99  ILE 99  99  99  ILE ILE A . n 
A 1 100 LEU 100 100 100 LEU LEU A . n 
A 1 101 GLN 101 101 101 GLN GLN A . n 
A 1 102 PRO 102 102 102 PRO PRO A . n 
A 1 103 GLY 103 103 103 GLY GLY A . n 
A 1 104 ILE 104 104 ?   ?   ?   A . n 
A 1 105 SER 105 105 ?   ?   ?   A . n 
A 1 106 GLY 106 106 ?   ?   ?   A . n 
A 1 107 ARG 107 107 ?   ?   ?   A . n 
A 1 108 VAL 108 108 ?   ?   ?   A . n 
A 1 109 HIS 109 109 ?   ?   ?   A . n 
A 1 110 HIS 110 110 ?   ?   ?   A . n 
A 1 111 HIS 111 111 ?   ?   ?   A . n 
A 1 112 HIS 112 112 ?   ?   ?   A . n 
A 1 113 HIS 113 113 ?   ?   ?   A . n 
A 1 114 HIS 114 114 ?   ?   ?   A . n 
# 
loop_
_pdbx_nonpoly_scheme.asym_id 
_pdbx_nonpoly_scheme.entity_id 
_pdbx_nonpoly_scheme.mon_id 
_pdbx_nonpoly_scheme.ndb_seq_num 
_pdbx_nonpoly_scheme.pdb_seq_num 
_pdbx_nonpoly_scheme.auth_seq_num 
_pdbx_nonpoly_scheme.pdb_mon_id 
_pdbx_nonpoly_scheme.auth_mon_id 
_pdbx_nonpoly_scheme.pdb_strand_id 
_pdbx_nonpoly_scheme.pdb_ins_code 
B 2 VK3 1   4558 4558 VK3 VK3 A . 
C 3 HOH 1   4559 1    HOH HOH A . 
C 3 HOH 2   4560 2    HOH HOH A . 
C 3 HOH 3   4561 3    HOH HOH A . 
C 3 HOH 4   4562 4    HOH HOH A . 
C 3 HOH 5   4563 5    HOH HOH A . 
C 3 HOH 6   4564 6    HOH HOH A . 
C 3 HOH 7   4565 7    HOH HOH A . 
C 3 HOH 8   4566 8    HOH HOH A . 
C 3 HOH 9   4567 9    HOH HOH A . 
C 3 HOH 10  4568 10   HOH HOH A . 
C 3 HOH 11  4569 12   HOH HOH A . 
C 3 HOH 12  4570 13   HOH HOH A . 
C 3 HOH 13  4571 14   HOH HOH A . 
C 3 HOH 14  4572 15   HOH HOH A . 
C 3 HOH 15  4573 16   HOH HOH A . 
C 3 HOH 16  4574 17   HOH HOH A . 
C 3 HOH 17  4575 18   HOH HOH A . 
C 3 HOH 18  4576 19   HOH HOH A . 
C 3 HOH 19  4577 20   HOH HOH A . 
C 3 HOH 20  4578 21   HOH HOH A . 
C 3 HOH 21  4579 22   HOH HOH A . 
C 3 HOH 22  4580 23   HOH HOH A . 
C 3 HOH 23  4581 24   HOH HOH A . 
C 3 HOH 24  4582 25   HOH HOH A . 
C 3 HOH 25  4583 26   HOH HOH A . 
C 3 HOH 26  4584 27   HOH HOH A . 
C 3 HOH 27  4585 28   HOH HOH A . 
C 3 HOH 28  4586 29   HOH HOH A . 
C 3 HOH 29  4587 30   HOH HOH A . 
C 3 HOH 30  4588 31   HOH HOH A . 
C 3 HOH 31  4589 32   HOH HOH A . 
C 3 HOH 32  4590 33   HOH HOH A . 
C 3 HOH 33  4591 34   HOH HOH A . 
C 3 HOH 34  4592 35   HOH HOH A . 
C 3 HOH 35  4593 36   HOH HOH A . 
C 3 HOH 36  4594 37   HOH HOH A . 
C 3 HOH 37  4595 38   HOH HOH A . 
C 3 HOH 38  4596 39   HOH HOH A . 
C 3 HOH 39  4597 40   HOH HOH A . 
C 3 HOH 40  4598 41   HOH HOH A . 
C 3 HOH 41  4599 42   HOH HOH A . 
C 3 HOH 42  4600 43   HOH HOH A . 
C 3 HOH 43  4601 44   HOH HOH A . 
C 3 HOH 44  4602 45   HOH HOH A . 
C 3 HOH 45  4603 46   HOH HOH A . 
C 3 HOH 46  4604 47   HOH HOH A . 
C 3 HOH 47  4605 48   HOH HOH A . 
C 3 HOH 48  4606 49   HOH HOH A . 
C 3 HOH 49  4607 50   HOH HOH A . 
C 3 HOH 50  4608 51   HOH HOH A . 
C 3 HOH 51  4609 52   HOH HOH A . 
C 3 HOH 52  4610 53   HOH HOH A . 
C 3 HOH 53  4611 54   HOH HOH A . 
C 3 HOH 54  4612 55   HOH HOH A . 
C 3 HOH 55  4613 56   HOH HOH A . 
C 3 HOH 56  4614 57   HOH HOH A . 
C 3 HOH 57  4615 58   HOH HOH A . 
C 3 HOH 58  4616 59   HOH HOH A . 
C 3 HOH 59  4617 60   HOH HOH A . 
C 3 HOH 60  4618 61   HOH HOH A . 
C 3 HOH 61  4619 62   HOH HOH A . 
C 3 HOH 62  4620 63   HOH HOH A . 
C 3 HOH 63  4621 64   HOH HOH A . 
C 3 HOH 64  4622 65   HOH HOH A . 
C 3 HOH 65  4623 66   HOH HOH A . 
C 3 HOH 66  4624 67   HOH HOH A . 
C 3 HOH 67  4625 68   HOH HOH A . 
C 3 HOH 68  4626 69   HOH HOH A . 
C 3 HOH 69  4627 70   HOH HOH A . 
C 3 HOH 70  4628 71   HOH HOH A . 
C 3 HOH 71  4629 72   HOH HOH A . 
C 3 HOH 72  4630 73   HOH HOH A . 
C 3 HOH 73  4631 74   HOH HOH A . 
C 3 HOH 74  4632 75   HOH HOH A . 
C 3 HOH 75  4633 76   HOH HOH A . 
C 3 HOH 76  4634 77   HOH HOH A . 
C 3 HOH 77  4635 78   HOH HOH A . 
C 3 HOH 78  4636 79   HOH HOH A . 
C 3 HOH 79  4637 80   HOH HOH A . 
C 3 HOH 80  4638 81   HOH HOH A . 
C 3 HOH 81  4639 82   HOH HOH A . 
C 3 HOH 82  4640 83   HOH HOH A . 
C 3 HOH 83  4641 84   HOH HOH A . 
C 3 HOH 84  4642 85   HOH HOH A . 
C 3 HOH 85  4643 86   HOH HOH A . 
C 3 HOH 86  4644 87   HOH HOH A . 
C 3 HOH 87  4645 88   HOH HOH A . 
C 3 HOH 88  4646 89   HOH HOH A . 
C 3 HOH 89  4647 90   HOH HOH A . 
C 3 HOH 90  4648 91   HOH HOH A . 
C 3 HOH 91  4649 92   HOH HOH A . 
C 3 HOH 92  4650 93   HOH HOH A . 
C 3 HOH 93  4651 94   HOH HOH A . 
C 3 HOH 94  4652 95   HOH HOH A . 
C 3 HOH 95  4653 96   HOH HOH A . 
C 3 HOH 96  4654 97   HOH HOH A . 
C 3 HOH 97  4655 98   HOH HOH A . 
C 3 HOH 98  4656 99   HOH HOH A . 
C 3 HOH 99  4657 100  HOH HOH A . 
C 3 HOH 100 4658 101  HOH HOH A . 
C 3 HOH 101 4659 103  HOH HOH A . 
C 3 HOH 102 4660 104  HOH HOH A . 
C 3 HOH 103 4661 105  HOH HOH A . 
C 3 HOH 104 4662 106  HOH HOH A . 
C 3 HOH 105 4663 107  HOH HOH A . 
C 3 HOH 106 4664 108  HOH HOH A . 
C 3 HOH 107 4665 109  HOH HOH A . 
C 3 HOH 108 4666 110  HOH HOH A . 
C 3 HOH 109 4667 111  HOH HOH A . 
C 3 HOH 110 4668 112  HOH HOH A . 
C 3 HOH 111 4669 113  HOH HOH A . 
C 3 HOH 112 4670 114  HOH HOH A . 
C 3 HOH 113 4671 115  HOH HOH A . 
C 3 HOH 114 4672 116  HOH HOH A . 
C 3 HOH 115 4673 117  HOH HOH A . 
C 3 HOH 116 4674 118  HOH HOH A . 
C 3 HOH 117 4675 119  HOH HOH A . 
C 3 HOH 118 4676 120  HOH HOH A . 
C 3 HOH 119 4677 121  HOH HOH A . 
C 3 HOH 120 4678 122  HOH HOH A . 
C 3 HOH 121 4679 123  HOH HOH A . 
C 3 HOH 122 4680 124  HOH HOH A . 
C 3 HOH 123 4681 125  HOH HOH A . 
C 3 HOH 124 4682 126  HOH HOH A . 
C 3 HOH 125 4683 127  HOH HOH A . 
C 3 HOH 126 4684 128  HOH HOH A . 
C 3 HOH 127 4685 129  HOH HOH A . 
C 3 HOH 128 4686 130  HOH HOH A . 
C 3 HOH 129 4687 131  HOH HOH A . 
C 3 HOH 130 4688 132  HOH HOH A . 
C 3 HOH 131 4689 133  HOH HOH A . 
C 3 HOH 132 4690 134  HOH HOH A . 
C 3 HOH 133 4691 135  HOH HOH A . 
C 3 HOH 134 4692 136  HOH HOH A . 
C 3 HOH 135 4693 137  HOH HOH A . 
C 3 HOH 136 4694 138  HOH HOH A . 
C 3 HOH 137 4695 139  HOH HOH A . 
C 3 HOH 138 4696 140  HOH HOH A . 
C 3 HOH 139 4697 141  HOH HOH A . 
C 3 HOH 140 4698 142  HOH HOH A . 
C 3 HOH 141 4699 143  HOH HOH A . 
C 3 HOH 142 4700 144  HOH HOH A . 
C 3 HOH 143 4701 145  HOH HOH A . 
C 3 HOH 144 4702 146  HOH HOH A . 
C 3 HOH 145 4703 148  HOH HOH A . 
C 3 HOH 146 4704 149  HOH HOH A . 
C 3 HOH 147 4705 150  HOH HOH A . 
C 3 HOH 148 4706 151  HOH HOH A . 
C 3 HOH 149 4707 152  HOH HOH A . 
C 3 HOH 150 4708 153  HOH HOH A . 
C 3 HOH 151 4709 154  HOH HOH A . 
C 3 HOH 152 4710 155  HOH HOH A . 
C 3 HOH 153 4711 157  HOH HOH A . 
C 3 HOH 154 4712 158  HOH HOH A . 
C 3 HOH 155 4713 159  HOH HOH A . 
C 3 HOH 156 4714 160  HOH HOH A . 
C 3 HOH 157 4715 161  HOH HOH A . 
C 3 HOH 158 4716 162  HOH HOH A . 
C 3 HOH 159 4717 163  HOH HOH A . 
C 3 HOH 160 4718 164  HOH HOH A . 
C 3 HOH 161 4719 165  HOH HOH A . 
C 3 HOH 162 4720 166  HOH HOH A . 
C 3 HOH 163 4721 167  HOH HOH A . 
C 3 HOH 164 4722 168  HOH HOH A . 
C 3 HOH 165 4723 170  HOH HOH A . 
C 3 HOH 166 4724 171  HOH HOH A . 
C 3 HOH 167 4725 172  HOH HOH A . 
C 3 HOH 168 4726 173  HOH HOH A . 
C 3 HOH 169 4727 174  HOH HOH A . 
C 3 HOH 170 4728 175  HOH HOH A . 
C 3 HOH 171 4729 176  HOH HOH A . 
C 3 HOH 172 4730 177  HOH HOH A . 
C 3 HOH 173 4731 178  HOH HOH A . 
C 3 HOH 174 4732 179  HOH HOH A . 
C 3 HOH 175 4733 180  HOH HOH A . 
C 3 HOH 176 4734 181  HOH HOH A . 
C 3 HOH 177 4735 182  HOH HOH A . 
C 3 HOH 178 4736 183  HOH HOH A . 
C 3 HOH 179 4737 184  HOH HOH A . 
C 3 HOH 180 4738 185  HOH HOH A . 
C 3 HOH 181 4739 186  HOH HOH A . 
# 
loop_
_software.name 
_software.classification 
_software.version 
_software.citation_id 
_software.pdbx_ordinal 
REFMAC    refinement       5.1.24 ? 1 
HKL-2000  'data reduction' .      ? 2 
SCALEPACK 'data scaling'   .      ? 3 
CNS       phasing          .      ? 4 
# 
_cell.entry_id           1TUV 
_cell.length_a           102.562 
_cell.length_b           102.562 
_cell.length_c           102.562 
_cell.angle_alpha        90.00 
_cell.angle_beta         90.00 
_cell.angle_gamma        90.00 
_cell.Z_PDB              24 
_cell.pdbx_unique_axis   ? 
# 
_symmetry.entry_id                         1TUV 
_symmetry.space_group_name_H-M             'P 41 3 2' 
_symmetry.pdbx_full_space_group_name_H-M   ? 
_symmetry.cell_setting                     ? 
_symmetry.Int_Tables_number                213 
_symmetry.space_group_name_Hall            ? 
# 
_exptl.entry_id          1TUV 
_exptl.method            'X-RAY DIFFRACTION' 
_exptl.crystals_number   1 
# 
_exptl_crystal.id                    1 
_exptl_crystal.density_meas          ? 
_exptl_crystal.density_Matthews      3.24 
_exptl_crystal.density_percent_sol   61.7 
_exptl_crystal.description           ? 
_exptl_crystal.F_000                 ? 
_exptl_crystal.preparation           ? 
# 
_exptl_crystal_grow.crystal_id      1 
_exptl_crystal_grow.method          'VAPOR DIFFUSION, HANGING DROP' 
_exptl_crystal_grow.temp            298 
_exptl_crystal_grow.temp_details    ? 
_exptl_crystal_grow.pH              5.6 
_exptl_crystal_grow.pdbx_details    
'sodium citrate, ammonium sulfate, sodium/potassium tartrate, pH 5.6, VAPOR DIFFUSION, HANGING DROP, temperature 298K' 
_exptl_crystal_grow.pdbx_pH_range   . 
# 
_diffrn.id                     1 
_diffrn.ambient_temp           100 
_diffrn.ambient_temp_details   ? 
_diffrn.crystal_id             1 
# 
_diffrn_detector.diffrn_id              1 
_diffrn_detector.detector               CCD 
_diffrn_detector.type                   'ADSC QUANTUM 210' 
_diffrn_detector.pdbx_collection_date   2004-04-25 
_diffrn_detector.details                ? 
# 
_diffrn_radiation.diffrn_id                        1 
_diffrn_radiation.wavelength_id                    1 
_diffrn_radiation.pdbx_monochromatic_or_laue_m_l   M 
_diffrn_radiation.monochromator                    'Si(111) channel cut monochromator' 
_diffrn_radiation.pdbx_diffrn_protocol             'SINGLE WAVELENGTH' 
_diffrn_radiation.pdbx_scattering_type             x-ray 
# 
_diffrn_radiation_wavelength.id           1 
_diffrn_radiation_wavelength.wavelength   0.9788 
_diffrn_radiation_wavelength.wt           1.0 
# 
_diffrn_source.diffrn_id                   1 
_diffrn_source.source                      SYNCHROTRON 
_diffrn_source.type                        'NSLS BEAMLINE X6A' 
_diffrn_source.pdbx_synchrotron_site       NSLS 
_diffrn_source.pdbx_synchrotron_beamline   X6A 
_diffrn_source.pdbx_wavelength             ? 
_diffrn_source.pdbx_wavelength_list        0.9788 
# 
_reflns.entry_id                     1TUV 
_reflns.observed_criterion_sigma_F   2 
_reflns.observed_criterion_sigma_I   2 
_reflns.d_resolution_high            1.69 
_reflns.d_resolution_low             50 
_reflns.number_all                   19783 
_reflns.number_obs                   19783 
_reflns.percent_possible_obs         100.00 
_reflns.pdbx_Rmerge_I_obs            0.07 
_reflns.pdbx_Rsym_value              0.07 
_reflns.pdbx_netI_over_sigmaI        50 
_reflns.B_iso_Wilson_estimate        ? 
_reflns.pdbx_redundancy              8 
_reflns.R_free_details               ? 
_reflns.limit_h_max                  ? 
_reflns.limit_h_min                  ? 
_reflns.limit_k_max                  ? 
_reflns.limit_k_min                  ? 
_reflns.limit_l_max                  ? 
_reflns.limit_l_min                  ? 
_reflns.observed_criterion_F_max     ? 
_reflns.observed_criterion_F_min     ? 
_reflns.pdbx_chi_squared             ? 
_reflns.pdbx_scaling_rejects         ? 
_reflns.pdbx_ordinal                 1 
_reflns.pdbx_diffrn_id               1 
# 
_reflns_shell.d_res_high             1.69 
_reflns_shell.d_res_low              1.77 
_reflns_shell.percent_possible_all   99 
_reflns_shell.Rmerge_I_obs           ? 
_reflns_shell.pdbx_Rsym_value        ? 
_reflns_shell.meanI_over_sigI_obs    ? 
_reflns_shell.pdbx_redundancy        ? 
_reflns_shell.percent_possible_obs   ? 
_reflns_shell.number_unique_all      ? 
_reflns_shell.number_measured_all    ? 
_reflns_shell.number_measured_obs    ? 
_reflns_shell.number_unique_obs      ? 
_reflns_shell.pdbx_chi_squared       ? 
_reflns_shell.pdbx_ordinal           1 
_reflns_shell.pdbx_diffrn_id         1 
# 
_refine.entry_id                                 1TUV 
_refine.ls_number_reflns_obs                     19783 
_refine.ls_number_reflns_all                     19783 
_refine.pdbx_ls_sigma_I                          ? 
_refine.pdbx_ls_sigma_F                          0 
_refine.pdbx_data_cutoff_high_absF               ? 
_refine.pdbx_data_cutoff_low_absF                ? 
_refine.pdbx_data_cutoff_high_rms_absF           ? 
_refine.ls_d_res_low                             25.65 
_refine.ls_d_res_high                            1.70 
_refine.ls_percent_reflns_obs                    100.00 
_refine.ls_R_factor_obs                          0.20949 
_refine.ls_R_factor_all                          0.20949 
_refine.ls_R_factor_R_work                       0.20756 
_refine.ls_R_factor_R_free                       0.24904 
_refine.ls_R_factor_R_free_error                 ? 
_refine.ls_R_factor_R_free_error_details         ? 
_refine.ls_percent_reflns_R_free                 5.1 
_refine.ls_number_reflns_R_free                  1056 
_refine.ls_number_parameters                     ? 
_refine.ls_number_restraints                     ? 
_refine.occupancy_min                            ? 
_refine.occupancy_max                            ? 
_refine.correlation_coeff_Fo_to_Fc               0.958 
_refine.correlation_coeff_Fo_to_Fc_free          0.928 
_refine.B_iso_mean                               22.765 
_refine.aniso_B[1][1]                            ? 
_refine.aniso_B[2][2]                            ? 
_refine.aniso_B[3][3]                            ? 
_refine.aniso_B[1][2]                            ? 
_refine.aniso_B[1][3]                            ? 
_refine.aniso_B[2][3]                            ? 
_refine.solvent_model_details                    'BABINET MODEL WITH MASK' 
_refine.solvent_model_param_ksol                 ? 
_refine.solvent_model_param_bsol                 ? 
_refine.pdbx_solvent_vdw_probe_radii             1.40 
_refine.pdbx_solvent_ion_probe_radii             0.80 
_refine.pdbx_solvent_shrinkage_radii             0.80 
_refine.pdbx_ls_cross_valid_method               THROUGHOUT 
_refine.details                                  'HYDROGENS HAVE BEEN ADDED IN THE RIDING POSITIONS' 
_refine.pdbx_starting_model                      ? 
_refine.pdbx_method_to_determine_struct          'direct input of native model' 
_refine.pdbx_isotropic_thermal_model             ? 
_refine.pdbx_stereochemistry_target_values       'MAXIMUM LIKELIHOOD' 
_refine.pdbx_stereochem_target_val_spec_case     ? 
_refine.pdbx_R_Free_selection_details            RANDOM 
_refine.pdbx_overall_ESU_R                       0.090 
_refine.pdbx_overall_ESU_R_Free                  0.097 
_refine.overall_SU_ML                            0.062 
_refine.overall_SU_B                             1.913 
_refine.ls_redundancy_reflns_obs                 ? 
_refine.B_iso_min                                ? 
_refine.B_iso_max                                ? 
_refine.overall_SU_R_Cruickshank_DPI             ? 
_refine.overall_SU_R_free                        ? 
_refine.ls_wR_factor_R_free                      ? 
_refine.ls_wR_factor_R_work                      ? 
_refine.overall_FOM_free_R_set                   ? 
_refine.overall_FOM_work_R_set                   ? 
_refine.pdbx_refine_id                           'X-RAY DIFFRACTION' 
_refine.pdbx_diffrn_id                           1 
_refine.pdbx_TLS_residual_ADP_flag               ? 
_refine.pdbx_overall_phase_error                 ? 
_refine.pdbx_overall_SU_R_free_Cruickshank_DPI   ? 
_refine.pdbx_overall_SU_R_Blow_DPI               ? 
_refine.pdbx_overall_SU_R_free_Blow_DPI          ? 
# 
_refine_hist.pdbx_refine_id                   'X-RAY DIFFRACTION' 
_refine_hist.cycle_id                         LAST 
_refine_hist.pdbx_number_atoms_protein        797 
_refine_hist.pdbx_number_atoms_nucleic_acid   0 
_refine_hist.pdbx_number_atoms_ligand         13 
_refine_hist.number_atoms_solvent             181 
_refine_hist.number_atoms_total               991 
_refine_hist.d_res_high                       1.70 
_refine_hist.d_res_low                        25.65 
# 
loop_
_refine_ls_restr.type 
_refine_ls_restr.dev_ideal 
_refine_ls_restr.dev_ideal_target 
_refine_ls_restr.weight 
_refine_ls_restr.number 
_refine_ls_restr.pdbx_refine_id 
_refine_ls_restr.pdbx_restraint_function 
r_bond_refined_d         0.024 0.021 ? 829  'X-RAY DIFFRACTION' ? 
r_bond_other_d           0.003 0.020 ? 756  'X-RAY DIFFRACTION' ? 
r_angle_refined_deg      2.000 1.962 ? 1124 'X-RAY DIFFRACTION' ? 
r_angle_other_deg        1.020 3.000 ? 1761 'X-RAY DIFFRACTION' ? 
r_dihedral_angle_1_deg   6.102 5.000 ? 102  'X-RAY DIFFRACTION' ? 
r_chiral_restr           0.130 0.200 ? 125  'X-RAY DIFFRACTION' ? 
r_gen_planes_refined     0.012 0.020 ? 913  'X-RAY DIFFRACTION' ? 
r_gen_planes_other       0.016 0.020 ? 152  'X-RAY DIFFRACTION' ? 
r_nbd_refined            0.243 0.200 ? 194  'X-RAY DIFFRACTION' ? 
r_nbd_other              0.261 0.200 ? 909  'X-RAY DIFFRACTION' ? 
r_nbtor_other            0.092 0.200 ? 506  'X-RAY DIFFRACTION' ? 
r_xyhbond_nbd_refined    0.235 0.200 ? 137  'X-RAY DIFFRACTION' ? 
r_symmetry_vdw_refined   0.284 0.200 ? 7    'X-RAY DIFFRACTION' ? 
r_symmetry_vdw_other     0.400 0.200 ? 48   'X-RAY DIFFRACTION' ? 
r_symmetry_hbond_refined 0.223 0.200 ? 20   'X-RAY DIFFRACTION' ? 
r_mcbond_it              1.337 1.500 ? 515  'X-RAY DIFFRACTION' ? 
r_mcangle_it             2.379 2.000 ? 832  'X-RAY DIFFRACTION' ? 
r_scbond_it              4.137 3.000 ? 314  'X-RAY DIFFRACTION' ? 
r_scangle_it             6.428 4.500 ? 292  'X-RAY DIFFRACTION' ? 
# 
_refine_ls_shell.pdbx_total_number_of_bins_used   20 
_refine_ls_shell.d_res_high                       1.701 
_refine_ls_shell.d_res_low                        1.745 
_refine_ls_shell.number_reflns_R_work             1411 
_refine_ls_shell.R_factor_R_work                  0.315 
_refine_ls_shell.percent_reflns_obs               ? 
_refine_ls_shell.R_factor_R_free                  0.362 
_refine_ls_shell.R_factor_R_free_error            ? 
_refine_ls_shell.percent_reflns_R_free            ? 
_refine_ls_shell.number_reflns_R_free             82 
_refine_ls_shell.number_reflns_obs                ? 
_refine_ls_shell.redundancy_reflns_obs            ? 
_refine_ls_shell.number_reflns_all                ? 
_refine_ls_shell.pdbx_refine_id                   'X-RAY DIFFRACTION' 
_refine_ls_shell.R_factor_all                     ? 
# 
_struct.entry_id                  1TUV 
_struct.title                     'Crystal structure of YgiN in complex with menadione' 
_struct.pdbx_model_details        ? 
_struct.pdbx_CASP_flag            ? 
_struct.pdbx_model_type_details   ? 
# 
_struct_keywords.entry_id        1TUV 
_struct_keywords.pdbx_keywords   'UNKNOWN FUNCTION' 
_struct_keywords.text            
'menadione oxidase, monooxygenase, co-crystal with natural product, ferredoxin fold, UNKNOWN FUNCTION' 
# 
loop_
_struct_asym.id 
_struct_asym.pdbx_blank_PDB_chainid_flag 
_struct_asym.pdbx_modified 
_struct_asym.entity_id 
_struct_asym.details 
A N N 1 ? 
B N N 2 ? 
C N N 3 ? 
# 
_struct_ref.id                         1 
_struct_ref.db_name                    UNP 
_struct_ref.db_code                    YGIN_ECOLI 
_struct_ref.pdbx_db_accession          P40718 
_struct_ref.entity_id                  1 
_struct_ref.pdbx_seq_one_letter_code   
;MLTVIAEIRTRPGQHHRQAVLDQFAKIVPTVLKEEGCHGYAPMVDCAAGVSFQSMAPDSIVMIEQWESIAHLEAHLQTPH
MKAYSEAVKGDVLEMNIRILQPGI
;
_struct_ref.pdbx_align_begin           1 
_struct_ref.pdbx_db_isoform            ? 
# 
_struct_ref_seq.align_id                      1 
_struct_ref_seq.ref_id                        1 
_struct_ref_seq.pdbx_PDB_id_code              1TUV 
_struct_ref_seq.pdbx_strand_id                A 
_struct_ref_seq.seq_align_beg                 1 
_struct_ref_seq.pdbx_seq_align_beg_ins_code   ? 
_struct_ref_seq.seq_align_end                 104 
_struct_ref_seq.pdbx_seq_align_end_ins_code   ? 
_struct_ref_seq.pdbx_db_accession             P40718 
_struct_ref_seq.db_align_beg                  1 
_struct_ref_seq.pdbx_db_align_beg_ins_code    ? 
_struct_ref_seq.db_align_end                  104 
_struct_ref_seq.pdbx_db_align_end_ins_code    ? 
_struct_ref_seq.pdbx_auth_seq_align_beg       1 
_struct_ref_seq.pdbx_auth_seq_align_end       104 
# 
loop_
_struct_ref_seq_dif.align_id 
_struct_ref_seq_dif.pdbx_pdb_id_code 
_struct_ref_seq_dif.mon_id 
_struct_ref_seq_dif.pdbx_pdb_strand_id 
_struct_ref_seq_dif.seq_num 
_struct_ref_seq_dif.pdbx_pdb_ins_code 
_struct_ref_seq_dif.pdbx_seq_db_name 
_struct_ref_seq_dif.pdbx_seq_db_accession_code 
_struct_ref_seq_dif.db_mon_id 
_struct_ref_seq_dif.pdbx_seq_db_seq_num 
_struct_ref_seq_dif.details 
_struct_ref_seq_dif.pdbx_auth_seq_num 
_struct_ref_seq_dif.pdbx_ordinal 
1 1TUV SER A 105 ? UNP P40718 ? ? 'cloning artifact' 105 1  
1 1TUV GLY A 106 ? UNP P40718 ? ? 'cloning artifact' 106 2  
1 1TUV ARG A 107 ? UNP P40718 ? ? 'cloning artifact' 107 3  
1 1TUV VAL A 108 ? UNP P40718 ? ? 'cloning artifact' 108 4  
1 1TUV HIS A 109 ? UNP P40718 ? ? 'expression tag'   109 5  
1 1TUV HIS A 110 ? UNP P40718 ? ? 'expression tag'   110 6  
1 1TUV HIS A 111 ? UNP P40718 ? ? 'expression tag'   111 7  
1 1TUV HIS A 112 ? UNP P40718 ? ? 'expression tag'   112 8  
1 1TUV HIS A 113 ? UNP P40718 ? ? 'expression tag'   113 9  
1 1TUV HIS A 114 ? UNP P40718 ? ? 'expression tag'   114 10 
# 
loop_
_pdbx_struct_assembly.id 
_pdbx_struct_assembly.details 
_pdbx_struct_assembly.method_details 
_pdbx_struct_assembly.oligomeric_details 
_pdbx_struct_assembly.oligomeric_count 
1 author_defined_assembly   ?    dimeric   2 
2 software_defined_assembly PISA dimeric   2 
3 software_defined_assembly PQS  monomeric 1 
# 
loop_
_pdbx_struct_assembly_prop.biol_id 
_pdbx_struct_assembly_prop.type 
_pdbx_struct_assembly_prop.value 
_pdbx_struct_assembly_prop.details 
2 'ABSA (A^2)' 3800  ? 
2 MORE         -32   ? 
2 'SSA (A^2)'  10270 ? 
# 
loop_
_pdbx_struct_assembly_gen.assembly_id 
_pdbx_struct_assembly_gen.oper_expression 
_pdbx_struct_assembly_gen.asym_id_list 
1 1,2 A,B,C 
2 1,3 A,B,C 
3 1   A,B,C 
# 
loop_
_pdbx_struct_oper_list.id 
_pdbx_struct_oper_list.type 
_pdbx_struct_oper_list.name 
_pdbx_struct_oper_list.symmetry_operation 
_pdbx_struct_oper_list.matrix[1][1] 
_pdbx_struct_oper_list.matrix[1][2] 
_pdbx_struct_oper_list.matrix[1][3] 
_pdbx_struct_oper_list.vector[1] 
_pdbx_struct_oper_list.matrix[2][1] 
_pdbx_struct_oper_list.matrix[2][2] 
_pdbx_struct_oper_list.matrix[2][3] 
_pdbx_struct_oper_list.vector[2] 
_pdbx_struct_oper_list.matrix[3][1] 
_pdbx_struct_oper_list.matrix[3][2] 
_pdbx_struct_oper_list.matrix[3][3] 
_pdbx_struct_oper_list.vector[3] 
1 'identity operation'         1_555  x,y,z              1.0000000000  0.0000000000  0.0000000000  0.0000000000 0.0000000000 1.0000000000  0.0000000000  0.0000000000  0.0000000000  0.0000000000  1.0000000000  0.0000000000   
2 'crystal symmetry operation' 7_454  -z-1/2,-x,y-1/2    0.8596526450  -0.0862222863 0.5035504417  2.1106499498 0.4066616350 -0.4811199249 -0.7766272803 28.1813481898 0.3092307304  0.8724043416  -0.3785327201 -18.1720676383 
3 'crystal symmetry operation' 22_554 z+1/4,-y+1/4,x-1/4 -0.9985011920 0.0490194887  -0.0243404870 8.5229154793 0.0490194887 0.6032141992  -0.7960714287 8.1652317303  -0.0243404870 -0.7960714287 -0.6047130072 16.9688346080 
# 
_struct_biol.id   1 
# 
loop_
_struct_conf.conf_type_id 
_struct_conf.id 
_struct_conf.pdbx_PDB_helix_id 
_struct_conf.beg_label_comp_id 
_struct_conf.beg_label_asym_id 
_struct_conf.beg_label_seq_id 
_struct_conf.pdbx_beg_PDB_ins_code 
_struct_conf.end_label_comp_id 
_struct_conf.end_label_asym_id 
_struct_conf.end_label_seq_id 
_struct_conf.pdbx_end_PDB_ins_code 
_struct_conf.beg_auth_comp_id 
_struct_conf.beg_auth_asym_id 
_struct_conf.beg_auth_seq_id 
_struct_conf.end_auth_comp_id 
_struct_conf.end_auth_asym_id 
_struct_conf.end_auth_seq_id 
_struct_conf.pdbx_PDB_helix_class 
_struct_conf.details 
_struct_conf.pdbx_PDB_helix_length 
HELX_P HELX_P1 1 HIS A 15 ? GLU A 34 ? HIS A 15 GLU A 34 1 ? 20 
HELX_P HELX_P2 2 SER A 68 ? GLN A 77 ? SER A 68 GLN A 77 1 ? 10 
HELX_P HELX_P3 3 THR A 78 ? LYS A 89 ? THR A 78 LYS A 89 1 ? 12 
# 
_struct_conf_type.id          HELX_P 
_struct_conf_type.criteria    ? 
_struct_conf_type.reference   ? 
# 
_struct_sheet.id               A 
_struct_sheet.type             ? 
_struct_sheet.number_strands   4 
_struct_sheet.details          ? 
# 
loop_
_struct_sheet_order.sheet_id 
_struct_sheet_order.range_id_1 
_struct_sheet_order.range_id_2 
_struct_sheet_order.offset 
_struct_sheet_order.sense 
A 1 2 ? anti-parallel 
A 2 3 ? anti-parallel 
A 3 4 ? anti-parallel 
# 
loop_
_struct_sheet_range.sheet_id 
_struct_sheet_range.id 
_struct_sheet_range.beg_label_comp_id 
_struct_sheet_range.beg_label_asym_id 
_struct_sheet_range.beg_label_seq_id 
_struct_sheet_range.pdbx_beg_PDB_ins_code 
_struct_sheet_range.end_label_comp_id 
_struct_sheet_range.end_label_asym_id 
_struct_sheet_range.end_label_seq_id 
_struct_sheet_range.pdbx_end_PDB_ins_code 
_struct_sheet_range.beg_auth_comp_id 
_struct_sheet_range.beg_auth_asym_id 
_struct_sheet_range.beg_auth_seq_id 
_struct_sheet_range.end_auth_comp_id 
_struct_sheet_range.end_auth_asym_id 
_struct_sheet_range.end_auth_seq_id 
A 1 CYS A 37 ? MET A 43  ? CYS A 37 MET A 43  
A 2 SER A 59 ? TRP A 66  ? SER A 59 TRP A 66  
A 3 LEU A 2  ? THR A 10  ? LEU A 2  THR A 10  
A 4 VAL A 92 ? LEU A 100 ? VAL A 92 LEU A 100 
# 
loop_
_pdbx_struct_sheet_hbond.sheet_id 
_pdbx_struct_sheet_hbond.range_id_1 
_pdbx_struct_sheet_hbond.range_id_2 
_pdbx_struct_sheet_hbond.range_1_label_atom_id 
_pdbx_struct_sheet_hbond.range_1_label_comp_id 
_pdbx_struct_sheet_hbond.range_1_label_asym_id 
_pdbx_struct_sheet_hbond.range_1_label_seq_id 
_pdbx_struct_sheet_hbond.range_1_PDB_ins_code 
_pdbx_struct_sheet_hbond.range_1_auth_atom_id 
_pdbx_struct_sheet_hbond.range_1_auth_comp_id 
_pdbx_struct_sheet_hbond.range_1_auth_asym_id 
_pdbx_struct_sheet_hbond.range_1_auth_seq_id 
_pdbx_struct_sheet_hbond.range_2_label_atom_id 
_pdbx_struct_sheet_hbond.range_2_label_comp_id 
_pdbx_struct_sheet_hbond.range_2_label_asym_id 
_pdbx_struct_sheet_hbond.range_2_label_seq_id 
_pdbx_struct_sheet_hbond.range_2_PDB_ins_code 
_pdbx_struct_sheet_hbond.range_2_auth_atom_id 
_pdbx_struct_sheet_hbond.range_2_auth_comp_id 
_pdbx_struct_sheet_hbond.range_2_auth_asym_id 
_pdbx_struct_sheet_hbond.range_2_auth_seq_id 
A 1 2 N HIS A 38 ? N HIS A 38 O GLN A 65  ? O GLN A 65  
A 2 3 O MET A 62 ? O MET A 62 N ALA A 6   ? N ALA A 6   
A 3 4 N THR A 3  ? N THR A 3  O LEU A 100 ? O LEU A 100 
# 
_struct_site.id                   AC1 
_struct_site.pdbx_evidence_code   Software 
_struct_site.pdbx_auth_asym_id    A 
_struct_site.pdbx_auth_comp_id    VK3 
_struct_site.pdbx_auth_seq_id     4558 
_struct_site.pdbx_auth_ins_code   ? 
_struct_site.pdbx_num_residues    9 
_struct_site.details              'BINDING SITE FOR RESIDUE VK3 A 4558' 
# 
loop_
_struct_site_gen.id 
_struct_site_gen.site_id 
_struct_site_gen.pdbx_num_res 
_struct_site_gen.label_comp_id 
_struct_site_gen.label_asym_id 
_struct_site_gen.label_seq_id 
_struct_site_gen.pdbx_auth_ins_code 
_struct_site_gen.auth_comp_id 
_struct_site_gen.auth_asym_id 
_struct_site_gen.auth_seq_id 
_struct_site_gen.label_atom_id 
_struct_site_gen.label_alt_id 
_struct_site_gen.symmetry 
_struct_site_gen.details 
1 AC1 9 TYR A 40 ? TYR A 40   . ? 1_555 ? 
2 AC1 9 SER A 51 ? SER A 51   . ? 7_454 ? 
3 AC1 9 GLU A 64 ? GLU A 64   . ? 1_555 ? 
4 AC1 9 HIS A 75 ? HIS A 75   . ? 1_555 ? 
5 AC1 9 LEU A 76 ? LEU A 76   . ? 1_555 ? 
6 AC1 9 TYR A 84 ? TYR A 84   . ? 1_555 ? 
7 AC1 9 MET A 95 ? MET A 95   . ? 1_555 ? 
8 AC1 9 ILE A 97 ? ILE A 97   . ? 1_555 ? 
9 AC1 9 HOH C .  ? HOH A 4651 . ? 1_555 ? 
# 
loop_
_pdbx_validate_close_contact.id 
_pdbx_validate_close_contact.PDB_model_num 
_pdbx_validate_close_contact.auth_atom_id_1 
_pdbx_validate_close_contact.auth_asym_id_1 
_pdbx_validate_close_contact.auth_comp_id_1 
_pdbx_validate_close_contact.auth_seq_id_1 
_pdbx_validate_close_contact.PDB_ins_code_1 
_pdbx_validate_close_contact.label_alt_id_1 
_pdbx_validate_close_contact.auth_atom_id_2 
_pdbx_validate_close_contact.auth_asym_id_2 
_pdbx_validate_close_contact.auth_comp_id_2 
_pdbx_validate_close_contact.auth_seq_id_2 
_pdbx_validate_close_contact.PDB_ins_code_2 
_pdbx_validate_close_contact.label_alt_id_2 
_pdbx_validate_close_contact.dist 
1 1 O A HOH 4682 ? ? O A HOH 4729 ? ? 1.89 
2 1 O A GLN 14   ? ? O A HOH 4718 ? ? 1.92 
3 1 N A HIS 15   ? ? O A HOH 4725 ? ? 2.11 
4 1 O A HOH 4580 ? ? O A HOH 4716 ? ? 2.13 
# 
_pdbx_validate_symm_contact.id                1 
_pdbx_validate_symm_contact.PDB_model_num     1 
_pdbx_validate_symm_contact.auth_atom_id_1    O 
_pdbx_validate_symm_contact.auth_asym_id_1    A 
_pdbx_validate_symm_contact.auth_comp_id_1    HOH 
_pdbx_validate_symm_contact.auth_seq_id_1     4699 
_pdbx_validate_symm_contact.PDB_ins_code_1    ? 
_pdbx_validate_symm_contact.label_alt_id_1    ? 
_pdbx_validate_symm_contact.site_symmetry_1   1_555 
_pdbx_validate_symm_contact.auth_atom_id_2    O 
_pdbx_validate_symm_contact.auth_asym_id_2    A 
_pdbx_validate_symm_contact.auth_comp_id_2    HOH 
_pdbx_validate_symm_contact.auth_seq_id_2     4719 
_pdbx_validate_symm_contact.PDB_ins_code_2    ? 
_pdbx_validate_symm_contact.label_alt_id_2    ? 
_pdbx_validate_symm_contact.site_symmetry_2   22_554 
_pdbx_validate_symm_contact.dist              2.19 
# 
loop_
_pdbx_validate_rmsd_angle.id 
_pdbx_validate_rmsd_angle.PDB_model_num 
_pdbx_validate_rmsd_angle.auth_atom_id_1 
_pdbx_validate_rmsd_angle.auth_asym_id_1 
_pdbx_validate_rmsd_angle.auth_comp_id_1 
_pdbx_validate_rmsd_angle.auth_seq_id_1 
_pdbx_validate_rmsd_angle.PDB_ins_code_1 
_pdbx_validate_rmsd_angle.label_alt_id_1 
_pdbx_validate_rmsd_angle.auth_atom_id_2 
_pdbx_validate_rmsd_angle.auth_asym_id_2 
_pdbx_validate_rmsd_angle.auth_comp_id_2 
_pdbx_validate_rmsd_angle.auth_seq_id_2 
_pdbx_validate_rmsd_angle.PDB_ins_code_2 
_pdbx_validate_rmsd_angle.label_alt_id_2 
_pdbx_validate_rmsd_angle.auth_atom_id_3 
_pdbx_validate_rmsd_angle.auth_asym_id_3 
_pdbx_validate_rmsd_angle.auth_comp_id_3 
_pdbx_validate_rmsd_angle.auth_seq_id_3 
_pdbx_validate_rmsd_angle.PDB_ins_code_3 
_pdbx_validate_rmsd_angle.label_alt_id_3 
_pdbx_validate_rmsd_angle.angle_value 
_pdbx_validate_rmsd_angle.angle_target_value 
_pdbx_validate_rmsd_angle.angle_deviation 
_pdbx_validate_rmsd_angle.angle_standard_deviation 
_pdbx_validate_rmsd_angle.linker_flag 
1 1 NE A ARG 17 ? ? CZ A ARG 17 ? ? NH1 A ARG 17 ? ? 125.33 120.30 5.03  0.50 N 
2 1 NE A ARG 17 ? ? CZ A ARG 17 ? ? NH2 A ARG 17 ? ? 114.99 120.30 -5.31 0.50 N 
3 1 CB A ASP 45 ? ? CG A ASP 45 ? ? OD2 A ASP 45 ? ? 124.83 118.30 6.53  0.90 N 
4 1 CG A MET 81 ? ? SD A MET 81 ? ? CE  A MET 81 ? ? 110.28 100.20 10.08 1.60 N 
# 
loop_
_pdbx_validate_torsion.id 
_pdbx_validate_torsion.PDB_model_num 
_pdbx_validate_torsion.auth_comp_id 
_pdbx_validate_torsion.auth_asym_id 
_pdbx_validate_torsion.auth_seq_id 
_pdbx_validate_torsion.PDB_ins_code 
_pdbx_validate_torsion.label_alt_id 
_pdbx_validate_torsion.phi 
_pdbx_validate_torsion.psi 
1 1 HIS A 15 ? ? 32.79   35.86 
2 1 TYR A 40 ? ? -161.88 96.89 
3 1 ASP A 58 ? ? -98.36  43.57 
# 
_pdbx_struct_special_symmetry.id              1 
_pdbx_struct_special_symmetry.PDB_model_num   1 
_pdbx_struct_special_symmetry.auth_asym_id    A 
_pdbx_struct_special_symmetry.auth_comp_id    HOH 
_pdbx_struct_special_symmetry.auth_seq_id     4610 
_pdbx_struct_special_symmetry.PDB_ins_code    ? 
_pdbx_struct_special_symmetry.label_asym_id   C 
_pdbx_struct_special_symmetry.label_comp_id   HOH 
_pdbx_struct_special_symmetry.label_seq_id    . 
# 
loop_
_pdbx_unobs_or_zero_occ_residues.id 
_pdbx_unobs_or_zero_occ_residues.PDB_model_num 
_pdbx_unobs_or_zero_occ_residues.polymer_flag 
_pdbx_unobs_or_zero_occ_residues.occupancy_flag 
_pdbx_unobs_or_zero_occ_residues.auth_asym_id 
_pdbx_unobs_or_zero_occ_residues.auth_comp_id 
_pdbx_unobs_or_zero_occ_residues.auth_seq_id 
_pdbx_unobs_or_zero_occ_residues.PDB_ins_code 
_pdbx_unobs_or_zero_occ_residues.label_asym_id 
_pdbx_unobs_or_zero_occ_residues.label_comp_id 
_pdbx_unobs_or_zero_occ_residues.label_seq_id 
1  1 Y 1 A ILE 104 ? A ILE 104 
2  1 Y 1 A SER 105 ? A SER 105 
3  1 Y 1 A GLY 106 ? A GLY 106 
4  1 Y 1 A ARG 107 ? A ARG 107 
5  1 Y 1 A VAL 108 ? A VAL 108 
6  1 Y 1 A HIS 109 ? A HIS 109 
7  1 Y 1 A HIS 110 ? A HIS 110 
8  1 Y 1 A HIS 111 ? A HIS 111 
9  1 Y 1 A HIS 112 ? A HIS 112 
10 1 Y 1 A HIS 113 ? A HIS 113 
11 1 Y 1 A HIS 114 ? A HIS 114 
# 
loop_
_chem_comp_atom.comp_id 
_chem_comp_atom.atom_id 
_chem_comp_atom.type_symbol 
_chem_comp_atom.pdbx_aromatic_flag 
_chem_comp_atom.pdbx_stereo_config 
_chem_comp_atom.pdbx_ordinal 
ALA N    N N N 1   
ALA CA   C N S 2   
ALA C    C N N 3   
ALA O    O N N 4   
ALA CB   C N N 5   
ALA OXT  O N N 6   
ALA H    H N N 7   
ALA H2   H N N 8   
ALA HA   H N N 9   
ALA HB1  H N N 10  
ALA HB2  H N N 11  
ALA HB3  H N N 12  
ALA HXT  H N N 13  
ARG N    N N N 14  
ARG CA   C N S 15  
ARG C    C N N 16  
ARG O    O N N 17  
ARG CB   C N N 18  
ARG CG   C N N 19  
ARG CD   C N N 20  
ARG NE   N N N 21  
ARG CZ   C N N 22  
ARG NH1  N N N 23  
ARG NH2  N N N 24  
ARG OXT  O N N 25  
ARG H    H N N 26  
ARG H2   H N N 27  
ARG HA   H N N 28  
ARG HB2  H N N 29  
ARG HB3  H N N 30  
ARG HG2  H N N 31  
ARG HG3  H N N 32  
ARG HD2  H N N 33  
ARG HD3  H N N 34  
ARG HE   H N N 35  
ARG HH11 H N N 36  
ARG HH12 H N N 37  
ARG HH21 H N N 38  
ARG HH22 H N N 39  
ARG HXT  H N N 40  
ASN N    N N N 41  
ASN CA   C N S 42  
ASN C    C N N 43  
ASN O    O N N 44  
ASN CB   C N N 45  
ASN CG   C N N 46  
ASN OD1  O N N 47  
ASN ND2  N N N 48  
ASN OXT  O N N 49  
ASN H    H N N 50  
ASN H2   H N N 51  
ASN HA   H N N 52  
ASN HB2  H N N 53  
ASN HB3  H N N 54  
ASN HD21 H N N 55  
ASN HD22 H N N 56  
ASN HXT  H N N 57  
ASP N    N N N 58  
ASP CA   C N S 59  
ASP C    C N N 60  
ASP O    O N N 61  
ASP CB   C N N 62  
ASP CG   C N N 63  
ASP OD1  O N N 64  
ASP OD2  O N N 65  
ASP OXT  O N N 66  
ASP H    H N N 67  
ASP H2   H N N 68  
ASP HA   H N N 69  
ASP HB2  H N N 70  
ASP HB3  H N N 71  
ASP HD2  H N N 72  
ASP HXT  H N N 73  
CYS N    N N N 74  
CYS CA   C N R 75  
CYS C    C N N 76  
CYS O    O N N 77  
CYS CB   C N N 78  
CYS SG   S N N 79  
CYS OXT  O N N 80  
CYS H    H N N 81  
CYS H2   H N N 82  
CYS HA   H N N 83  
CYS HB2  H N N 84  
CYS HB3  H N N 85  
CYS HG   H N N 86  
CYS HXT  H N N 87  
GLN N    N N N 88  
GLN CA   C N S 89  
GLN C    C N N 90  
GLN O    O N N 91  
GLN CB   C N N 92  
GLN CG   C N N 93  
GLN CD   C N N 94  
GLN OE1  O N N 95  
GLN NE2  N N N 96  
GLN OXT  O N N 97  
GLN H    H N N 98  
GLN H2   H N N 99  
GLN HA   H N N 100 
GLN HB2  H N N 101 
GLN HB3  H N N 102 
GLN HG2  H N N 103 
GLN HG3  H N N 104 
GLN HE21 H N N 105 
GLN HE22 H N N 106 
GLN HXT  H N N 107 
GLU N    N N N 108 
GLU CA   C N S 109 
GLU C    C N N 110 
GLU O    O N N 111 
GLU CB   C N N 112 
GLU CG   C N N 113 
GLU CD   C N N 114 
GLU OE1  O N N 115 
GLU OE2  O N N 116 
GLU OXT  O N N 117 
GLU H    H N N 118 
GLU H2   H N N 119 
GLU HA   H N N 120 
GLU HB2  H N N 121 
GLU HB3  H N N 122 
GLU HG2  H N N 123 
GLU HG3  H N N 124 
GLU HE2  H N N 125 
GLU HXT  H N N 126 
GLY N    N N N 127 
GLY CA   C N N 128 
GLY C    C N N 129 
GLY O    O N N 130 
GLY OXT  O N N 131 
GLY H    H N N 132 
GLY H2   H N N 133 
GLY HA2  H N N 134 
GLY HA3  H N N 135 
GLY HXT  H N N 136 
HIS N    N N N 137 
HIS CA   C N S 138 
HIS C    C N N 139 
HIS O    O N N 140 
HIS CB   C N N 141 
HIS CG   C Y N 142 
HIS ND1  N Y N 143 
HIS CD2  C Y N 144 
HIS CE1  C Y N 145 
HIS NE2  N Y N 146 
HIS OXT  O N N 147 
HIS H    H N N 148 
HIS H2   H N N 149 
HIS HA   H N N 150 
HIS HB2  H N N 151 
HIS HB3  H N N 152 
HIS HD1  H N N 153 
HIS HD2  H N N 154 
HIS HE1  H N N 155 
HIS HE2  H N N 156 
HIS HXT  H N N 157 
HOH O    O N N 158 
HOH H1   H N N 159 
HOH H2   H N N 160 
ILE N    N N N 161 
ILE CA   C N S 162 
ILE C    C N N 163 
ILE O    O N N 164 
ILE CB   C N S 165 
ILE CG1  C N N 166 
ILE CG2  C N N 167 
ILE CD1  C N N 168 
ILE OXT  O N N 169 
ILE H    H N N 170 
ILE H2   H N N 171 
ILE HA   H N N 172 
ILE HB   H N N 173 
ILE HG12 H N N 174 
ILE HG13 H N N 175 
ILE HG21 H N N 176 
ILE HG22 H N N 177 
ILE HG23 H N N 178 
ILE HD11 H N N 179 
ILE HD12 H N N 180 
ILE HD13 H N N 181 
ILE HXT  H N N 182 
LEU N    N N N 183 
LEU CA   C N S 184 
LEU C    C N N 185 
LEU O    O N N 186 
LEU CB   C N N 187 
LEU CG   C N N 188 
LEU CD1  C N N 189 
LEU CD2  C N N 190 
LEU OXT  O N N 191 
LEU H    H N N 192 
LEU H2   H N N 193 
LEU HA   H N N 194 
LEU HB2  H N N 195 
LEU HB3  H N N 196 
LEU HG   H N N 197 
LEU HD11 H N N 198 
LEU HD12 H N N 199 
LEU HD13 H N N 200 
LEU HD21 H N N 201 
LEU HD22 H N N 202 
LEU HD23 H N N 203 
LEU HXT  H N N 204 
LYS N    N N N 205 
LYS CA   C N S 206 
LYS C    C N N 207 
LYS O    O N N 208 
LYS CB   C N N 209 
LYS CG   C N N 210 
LYS CD   C N N 211 
LYS CE   C N N 212 
LYS NZ   N N N 213 
LYS OXT  O N N 214 
LYS H    H N N 215 
LYS H2   H N N 216 
LYS HA   H N N 217 
LYS HB2  H N N 218 
LYS HB3  H N N 219 
LYS HG2  H N N 220 
LYS HG3  H N N 221 
LYS HD2  H N N 222 
LYS HD3  H N N 223 
LYS HE2  H N N 224 
LYS HE3  H N N 225 
LYS HZ1  H N N 226 
LYS HZ2  H N N 227 
LYS HZ3  H N N 228 
LYS HXT  H N N 229 
MET N    N N N 230 
MET CA   C N S 231 
MET C    C N N 232 
MET O    O N N 233 
MET CB   C N N 234 
MET CG   C N N 235 
MET SD   S N N 236 
MET CE   C N N 237 
MET OXT  O N N 238 
MET H    H N N 239 
MET H2   H N N 240 
MET HA   H N N 241 
MET HB2  H N N 242 
MET HB3  H N N 243 
MET HG2  H N N 244 
MET HG3  H N N 245 
MET HE1  H N N 246 
MET HE2  H N N 247 
MET HE3  H N N 248 
MET HXT  H N N 249 
PHE N    N N N 250 
PHE CA   C N S 251 
PHE C    C N N 252 
PHE O    O N N 253 
PHE CB   C N N 254 
PHE CG   C Y N 255 
PHE CD1  C Y N 256 
PHE CD2  C Y N 257 
PHE CE1  C Y N 258 
PHE CE2  C Y N 259 
PHE CZ   C Y N 260 
PHE OXT  O N N 261 
PHE H    H N N 262 
PHE H2   H N N 263 
PHE HA   H N N 264 
PHE HB2  H N N 265 
PHE HB3  H N N 266 
PHE HD1  H N N 267 
PHE HD2  H N N 268 
PHE HE1  H N N 269 
PHE HE2  H N N 270 
PHE HZ   H N N 271 
PHE HXT  H N N 272 
PRO N    N N N 273 
PRO CA   C N S 274 
PRO C    C N N 275 
PRO O    O N N 276 
PRO CB   C N N 277 
PRO CG   C N N 278 
PRO CD   C N N 279 
PRO OXT  O N N 280 
PRO H    H N N 281 
PRO HA   H N N 282 
PRO HB2  H N N 283 
PRO HB3  H N N 284 
PRO HG2  H N N 285 
PRO HG3  H N N 286 
PRO HD2  H N N 287 
PRO HD3  H N N 288 
PRO HXT  H N N 289 
SER N    N N N 290 
SER CA   C N S 291 
SER C    C N N 292 
SER O    O N N 293 
SER CB   C N N 294 
SER OG   O N N 295 
SER OXT  O N N 296 
SER H    H N N 297 
SER H2   H N N 298 
SER HA   H N N 299 
SER HB2  H N N 300 
SER HB3  H N N 301 
SER HG   H N N 302 
SER HXT  H N N 303 
THR N    N N N 304 
THR CA   C N S 305 
THR C    C N N 306 
THR O    O N N 307 
THR CB   C N R 308 
THR OG1  O N N 309 
THR CG2  C N N 310 
THR OXT  O N N 311 
THR H    H N N 312 
THR H2   H N N 313 
THR HA   H N N 314 
THR HB   H N N 315 
THR HG1  H N N 316 
THR HG21 H N N 317 
THR HG22 H N N 318 
THR HG23 H N N 319 
THR HXT  H N N 320 
TRP N    N N N 321 
TRP CA   C N S 322 
TRP C    C N N 323 
TRP O    O N N 324 
TRP CB   C N N 325 
TRP CG   C Y N 326 
TRP CD1  C Y N 327 
TRP CD2  C Y N 328 
TRP NE1  N Y N 329 
TRP CE2  C Y N 330 
TRP CE3  C Y N 331 
TRP CZ2  C Y N 332 
TRP CZ3  C Y N 333 
TRP CH2  C Y N 334 
TRP OXT  O N N 335 
TRP H    H N N 336 
TRP H2   H N N 337 
TRP HA   H N N 338 
TRP HB2  H N N 339 
TRP HB3  H N N 340 
TRP HD1  H N N 341 
TRP HE1  H N N 342 
TRP HE3  H N N 343 
TRP HZ2  H N N 344 
TRP HZ3  H N N 345 
TRP HH2  H N N 346 
TRP HXT  H N N 347 
TYR N    N N N 348 
TYR CA   C N S 349 
TYR C    C N N 350 
TYR O    O N N 351 
TYR CB   C N N 352 
TYR CG   C Y N 353 
TYR CD1  C Y N 354 
TYR CD2  C Y N 355 
TYR CE1  C Y N 356 
TYR CE2  C Y N 357 
TYR CZ   C Y N 358 
TYR OH   O N N 359 
TYR OXT  O N N 360 
TYR H    H N N 361 
TYR H2   H N N 362 
TYR HA   H N N 363 
TYR HB2  H N N 364 
TYR HB3  H N N 365 
TYR HD1  H N N 366 
TYR HD2  H N N 367 
TYR HE1  H N N 368 
TYR HE2  H N N 369 
TYR HH   H N N 370 
TYR HXT  H N N 371 
VAL N    N N N 372 
VAL CA   C N S 373 
VAL C    C N N 374 
VAL O    O N N 375 
VAL CB   C N N 376 
VAL CG1  C N N 377 
VAL CG2  C N N 378 
VAL OXT  O N N 379 
VAL H    H N N 380 
VAL H2   H N N 381 
VAL HA   H N N 382 
VAL HB   H N N 383 
VAL HG11 H N N 384 
VAL HG12 H N N 385 
VAL HG13 H N N 386 
VAL HG21 H N N 387 
VAL HG22 H N N 388 
VAL HG23 H N N 389 
VAL HXT  H N N 390 
VK3 C1K  C N N 391 
VK3 O1K  O N N 392 
VK3 C2K  C N N 393 
VK3 C3K  C N N 394 
VK3 C4K  C N N 395 
VK3 O4K  O N N 396 
VK3 C5K  C Y N 397 
VK3 C6K  C Y N 398 
VK3 C7K  C Y N 399 
VK3 C8K  C Y N 400 
VK3 C9K  C Y N 401 
VK3 C10  C Y N 402 
VK3 C11  C N N 403 
VK3 H2K1 H N N 404 
VK3 H6K1 H N N 405 
VK3 H7K1 H N N 406 
VK3 H8K1 H N N 407 
VK3 H9K1 H N N 408 
VK3 H111 H N N 409 
VK3 H112 H N N 410 
VK3 H113 H N N 411 
# 
loop_
_chem_comp_bond.comp_id 
_chem_comp_bond.atom_id_1 
_chem_comp_bond.atom_id_2 
_chem_comp_bond.value_order 
_chem_comp_bond.pdbx_aromatic_flag 
_chem_comp_bond.pdbx_stereo_config 
_chem_comp_bond.pdbx_ordinal 
ALA N   CA   sing N N 1   
ALA N   H    sing N N 2   
ALA N   H2   sing N N 3   
ALA CA  C    sing N N 4   
ALA CA  CB   sing N N 5   
ALA CA  HA   sing N N 6   
ALA C   O    doub N N 7   
ALA C   OXT  sing N N 8   
ALA CB  HB1  sing N N 9   
ALA CB  HB2  sing N N 10  
ALA CB  HB3  sing N N 11  
ALA OXT HXT  sing N N 12  
ARG N   CA   sing N N 13  
ARG N   H    sing N N 14  
ARG N   H2   sing N N 15  
ARG CA  C    sing N N 16  
ARG CA  CB   sing N N 17  
ARG CA  HA   sing N N 18  
ARG C   O    doub N N 19  
ARG C   OXT  sing N N 20  
ARG CB  CG   sing N N 21  
ARG CB  HB2  sing N N 22  
ARG CB  HB3  sing N N 23  
ARG CG  CD   sing N N 24  
ARG CG  HG2  sing N N 25  
ARG CG  HG3  sing N N 26  
ARG CD  NE   sing N N 27  
ARG CD  HD2  sing N N 28  
ARG CD  HD3  sing N N 29  
ARG NE  CZ   sing N N 30  
ARG NE  HE   sing N N 31  
ARG CZ  NH1  sing N N 32  
ARG CZ  NH2  doub N N 33  
ARG NH1 HH11 sing N N 34  
ARG NH1 HH12 sing N N 35  
ARG NH2 HH21 sing N N 36  
ARG NH2 HH22 sing N N 37  
ARG OXT HXT  sing N N 38  
ASN N   CA   sing N N 39  
ASN N   H    sing N N 40  
ASN N   H2   sing N N 41  
ASN CA  C    sing N N 42  
ASN CA  CB   sing N N 43  
ASN CA  HA   sing N N 44  
ASN C   O    doub N N 45  
ASN C   OXT  sing N N 46  
ASN CB  CG   sing N N 47  
ASN CB  HB2  sing N N 48  
ASN CB  HB3  sing N N 49  
ASN CG  OD1  doub N N 50  
ASN CG  ND2  sing N N 51  
ASN ND2 HD21 sing N N 52  
ASN ND2 HD22 sing N N 53  
ASN OXT HXT  sing N N 54  
ASP N   CA   sing N N 55  
ASP N   H    sing N N 56  
ASP N   H2   sing N N 57  
ASP CA  C    sing N N 58  
ASP CA  CB   sing N N 59  
ASP CA  HA   sing N N 60  
ASP C   O    doub N N 61  
ASP C   OXT  sing N N 62  
ASP CB  CG   sing N N 63  
ASP CB  HB2  sing N N 64  
ASP CB  HB3  sing N N 65  
ASP CG  OD1  doub N N 66  
ASP CG  OD2  sing N N 67  
ASP OD2 HD2  sing N N 68  
ASP OXT HXT  sing N N 69  
CYS N   CA   sing N N 70  
CYS N   H    sing N N 71  
CYS N   H2   sing N N 72  
CYS CA  C    sing N N 73  
CYS CA  CB   sing N N 74  
CYS CA  HA   sing N N 75  
CYS C   O    doub N N 76  
CYS C   OXT  sing N N 77  
CYS CB  SG   sing N N 78  
CYS CB  HB2  sing N N 79  
CYS CB  HB3  sing N N 80  
CYS SG  HG   sing N N 81  
CYS OXT HXT  sing N N 82  
GLN N   CA   sing N N 83  
GLN N   H    sing N N 84  
GLN N   H2   sing N N 85  
GLN CA  C    sing N N 86  
GLN CA  CB   sing N N 87  
GLN CA  HA   sing N N 88  
GLN C   O    doub N N 89  
GLN C   OXT  sing N N 90  
GLN CB  CG   sing N N 91  
GLN CB  HB2  sing N N 92  
GLN CB  HB3  sing N N 93  
GLN CG  CD   sing N N 94  
GLN CG  HG2  sing N N 95  
GLN CG  HG3  sing N N 96  
GLN CD  OE1  doub N N 97  
GLN CD  NE2  sing N N 98  
GLN NE2 HE21 sing N N 99  
GLN NE2 HE22 sing N N 100 
GLN OXT HXT  sing N N 101 
GLU N   CA   sing N N 102 
GLU N   H    sing N N 103 
GLU N   H2   sing N N 104 
GLU CA  C    sing N N 105 
GLU CA  CB   sing N N 106 
GLU CA  HA   sing N N 107 
GLU C   O    doub N N 108 
GLU C   OXT  sing N N 109 
GLU CB  CG   sing N N 110 
GLU CB  HB2  sing N N 111 
GLU CB  HB3  sing N N 112 
GLU CG  CD   sing N N 113 
GLU CG  HG2  sing N N 114 
GLU CG  HG3  sing N N 115 
GLU CD  OE1  doub N N 116 
GLU CD  OE2  sing N N 117 
GLU OE2 HE2  sing N N 118 
GLU OXT HXT  sing N N 119 
GLY N   CA   sing N N 120 
GLY N   H    sing N N 121 
GLY N   H2   sing N N 122 
GLY CA  C    sing N N 123 
GLY CA  HA2  sing N N 124 
GLY CA  HA3  sing N N 125 
GLY C   O    doub N N 126 
GLY C   OXT  sing N N 127 
GLY OXT HXT  sing N N 128 
HIS N   CA   sing N N 129 
HIS N   H    sing N N 130 
HIS N   H2   sing N N 131 
HIS CA  C    sing N N 132 
HIS CA  CB   sing N N 133 
HIS CA  HA   sing N N 134 
HIS C   O    doub N N 135 
HIS C   OXT  sing N N 136 
HIS CB  CG   sing N N 137 
HIS CB  HB2  sing N N 138 
HIS CB  HB3  sing N N 139 
HIS CG  ND1  sing Y N 140 
HIS CG  CD2  doub Y N 141 
HIS ND1 CE1  doub Y N 142 
HIS ND1 HD1  sing N N 143 
HIS CD2 NE2  sing Y N 144 
HIS CD2 HD2  sing N N 145 
HIS CE1 NE2  sing Y N 146 
HIS CE1 HE1  sing N N 147 
HIS NE2 HE2  sing N N 148 
HIS OXT HXT  sing N N 149 
HOH O   H1   sing N N 150 
HOH O   H2   sing N N 151 
ILE N   CA   sing N N 152 
ILE N   H    sing N N 153 
ILE N   H2   sing N N 154 
ILE CA  C    sing N N 155 
ILE CA  CB   sing N N 156 
ILE CA  HA   sing N N 157 
ILE C   O    doub N N 158 
ILE C   OXT  sing N N 159 
ILE CB  CG1  sing N N 160 
ILE CB  CG2  sing N N 161 
ILE CB  HB   sing N N 162 
ILE CG1 CD1  sing N N 163 
ILE CG1 HG12 sing N N 164 
ILE CG1 HG13 sing N N 165 
ILE CG2 HG21 sing N N 166 
ILE CG2 HG22 sing N N 167 
ILE CG2 HG23 sing N N 168 
ILE CD1 HD11 sing N N 169 
ILE CD1 HD12 sing N N 170 
ILE CD1 HD13 sing N N 171 
ILE OXT HXT  sing N N 172 
LEU N   CA   sing N N 173 
LEU N   H    sing N N 174 
LEU N   H2   sing N N 175 
LEU CA  C    sing N N 176 
LEU CA  CB   sing N N 177 
LEU CA  HA   sing N N 178 
LEU C   O    doub N N 179 
LEU C   OXT  sing N N 180 
LEU CB  CG   sing N N 181 
LEU CB  HB2  sing N N 182 
LEU CB  HB3  sing N N 183 
LEU CG  CD1  sing N N 184 
LEU CG  CD2  sing N N 185 
LEU CG  HG   sing N N 186 
LEU CD1 HD11 sing N N 187 
LEU CD1 HD12 sing N N 188 
LEU CD1 HD13 sing N N 189 
LEU CD2 HD21 sing N N 190 
LEU CD2 HD22 sing N N 191 
LEU CD2 HD23 sing N N 192 
LEU OXT HXT  sing N N 193 
LYS N   CA   sing N N 194 
LYS N   H    sing N N 195 
LYS N   H2   sing N N 196 
LYS CA  C    sing N N 197 
LYS CA  CB   sing N N 198 
LYS CA  HA   sing N N 199 
LYS C   O    doub N N 200 
LYS C   OXT  sing N N 201 
LYS CB  CG   sing N N 202 
LYS CB  HB2  sing N N 203 
LYS CB  HB3  sing N N 204 
LYS CG  CD   sing N N 205 
LYS CG  HG2  sing N N 206 
LYS CG  HG3  sing N N 207 
LYS CD  CE   sing N N 208 
LYS CD  HD2  sing N N 209 
LYS CD  HD3  sing N N 210 
LYS CE  NZ   sing N N 211 
LYS CE  HE2  sing N N 212 
LYS CE  HE3  sing N N 213 
LYS NZ  HZ1  sing N N 214 
LYS NZ  HZ2  sing N N 215 
LYS NZ  HZ3  sing N N 216 
LYS OXT HXT  sing N N 217 
MET N   CA   sing N N 218 
MET N   H    sing N N 219 
MET N   H2   sing N N 220 
MET CA  C    sing N N 221 
MET CA  CB   sing N N 222 
MET CA  HA   sing N N 223 
MET C   O    doub N N 224 
MET C   OXT  sing N N 225 
MET CB  CG   sing N N 226 
MET CB  HB2  sing N N 227 
MET CB  HB3  sing N N 228 
MET CG  SD   sing N N 229 
MET CG  HG2  sing N N 230 
MET CG  HG3  sing N N 231 
MET SD  CE   sing N N 232 
MET CE  HE1  sing N N 233 
MET CE  HE2  sing N N 234 
MET CE  HE3  sing N N 235 
MET OXT HXT  sing N N 236 
PHE N   CA   sing N N 237 
PHE N   H    sing N N 238 
PHE N   H2   sing N N 239 
PHE CA  C    sing N N 240 
PHE CA  CB   sing N N 241 
PHE CA  HA   sing N N 242 
PHE C   O    doub N N 243 
PHE C   OXT  sing N N 244 
PHE CB  CG   sing N N 245 
PHE CB  HB2  sing N N 246 
PHE CB  HB3  sing N N 247 
PHE CG  CD1  doub Y N 248 
PHE CG  CD2  sing Y N 249 
PHE CD1 CE1  sing Y N 250 
PHE CD1 HD1  sing N N 251 
PHE CD2 CE2  doub Y N 252 
PHE CD2 HD2  sing N N 253 
PHE CE1 CZ   doub Y N 254 
PHE CE1 HE1  sing N N 255 
PHE CE2 CZ   sing Y N 256 
PHE CE2 HE2  sing N N 257 
PHE CZ  HZ   sing N N 258 
PHE OXT HXT  sing N N 259 
PRO N   CA   sing N N 260 
PRO N   CD   sing N N 261 
PRO N   H    sing N N 262 
PRO CA  C    sing N N 263 
PRO CA  CB   sing N N 264 
PRO CA  HA   sing N N 265 
PRO C   O    doub N N 266 
PRO C   OXT  sing N N 267 
PRO CB  CG   sing N N 268 
PRO CB  HB2  sing N N 269 
PRO CB  HB3  sing N N 270 
PRO CG  CD   sing N N 271 
PRO CG  HG2  sing N N 272 
PRO CG  HG3  sing N N 273 
PRO CD  HD2  sing N N 274 
PRO CD  HD3  sing N N 275 
PRO OXT HXT  sing N N 276 
SER N   CA   sing N N 277 
SER N   H    sing N N 278 
SER N   H2   sing N N 279 
SER CA  C    sing N N 280 
SER CA  CB   sing N N 281 
SER CA  HA   sing N N 282 
SER C   O    doub N N 283 
SER C   OXT  sing N N 284 
SER CB  OG   sing N N 285 
SER CB  HB2  sing N N 286 
SER CB  HB3  sing N N 287 
SER OG  HG   sing N N 288 
SER OXT HXT  sing N N 289 
THR N   CA   sing N N 290 
THR N   H    sing N N 291 
THR N   H2   sing N N 292 
THR CA  C    sing N N 293 
THR CA  CB   sing N N 294 
THR CA  HA   sing N N 295 
THR C   O    doub N N 296 
THR C   OXT  sing N N 297 
THR CB  OG1  sing N N 298 
THR CB  CG2  sing N N 299 
THR CB  HB   sing N N 300 
THR OG1 HG1  sing N N 301 
THR CG2 HG21 sing N N 302 
THR CG2 HG22 sing N N 303 
THR CG2 HG23 sing N N 304 
THR OXT HXT  sing N N 305 
TRP N   CA   sing N N 306 
TRP N   H    sing N N 307 
TRP N   H2   sing N N 308 
TRP CA  C    sing N N 309 
TRP CA  CB   sing N N 310 
TRP CA  HA   sing N N 311 
TRP C   O    doub N N 312 
TRP C   OXT  sing N N 313 
TRP CB  CG   sing N N 314 
TRP CB  HB2  sing N N 315 
TRP CB  HB3  sing N N 316 
TRP CG  CD1  doub Y N 317 
TRP CG  CD2  sing Y N 318 
TRP CD1 NE1  sing Y N 319 
TRP CD1 HD1  sing N N 320 
TRP CD2 CE2  doub Y N 321 
TRP CD2 CE3  sing Y N 322 
TRP NE1 CE2  sing Y N 323 
TRP NE1 HE1  sing N N 324 
TRP CE2 CZ2  sing Y N 325 
TRP CE3 CZ3  doub Y N 326 
TRP CE3 HE3  sing N N 327 
TRP CZ2 CH2  doub Y N 328 
TRP CZ2 HZ2  sing N N 329 
TRP CZ3 CH2  sing Y N 330 
TRP CZ3 HZ3  sing N N 331 
TRP CH2 HH2  sing N N 332 
TRP OXT HXT  sing N N 333 
TYR N   CA   sing N N 334 
TYR N   H    sing N N 335 
TYR N   H2   sing N N 336 
TYR CA  C    sing N N 337 
TYR CA  CB   sing N N 338 
TYR CA  HA   sing N N 339 
TYR C   O    doub N N 340 
TYR C   OXT  sing N N 341 
TYR CB  CG   sing N N 342 
TYR CB  HB2  sing N N 343 
TYR CB  HB3  sing N N 344 
TYR CG  CD1  doub Y N 345 
TYR CG  CD2  sing Y N 346 
TYR CD1 CE1  sing Y N 347 
TYR CD1 HD1  sing N N 348 
TYR CD2 CE2  doub Y N 349 
TYR CD2 HD2  sing N N 350 
TYR CE1 CZ   doub Y N 351 
TYR CE1 HE1  sing N N 352 
TYR CE2 CZ   sing Y N 353 
TYR CE2 HE2  sing N N 354 
TYR CZ  OH   sing N N 355 
TYR OH  HH   sing N N 356 
TYR OXT HXT  sing N N 357 
VAL N   CA   sing N N 358 
VAL N   H    sing N N 359 
VAL N   H2   sing N N 360 
VAL CA  C    sing N N 361 
VAL CA  CB   sing N N 362 
VAL CA  HA   sing N N 363 
VAL C   O    doub N N 364 
VAL C   OXT  sing N N 365 
VAL CB  CG1  sing N N 366 
VAL CB  CG2  sing N N 367 
VAL CB  HB   sing N N 368 
VAL CG1 HG11 sing N N 369 
VAL CG1 HG12 sing N N 370 
VAL CG1 HG13 sing N N 371 
VAL CG2 HG21 sing N N 372 
VAL CG2 HG22 sing N N 373 
VAL CG2 HG23 sing N N 374 
VAL OXT HXT  sing N N 375 
VK3 C1K O1K  doub N N 376 
VK3 C1K C2K  sing N N 377 
VK3 C1K C10  sing N N 378 
VK3 C2K C3K  doub N N 379 
VK3 C2K H2K1 sing N N 380 
VK3 C3K C4K  sing N N 381 
VK3 C3K C11  sing N N 382 
VK3 C4K O4K  doub N N 383 
VK3 C4K C5K  sing N N 384 
VK3 C5K C6K  doub Y N 385 
VK3 C5K C10  sing Y N 386 
VK3 C6K C7K  sing Y N 387 
VK3 C6K H6K1 sing N N 388 
VK3 C7K C8K  doub Y N 389 
VK3 C7K H7K1 sing N N 390 
VK3 C8K C9K  sing Y N 391 
VK3 C8K H8K1 sing N N 392 
VK3 C9K C10  doub Y N 393 
VK3 C9K H9K1 sing N N 394 
VK3 C11 H111 sing N N 395 
VK3 C11 H112 sing N N 396 
VK3 C11 H113 sing N N 397 
# 
_atom_sites.entry_id                    1TUV 
_atom_sites.fract_transf_matrix[1][1]   0.00395796 
_atom_sites.fract_transf_matrix[1][2]   -0.00382532 
_atom_sites.fract_transf_matrix[1][3]   0.00804761 
_atom_sites.fract_transf_matrix[2][1]   -0.00778467 
_atom_sites.fract_transf_matrix[2][2]   0.00280000 
_atom_sites.fract_transf_matrix[2][3]   0.00515959 
_atom_sites.fract_transf_matrix[3][1]   -0.00433543 
_atom_sites.fract_transf_matrix[3][2]   -0.00851994 
_atom_sites.fract_transf_matrix[3][3]   -0.00191760 
_atom_sites.fract_transf_vector[1]      -0.071681 
_atom_sites.fract_transf_vector[2]      0.102964 
_atom_sites.fract_transf_vector[3]      -0.182618 
# 
loop_
_atom_type.symbol 
C 
N 
O 
S 
# 
loop_
_atom_site.group_PDB 
_atom_site.id 
_atom_site.type_symbol 
_atom_site.label_atom_id 
_atom_site.label_alt_id 
_atom_site.label_comp_id 
_atom_site.label_asym_id 
_atom_site.label_entity_id 
_atom_site.label_seq_id 
_atom_site.pdbx_PDB_ins_code 
_atom_site.Cartn_x 
_atom_site.Cartn_y 
_atom_site.Cartn_z 
_atom_site.occupancy 
_atom_site.B_iso_or_equiv 
_atom_site.pdbx_formal_charge 
_atom_site.auth_seq_id 
_atom_site.auth_comp_id 
_atom_site.auth_asym_id 
_atom_site.auth_atom_id 
_atom_site.pdbx_PDB_model_num 
ATOM   1   N N   . MET A 1 1   ? 12.876  -7.672  8.353   1.00 39.88  ? 1    MET A N   1 
ATOM   2   C CA  . MET A 1 1   ? 14.126  -6.864  8.281   1.00 37.97  ? 1    MET A CA  1 
ATOM   3   C C   . MET A 1 1   ? 13.905  -5.490  7.609   1.00 35.31  ? 1    MET A C   1 
ATOM   4   O O   . MET A 1 1   ? 14.162  -4.517  8.303   1.00 34.62  ? 1    MET A O   1 
ATOM   5   C CB  . MET A 1 1   ? 15.329  -7.614  7.700   1.00 40.63  ? 1    MET A CB  1 
ATOM   6   C CG  . MET A 1 1   ? 16.629  -6.797  7.642   1.00 45.11  ? 1    MET A CG  1 
ATOM   7   S SD  . MET A 1 1   ? 18.172  -7.346  8.649   1.00 58.93  ? 1    MET A SD  1 
ATOM   8   C CE  . MET A 1 1   ? 19.603  -6.648  7.563   1.00 56.23  ? 1    MET A CE  1 
ATOM   9   N N   . LEU A 1 2   ? 13.490  -5.368  6.321   1.00 31.28  ? 2    LEU A N   1 
ATOM   10  C CA  . LEU A 1 2   ? 13.102  -4.013  5.793   1.00 28.99  ? 2    LEU A CA  1 
ATOM   11  C C   . LEU A 1 2   ? 11.651  -3.761  6.135   1.00 25.12  ? 2    LEU A C   1 
ATOM   12  O O   . LEU A 1 2   ? 10.798  -4.619  5.993   1.00 22.88  ? 2    LEU A O   1 
ATOM   13  C CB  . LEU A 1 2   ? 13.214  -3.797  4.281   1.00 30.43  ? 2    LEU A CB  1 
ATOM   14  C CG  . LEU A 1 2   ? 13.976  -4.612  3.275   1.00 34.33  ? 2    LEU A CG  1 
ATOM   15  C CD1 . LEU A 1 2   ? 14.091  -3.855  2.022   1.00 33.15  ? 2    LEU A CD1 1 
ATOM   16  C CD2 . LEU A 1 2   ? 15.355  -4.959  3.820   1.00 37.00  ? 2    LEU A CD2 1 
ATOM   17  N N   . THR A 1 3   ? 11.343  -2.531  6.520   1.00 22.50  ? 3    THR A N   1 
ATOM   18  C CA  . THR A 1 3   ? 9.991   -2.100  6.657   1.00 21.46  ? 3    THR A CA  1 
ATOM   19  C C   . THR A 1 3   ? 9.742   -1.096  5.538   1.00 19.86  ? 3    THR A C   1 
ATOM   20  O O   . THR A 1 3   ? 10.621  -0.250  5.257   1.00 22.15  ? 3    THR A O   1 
ATOM   21  C CB  . THR A 1 3   ? 9.834   -1.398  8.026   1.00 22.22  ? 3    THR A CB  1 
ATOM   22  O OG1 . THR A 1 3   ? 9.974   -2.394  9.028   1.00 23.57  ? 3    THR A OG1 1 
ATOM   23  C CG2 . THR A 1 3   ? 8.449   -0.852  8.179   1.00 23.18  ? 3    THR A CG2 1 
ATOM   24  N N   . VAL A 1 4   ? 8.641   -1.275  4.864   1.00 17.32  ? 4    VAL A N   1 
ATOM   25  C CA  . VAL A 1 4   ? 8.182   -0.375  3.802   1.00 18.61  ? 4    VAL A CA  1 
ATOM   26  C C   . VAL A 1 4   ? 6.949   0.351   4.282   1.00 17.96  ? 4    VAL A C   1 
ATOM   27  O O   . VAL A 1 4   ? 5.982   -0.270  4.740   1.00 19.42  ? 4    VAL A O   1 
ATOM   28  C CB  . VAL A 1 4   ? 7.850   -1.112  2.499   1.00 20.27  ? 4    VAL A CB  1 
ATOM   29  C CG1 . VAL A 1 4   ? 7.236   -0.093  1.512   1.00 20.56  ? 4    VAL A CG1 1 
ATOM   30  C CG2 . VAL A 1 4   ? 9.027   -1.775  1.993   1.00 20.81  ? 4    VAL A CG2 1 
ATOM   31  N N   . ILE A 1 5   ? 6.928   1.693   4.166   1.00 17.75  ? 5    ILE A N   1 
ATOM   32  C CA  . ILE A 1 5   ? 5.705   2.464   4.328   1.00 18.27  ? 5    ILE A CA  1 
ATOM   33  C C   . ILE A 1 5   ? 5.527   3.149   2.998   1.00 18.56  ? 5    ILE A C   1 
ATOM   34  O O   . ILE A 1 5   ? 6.440   3.860   2.581   1.00 18.85  ? 5    ILE A O   1 
ATOM   35  C CB  . ILE A 1 5   ? 5.794   3.513   5.429   1.00 19.75  ? 5    ILE A CB  1 
ATOM   36  C CG1 . ILE A 1 5   ? 6.073   2.822   6.772   1.00 24.13  ? 5    ILE A CG1 1 
ATOM   37  C CG2 . ILE A 1 5   ? 4.491   4.323   5.443   1.00 21.30  ? 5    ILE A CG2 1 
ATOM   38  C CD1 . ILE A 1 5   ? 6.306   3.851   7.900   1.00 32.42  ? 5    ILE A CD1 1 
ATOM   39  N N   . ALA A 1 6   ? 4.430   2.888   2.320   1.00 19.75  ? 6    ALA A N   1 
ATOM   40  C CA  . ALA A 1 6   ? 4.136   3.494   1.009   1.00 21.13  ? 6    ALA A CA  1 
ATOM   41  C C   . ALA A 1 6   ? 2.818   4.264   1.113   1.00 22.77  ? 6    ALA A C   1 
ATOM   42  O O   . ALA A 1 6   ? 1.803   3.728   1.555   1.00 23.88  ? 6    ALA A O   1 
ATOM   43  C CB  . ALA A 1 6   ? 4.043   2.446   -0.035  1.00 22.54  ? 6    ALA A CB  1 
ATOM   44  N N   . GLU A 1 7   ? 2.821   5.544   0.784   1.00 21.84  ? 7    GLU A N   1 
ATOM   45  C CA  . GLU A 1 7   ? 1.595   6.288   0.716   1.00 20.54  ? 7    GLU A CA  1 
ATOM   46  C C   . GLU A 1 7   ? 1.142   6.369   -0.719  1.00 20.85  ? 7    GLU A C   1 
ATOM   47  O O   . GLU A 1 7   ? 1.901   6.821   -1.576  1.00 20.53  ? 7    GLU A O   1 
ATOM   48  C CB  . GLU A 1 7   ? 1.730   7.709   1.280   1.00 21.38  ? 7    GLU A CB  1 
ATOM   49  C CG  . GLU A 1 7   ? 0.424   8.426   1.334   1.00 24.68  ? 7    GLU A CG  1 
ATOM   50  C CD  . GLU A 1 7   ? 0.556   9.845   1.818   1.00 33.22  ? 7    GLU A CD  1 
ATOM   51  O OE1 . GLU A 1 7   ? 1.504   10.552  1.359   1.00 39.51  ? 7    GLU A OE1 1 
ATOM   52  O OE2 . GLU A 1 7   ? -0.317  10.254  2.597   1.00 35.36  ? 7    GLU A OE2 1 
ATOM   53  N N   . ILE A 1 8   ? -0.054  5.877   -0.952  1.00 18.09  ? 8    ILE A N   1 
ATOM   54  C CA  . ILE A 1 8   ? -0.687  5.924   -2.227  1.00 18.73  ? 8    ILE A CA  1 
ATOM   55  C C   . ILE A 1 8   ? -1.712  7.038   -2.223  1.00 18.28  ? 8    ILE A C   1 
ATOM   56  O O   . ILE A 1 8   ? -2.692  6.995   -1.483  1.00 19.59  ? 8    ILE A O   1 
ATOM   57  C CB  . ILE A 1 8   ? -1.364  4.603   -2.512  1.00 18.25  ? 8    ILE A CB  1 
ATOM   58  C CG1 . ILE A 1 8   ? -0.296  3.498   -2.519  1.00 20.70  ? 8    ILE A CG1 1 
ATOM   59  C CG2 . ILE A 1 8   ? -2.163  4.633   -3.782  1.00 19.05  ? 8    ILE A CG2 1 
ATOM   60  C CD1 . ILE A 1 8   ? -0.899  2.182   -2.319  1.00 24.10  ? 8    ILE A CD1 1 
ATOM   61  N N   . ARG A 1 9   ? -1.462  8.066   -3.056  1.00 19.15  ? 9    ARG A N   1 
ATOM   62  C CA  . ARG A 1 9   ? -2.400  9.180   -3.152  1.00 19.39  ? 9    ARG A CA  1 
ATOM   63  C C   . ARG A 1 9   ? -3.383  8.901   -4.261  1.00 19.87  ? 9    ARG A C   1 
ATOM   64  O O   . ARG A 1 9   ? -2.966  8.651   -5.380  1.00 20.21  ? 9    ARG A O   1 
ATOM   65  C CB  . ARG A 1 9   ? -1.615  10.500  -3.358  1.00 21.33  ? 9    ARG A CB  1 
ATOM   66  C CG  . ARG A 1 9   ? -2.479  11.787  -3.554  1.00 29.59  ? 9    ARG A CG  1 
ATOM   67  C CD  . ARG A 1 9   ? -1.629  13.100  -3.671  1.00 38.24  ? 9    ARG A CD  1 
ATOM   68  N NE  . ARG A 1 9   ? -1.753  13.715  -4.998  1.00 45.71  ? 9    ARG A NE  1 
ATOM   69  C CZ  . ARG A 1 9   ? -0.747  14.243  -5.726  1.00 49.83  ? 9    ARG A CZ  1 
ATOM   70  N NH1 . ARG A 1 9   ? 0.501   14.269  -5.257  1.00 53.12  ? 9    ARG A NH1 1 
ATOM   71  N NH2 . ARG A 1 9   ? -1.006  14.793  -6.914  1.00 46.34  ? 9    ARG A NH2 1 
ATOM   72  N N   . THR A 1 10  ? -4.673  8.927   -3.944  1.00 19.03  ? 10   THR A N   1 
ATOM   73  C CA  . THR A 1 10  ? -5.749  8.664   -4.895  1.00 20.83  ? 10   THR A CA  1 
ATOM   74  C C   . THR A 1 10  ? -6.439  9.935   -5.389  1.00 21.35  ? 10   THR A C   1 
ATOM   75  O O   . THR A 1 10  ? -6.395  10.993  -4.735  1.00 20.60  ? 10   THR A O   1 
ATOM   76  C CB  . THR A 1 10  ? -6.772  7.698   -4.290  1.00 21.07  ? 10   THR A CB  1 
ATOM   77  O OG1 . THR A 1 10  ? -7.267  8.225   -3.032  1.00 21.15  ? 10   THR A OG1 1 
ATOM   78  C CG2 . THR A 1 10  ? -6.115  6.376   -3.969  1.00 22.14  ? 10   THR A CG2 1 
ATOM   79  N N   . ARG A 1 11  ? -7.103  9.823   -6.541  1.00 23.32  ? 11   ARG A N   1 
ATOM   80  C CA  . ARG A 1 11  ? -7.882  10.952  -7.091  1.00 25.14  ? 11   ARG A CA  1 
ATOM   81  C C   . ARG A 1 11  ? -9.002  11.292  -6.164  1.00 27.04  ? 11   ARG A C   1 
ATOM   82  O O   . ARG A 1 11  ? -9.642  10.396  -5.678  1.00 26.24  ? 11   ARG A O   1 
ATOM   83  C CB  . ARG A 1 11  ? -8.546  10.583  -8.414  1.00 26.30  ? 11   ARG A CB  1 
ATOM   84  C CG  . ARG A 1 11  ? -7.688  10.554  -9.494  1.00 27.87  ? 11   ARG A CG  1 
ATOM   85  C CD  . ARG A 1 11  ? -8.365  10.373  -10.822 1.00 27.73  ? 11   ARG A CD  1 
ATOM   86  N NE  . ARG A 1 11  ? -7.322  10.117  -11.771 1.00 25.21  ? 11   ARG A NE  1 
ATOM   87  C CZ  . ARG A 1 11  ? -6.760  11.065  -12.506 1.00 30.30  ? 11   ARG A CZ  1 
ATOM   88  N NH1 . ARG A 1 11  ? -7.217  12.321  -12.451 1.00 29.11  ? 11   ARG A NH1 1 
ATOM   89  N NH2 . ARG A 1 11  ? -5.783  10.758  -13.338 1.00 33.77  ? 11   ARG A NH2 1 
ATOM   90  N N   . PRO A 1 12  ? -9.230  12.570  -5.857  1.00 30.07  ? 12   PRO A N   1 
ATOM   91  C CA  . PRO A 1 12  ? -10.401 12.974  -5.037  1.00 32.10  ? 12   PRO A CA  1 
ATOM   92  C C   . PRO A 1 12  ? -11.785 12.502  -5.565  1.00 34.79  ? 12   PRO A C   1 
ATOM   93  O O   . PRO A 1 12  ? -11.931 12.393  -6.759  1.00 36.12  ? 12   PRO A O   1 
ATOM   94  C CB  . PRO A 1 12  ? -10.288 14.491  -5.007  1.00 32.27  ? 12   PRO A CB  1 
ATOM   95  C CG  . PRO A 1 12  ? -8.862  14.763  -5.214  1.00 32.49  ? 12   PRO A CG  1 
ATOM   96  C CD  . PRO A 1 12  ? -8.345  13.703  -6.151  1.00 30.33  ? 12   PRO A CD  1 
ATOM   97  N N   . GLY A 1 13  ? -12.702 12.142  -4.654  1.00 38.15  ? 13   GLY A N   1 
ATOM   98  C CA  . GLY A 1 13  ? -14.110 11.796  -4.922  1.00 40.02  ? 13   GLY A CA  1 
ATOM   99  C C   . GLY A 1 13  ? -14.368 10.533  -5.743  1.00 41.33  ? 13   GLY A C   1 
ATOM   100 O O   . GLY A 1 13  ? -13.477 9.689   -5.834  1.00 41.78  ? 13   GLY A O   1 
ATOM   101 N N   . GLN A 1 14  ? -15.579 10.382  -6.319  1.00 42.26  ? 14   GLN A N   1 
ATOM   102 C CA  . GLN A 1 14  ? -15.885 9.304   -7.296  1.00 42.99  ? 14   GLN A CA  1 
ATOM   103 C C   . GLN A 1 14  ? -15.484 7.847   -6.863  1.00 41.87  ? 14   GLN A C   1 
ATOM   104 O O   . GLN A 1 14  ? -15.084 7.038   -7.702  1.00 43.78  ? 14   GLN A O   1 
ATOM   105 C CB  . GLN A 1 14  ? -15.224 9.638   -8.678  1.00 44.37  ? 14   GLN A CB  1 
ATOM   106 C CG  . GLN A 1 14  ? -16.127 10.239  -9.799  1.00 47.60  ? 14   GLN A CG  1 
ATOM   107 C CD  . GLN A 1 14  ? -17.395 10.901  -9.265  1.00 54.09  ? 14   GLN A CD  1 
ATOM   108 O OE1 . GLN A 1 14  ? -18.505 10.451  -9.574  1.00 60.00  ? 14   GLN A OE1 1 
ATOM   109 N NE2 . GLN A 1 14  ? -17.239 11.955  -8.443  1.00 58.01  ? 14   GLN A NE2 1 
ATOM   110 N N   . HIS A 1 15  ? -15.644 7.492   -5.599  1.00 39.37  ? 15   HIS A N   1 
ATOM   111 C CA  . HIS A 1 15  ? -15.064 6.257   -5.010  1.00 37.68  ? 15   HIS A CA  1 
ATOM   112 C C   . HIS A 1 15  ? -13.693 5.728   -5.533  1.00 34.00  ? 15   HIS A C   1 
ATOM   113 O O   . HIS A 1 15  ? -13.477 4.520   -5.590  1.00 30.84  ? 15   HIS A O   1 
ATOM   114 C CB  . HIS A 1 15  ? -16.077 5.099   -5.066  1.00 39.42  ? 15   HIS A CB  1 
ATOM   115 C CG  . HIS A 1 15  ? -16.545 4.755   -6.446  1.00 45.16  ? 15   HIS A CG  1 
ATOM   116 N ND1 . HIS A 1 15  ? -15.758 4.889   -7.568  1.00 52.93  ? 15   HIS A ND1 1 
ATOM   117 C CD2 . HIS A 1 15  ? -17.737 4.281   -6.883  1.00 52.02  ? 15   HIS A CD2 1 
ATOM   118 C CE1 . HIS A 1 15  ? -16.446 4.520   -8.638  1.00 54.79  ? 15   HIS A CE1 1 
ATOM   119 N NE2 . HIS A 1 15  ? -17.650 4.151   -8.249  1.00 53.53  ? 15   HIS A NE2 1 
ATOM   120 N N   . HIS A 1 16  ? -12.773 6.625   -5.884  1.00 30.37  ? 16   HIS A N   1 
ATOM   121 C CA  . HIS A 1 16  ? -11.451 6.188   -6.342  1.00 28.58  ? 16   HIS A CA  1 
ATOM   122 C C   . HIS A 1 16  ? -10.684 5.461   -5.240  1.00 26.12  ? 16   HIS A C   1 
ATOM   123 O O   . HIS A 1 16  ? -9.999  4.452   -5.502  1.00 23.47  ? 16   HIS A O   1 
ATOM   124 C CB  . HIS A 1 16  ? -10.622 7.359   -6.823  1.00 28.43  ? 16   HIS A CB  1 
ATOM   125 C CG  . HIS A 1 16  ? -11.124 7.964   -8.100  1.00 28.28  ? 16   HIS A CG  1 
ATOM   126 N ND1 . HIS A 1 16  ? -11.157 7.267   -9.280  1.00 32.32  ? 16   HIS A ND1 1 
ATOM   127 C CD2 . HIS A 1 16  ? -11.531 9.222   -8.390  1.00 32.42  ? 16   HIS A CD2 1 
ATOM   128 C CE1 . HIS A 1 16  ? -11.617 8.055   -10.241 1.00 33.54  ? 16   HIS A CE1 1 
ATOM   129 N NE2 . HIS A 1 16  ? -11.858 9.243   -9.724  1.00 30.89  ? 16   HIS A NE2 1 
ATOM   130 N N   . ARG A 1 17  ? -10.735 5.991   -4.026  1.00 26.08  ? 17   ARG A N   1 
ATOM   131 C CA  . ARG A 1 17  ? -9.960  5.355   -2.953  1.00 25.19  ? 17   ARG A CA  1 
ATOM   132 C C   . ARG A 1 17  ? -10.539 3.984   -2.647  1.00 25.05  ? 17   ARG A C   1 
ATOM   133 O O   . ARG A 1 17  ? -9.813  3.033   -2.466  1.00 24.13  ? 17   ARG A O   1 
ATOM   134 C CB  . ARG A 1 17  ? -9.924  6.212   -1.739  1.00 26.27  ? 17   ARG A CB  1 
ATOM   135 C CG  . ARG A 1 17  ? -8.984  5.678   -0.692  1.00 26.42  ? 17   ARG A CG  1 
ATOM   136 C CD  . ARG A 1 17  ? -9.731  5.365   0.552   1.00 38.79  ? 17   ARG A CD  1 
ATOM   137 N NE  . ARG A 1 17  ? -9.440  6.345   1.518   1.00 36.69  ? 17   ARG A NE  1 
ATOM   138 C CZ  . ARG A 1 17  ? -10.003 6.454   2.709   1.00 35.24  ? 17   ARG A CZ  1 
ATOM   139 N NH1 . ARG A 1 17  ? -10.945 5.639   3.196   1.00 37.76  ? 17   ARG A NH1 1 
ATOM   140 N NH2 . ARG A 1 17  ? -9.546  7.397   3.437   1.00 33.45  ? 17   ARG A NH2 1 
ATOM   141 N N   . GLN A 1 18  ? -11.869 3.877   -2.652  1.00 25.90  ? 18   GLN A N   1 
ATOM   142 C CA  . GLN A 1 18  ? -12.488 2.584   -2.404  1.00 25.11  ? 18   GLN A CA  1 
ATOM   143 C C   . GLN A 1 18  ? -12.147 1.603   -3.505  1.00 24.32  ? 18   GLN A C   1 
ATOM   144 O O   . GLN A 1 18  ? -11.895 0.431   -3.213  1.00 23.87  ? 18   GLN A O   1 
ATOM   145 C CB  . GLN A 1 18  ? -14.009 2.735   -2.180  1.00 25.77  ? 18   GLN A CB  1 
ATOM   146 C CG  . GLN A 1 18  ? -14.629 1.440   -1.673  1.00 27.44  ? 18   GLN A CG  1 
ATOM   147 C CD  . GLN A 1 18  ? -14.092 1.030   -0.309  1.00 29.25  ? 18   GLN A CD  1 
ATOM   148 O OE1 . GLN A 1 18  ? -14.204 1.781   0.649   1.00 32.10  ? 18   GLN A OE1 1 
ATOM   149 N NE2 . GLN A 1 18  ? -13.530 -0.147  -0.226  1.00 26.99  ? 18   GLN A NE2 1 
ATOM   150 N N   . ALA A 1 19  ? -12.081 2.058   -4.753  1.00 23.54  ? 19   ALA A N   1 
ATOM   151 C CA  . ALA A 1 19  ? -11.701 1.177   -5.863  1.00 23.51  ? 19   ALA A CA  1 
ATOM   152 C C   . ALA A 1 19  ? -10.348 0.574   -5.628  1.00 22.90  ? 19   ALA A C   1 
ATOM   153 O O   . ALA A 1 19  ? -10.115 -0.607  -5.848  1.00 22.50  ? 19   ALA A O   1 
ATOM   154 C CB  . ALA A 1 19  ? -11.746 1.910   -7.219  1.00 24.33  ? 19   ALA A CB  1 
ATOM   155 N N   . VAL A 1 20  ? -9.418  1.388   -5.122  1.00 20.82  ? 20   VAL A N   1 
ATOM   156 C CA  . VAL A 1 20  ? -8.070  0.908   -4.859  1.00 20.15  ? 20   VAL A CA  1 
ATOM   157 C C   . VAL A 1 20  ? -8.035  -0.097  -3.717  1.00 19.28  ? 20   VAL A C   1 
ATOM   158 O O   . VAL A 1 20  ? -7.363  -1.104  -3.780  1.00 19.50  ? 20   VAL A O   1 
ATOM   159 C CB  . VAL A 1 20  ? -7.092  2.117   -4.609  1.00 19.64  ? 20   VAL A CB  1 
ATOM   160 C CG1 . VAL A 1 20  ? -5.700  1.649   -4.320  1.00 20.51  ? 20   VAL A CG1 1 
ATOM   161 C CG2 . VAL A 1 20  ? -7.068  3.017   -5.817  1.00 21.03  ? 20   VAL A CG2 1 
ATOM   162 N N   . LEU A 1 21  ? -8.721  0.242   -2.640  1.00 20.32  ? 21   LEU A N   1 
ATOM   163 C CA  . LEU A 1 21  ? -8.873  -0.655  -1.496  1.00 19.95  ? 21   LEU A CA  1 
ATOM   164 C C   . LEU A 1 21  ? -9.489  -2.001  -1.950  1.00 21.04  ? 21   LEU A C   1 
ATOM   165 O O   . LEU A 1 21  ? -9.068  -3.046  -1.517  1.00 21.40  ? 21   LEU A O   1 
ATOM   166 C CB  . LEU A 1 21  ? -9.718  -0.011  -0.419  1.00 20.15  ? 21   LEU A CB  1 
ATOM   167 C CG  . LEU A 1 21  ? -9.053  1.122   0.356   1.00 20.73  ? 21   LEU A CG  1 
ATOM   168 C CD1 . LEU A 1 21  ? -10.094 1.818   1.234   1.00 21.30  ? 21   LEU A CD1 1 
ATOM   169 C CD2 . LEU A 1 21  ? -7.811  0.673   1.176   1.00 19.21  ? 21   LEU A CD2 1 
ATOM   170 N N   . ASP A 1 22  ? -10.471 -1.941  -2.808  1.00 22.18  ? 22   ASP A N   1 
ATOM   171 C CA  . ASP A 1 22  ? -11.060 -3.184  -3.320  1.00 23.45  ? 22   ASP A CA  1 
ATOM   172 C C   . ASP A 1 22  ? -10.044 -4.006  -4.103  1.00 23.73  ? 22   ASP A C   1 
ATOM   173 O O   . ASP A 1 22  ? -10.014 -5.239  -4.007  1.00 24.58  ? 22   ASP A O   1 
ATOM   174 C CB  . ASP A 1 22  ? -12.234 -2.867  -4.203  1.00 24.43  ? 22   ASP A CB  1 
ATOM   175 C CG  . ASP A 1 22  ? -13.440 -2.363  -3.422  1.00 27.37  ? 22   ASP A CG  1 
ATOM   176 O OD1 . ASP A 1 22  ? -13.462 -2.406  -2.168  1.00 30.20  ? 22   ASP A OD1 1 
ATOM   177 O OD2 . ASP A 1 22  ? -14.413 -1.905  -4.043  1.00 31.15  ? 22   ASP A OD2 1 
ATOM   178 N N   . GLN A 1 23  ? -9.189  -3.344  -4.852  1.00 23.64  ? 23   GLN A N   1 
ATOM   179 C CA  . GLN A 1 23  ? -8.082  -4.028  -5.508  1.00 24.30  ? 23   GLN A CA  1 
ATOM   180 C C   . GLN A 1 23  ? -7.097  -4.622  -4.516  1.00 24.66  ? 23   GLN A C   1 
ATOM   181 O O   . GLN A 1 23  ? -6.578  -5.736  -4.708  1.00 24.28  ? 23   GLN A O   1 
ATOM   182 C CB  . GLN A 1 23  ? -7.405  -3.133  -6.565  1.00 25.04  ? 23   GLN A CB  1 
ATOM   183 C CG  . GLN A 1 23  ? -8.311  -2.799  -7.706  1.00 26.10  ? 23   GLN A CG  1 
ATOM   184 C CD  . GLN A 1 23  ? -8.754  -4.034  -8.481  1.00 28.77  ? 23   GLN A CD  1 
ATOM   185 O OE1 . GLN A 1 23  ? -7.964  -4.957  -8.706  1.00 31.42  ? 23   GLN A OE1 1 
ATOM   186 N NE2 . GLN A 1 23  ? -9.985  -4.039  -8.871  1.00 30.55  ? 23   GLN A NE2 1 
ATOM   187 N N   . PHE A 1 24  ? -6.809  -3.918  -3.418  1.00 23.07  ? 24   PHE A N   1 
ATOM   188 C CA  . PHE A 1 24  ? -5.985  -4.532  -2.389  1.00 22.52  ? 24   PHE A CA  1 
ATOM   189 C C   . PHE A 1 24  ? -6.647  -5.763  -1.736  1.00 22.66  ? 24   PHE A C   1 
ATOM   190 O O   . PHE A 1 24  ? -5.960  -6.756  -1.440  1.00 23.58  ? 24   PHE A O   1 
ATOM   191 C CB  . PHE A 1 24  ? -5.601  -3.501  -1.298  1.00 22.14  ? 24   PHE A CB  1 
ATOM   192 C CG  . PHE A 1 24  ? -4.430  -2.637  -1.701  1.00 21.68  ? 24   PHE A CG  1 
ATOM   193 C CD1 . PHE A 1 24  ? -3.196  -3.207  -2.000  1.00 21.93  ? 24   PHE A CD1 1 
ATOM   194 C CD2 . PHE A 1 24  ? -4.577  -1.284  -1.880  1.00 21.60  ? 24   PHE A CD2 1 
ATOM   195 C CE1 . PHE A 1 24  ? -2.128  -2.434  -2.403  1.00 22.63  ? 24   PHE A CE1 1 
ATOM   196 C CE2 . PHE A 1 24  ? -3.494  -0.516  -2.283  1.00 21.80  ? 24   PHE A CE2 1 
ATOM   197 C CZ  . PHE A 1 24  ? -2.283  -1.092  -2.549  1.00 20.84  ? 24   PHE A CZ  1 
ATOM   198 N N   . ALA A 1 25  ? -7.954  -5.698  -1.537  1.00 23.65  ? 25   ALA A N   1 
ATOM   199 C CA  . ALA A 1 25  ? -8.704  -6.827  -0.896  1.00 25.55  ? 25   ALA A CA  1 
ATOM   200 C C   . ALA A 1 25  ? -8.475  -8.109  -1.716  1.00 26.00  ? 25   ALA A C   1 
ATOM   201 O O   . ALA A 1 25  ? -8.270  -9.190  -1.142  1.00 26.10  ? 25   ALA A O   1 
ATOM   202 C CB  . ALA A 1 25  ? -10.174 -6.510  -0.767  1.00 26.04  ? 25   ALA A CB  1 
ATOM   203 N N   . LYS A 1 26  ? -8.432  -7.957  -3.035  1.00 27.24  ? 26   LYS A N   1 
ATOM   204 C CA  . LYS A 1 26  ? -8.183  -9.084  -3.939  1.00 28.20  ? 26   LYS A CA  1 
ATOM   205 C C   . LYS A 1 26  ? -6.827  -9.718  -3.817  1.00 28.65  ? 26   LYS A C   1 
ATOM   206 O O   . LYS A 1 26  ? -6.673  -10.928 -4.036  1.00 28.49  ? 26   LYS A O   1 
ATOM   207 C CB  . LYS A 1 26  ? -8.394  -8.663  -5.385  1.00 29.61  ? 26   LYS A CB  1 
ATOM   208 C CG  . LYS A 1 26  ? -9.808  -8.386  -5.758  1.00 32.95  ? 26   LYS A CG  1 
ATOM   209 C CD  . LYS A 1 26  ? -9.967  -7.959  -7.232  1.00 38.32  ? 26   LYS A CD  1 
ATOM   210 C CE  . LYS A 1 26  ? -9.001  -8.689  -8.161  1.00 42.87  ? 26   LYS A CE  1 
ATOM   211 N NZ  . LYS A 1 26  ? -9.322  -8.496  -9.623  1.00 48.37  ? 26   LYS A NZ  1 
ATOM   212 N N   . ILE A 1 27  ? -5.822  -8.917  -3.428  1.00 26.09  ? 27   ILE A N   1 
ATOM   213 C CA  . ILE A 1 27  ? -4.442  -9.274  -3.504  1.00 26.56  ? 27   ILE A CA  1 
ATOM   214 C C   . ILE A 1 27  ? -3.735  -9.525  -2.181  1.00 24.16  ? 27   ILE A C   1 
ATOM   215 O O   . ILE A 1 27  ? -2.739  -10.218 -2.124  1.00 22.23  ? 27   ILE A O   1 
ATOM   216 C CB  . ILE A 1 27  ? -3.824  -8.114  -4.397  1.00 28.76  ? 27   ILE A CB  1 
ATOM   217 C CG1 . ILE A 1 27  ? -3.159  -8.658  -5.581  1.00 33.71  ? 27   ILE A CG1 1 
ATOM   218 C CG2 . ILE A 1 27  ? -3.115  -7.005  -3.701  1.00 29.12  ? 27   ILE A CG2 1 
ATOM   219 C CD1 . ILE A 1 27  ? -4.192  -9.054  -6.519  1.00 39.13  ? 27   ILE A CD1 1 
ATOM   220 N N   . VAL A 1 28  ? -4.238  -8.956  -1.085  1.00 22.51  ? 28   VAL A N   1 
ATOM   221 C CA  . VAL A 1 28  ? -3.490  -9.033  0.129   1.00 22.79  ? 28   VAL A CA  1 
ATOM   222 C C   . VAL A 1 28  ? -3.177  -10.447 0.614   1.00 22.73  ? 28   VAL A C   1 
ATOM   223 O O   . VAL A 1 28  ? -2.072  -10.700 0.986   1.00 21.55  ? 28   VAL A O   1 
ATOM   224 C CB  . VAL A 1 28  ? -4.137  -8.160  1.268   1.00 22.11  ? 28   VAL A CB  1 
ATOM   225 C CG1 . VAL A 1 28  ? -3.603  -8.532  2.662   1.00 24.37  ? 28   VAL A CG1 1 
ATOM   226 C CG2 . VAL A 1 28  ? -3.875  -6.715  0.940   1.00 24.04  ? 28   VAL A CG2 1 
ATOM   227 N N   . PRO A 1 29  ? -4.135  -11.383 0.601   1.00 23.84  ? 29   PRO A N   1 
ATOM   228 C CA  . PRO A 1 29  ? -3.798  -12.761 1.019   1.00 24.83  ? 29   PRO A CA  1 
ATOM   229 C C   . PRO A 1 29  ? -2.661  -13.372 0.221   1.00 24.66  ? 29   PRO A C   1 
ATOM   230 O O   . PRO A 1 29  ? -1.779  -14.037 0.797   1.00 25.65  ? 29   PRO A O   1 
ATOM   231 C CB  . PRO A 1 29  ? -5.131  -13.513 0.785   1.00 24.97  ? 29   PRO A CB  1 
ATOM   232 C CG  . PRO A 1 29  ? -6.152  -12.468 0.999   1.00 25.85  ? 29   PRO A CG  1 
ATOM   233 C CD  . PRO A 1 29  ? -5.549  -11.199 0.281   1.00 23.91  ? 29   PRO A CD  1 
ATOM   234 N N   . THR A 1 30  ? -2.658  -13.076 -1.072  1.00 25.39  ? 30   THR A N   1 
ATOM   235 C CA  . THR A 1 30  ? -1.625  -13.537 -1.994  1.00 25.44  ? 30   THR A CA  1 
ATOM   236 C C   . THR A 1 30  ? -0.293  -12.923 -1.670  1.00 24.52  ? 30   THR A C   1 
ATOM   237 O O   . THR A 1 30  ? 0.742   -13.581 -1.615  1.00 23.78  ? 30   THR A O   1 
ATOM   238 C CB  . THR A 1 30  ? -2.029  -13.261 -3.448  1.00 26.66  ? 30   THR A CB  1 
ATOM   239 O OG1 . THR A 1 30  ? -3.197  -14.036 -3.775  1.00 28.40  ? 30   THR A OG1 1 
ATOM   240 C CG2 . THR A 1 30  ? -0.957  -13.746 -4.437  1.00 28.13  ? 30   THR A CG2 1 
ATOM   241 N N   . VAL A 1 31  ? -0.286  -11.598 -1.419  1.00 22.19  ? 31   VAL A N   1 
ATOM   242 C CA  . VAL A 1 31  ? 0.952   -10.995 -1.085  1.00 21.57  ? 31   VAL A CA  1 
ATOM   243 C C   . VAL A 1 31  ? 1.564   -11.516 0.201   1.00 20.47  ? 31   VAL A C   1 
ATOM   244 O O   . VAL A 1 31  ? 2.767   -11.703 0.290   1.00 22.14  ? 31   VAL A O   1 
ATOM   245 C CB  . VAL A 1 31  ? 0.826   -9.391  -1.022  1.00 20.17  ? 31   VAL A CB  1 
ATOM   246 C CG1 . VAL A 1 31  ? 2.136   -8.815  -0.560  1.00 21.83  ? 31   VAL A CG1 1 
ATOM   247 C CG2 . VAL A 1 31  ? 0.354   -8.830  -2.348  1.00 23.36  ? 31   VAL A CG2 1 
ATOM   248 N N   . LEU A 1 32  ? 0.744   -11.732 1.224   1.00 23.15  ? 32   LEU A N   1 
ATOM   249 C CA  . LEU A 1 32  ? 1.209   -12.263 2.498   1.00 23.12  ? 32   LEU A CA  1 
ATOM   250 C C   . LEU A 1 32  ? 1.917   -13.643 2.334   1.00 25.39  ? 32   LEU A C   1 
ATOM   251 O O   . LEU A 1 32  ? 2.843   -13.968 3.079   1.00 26.57  ? 32   LEU A O   1 
ATOM   252 C CB  . LEU A 1 32  ? 0.046   -12.347 3.492   1.00 22.60  ? 32   LEU A CB  1 
ATOM   253 C CG  . LEU A 1 32  ? -0.496  -11.008 4.023   1.00 23.95  ? 32   LEU A CG  1 
ATOM   254 C CD1 . LEU A 1 32  ? -1.786  -11.154 4.798   1.00 28.48  ? 32   LEU A CD1 1 
ATOM   255 C CD2 . LEU A 1 32  ? 0.551   -10.380 4.864   1.00 23.52  ? 32   LEU A CD2 1 
ATOM   256 N N   . LYS A 1 33  ? 1.491   -14.365 1.310   1.00 27.71  ? 33   LYS A N   1 
ATOM   257 C CA  . LYS A 1 33  ? 2.090   -15.678 0.984   1.00 28.87  ? 33   LYS A CA  1 
ATOM   258 C C   . LYS A 1 33  ? 3.343   -15.595 0.152   1.00 28.32  ? 33   LYS A C   1 
ATOM   259 O O   . LYS A 1 33  ? 4.079   -16.592 0.017   1.00 28.26  ? 33   LYS A O   1 
ATOM   260 C CB  . LYS A 1 33  ? 1.035   -16.579 0.332   1.00 29.14  ? 33   LYS A CB  1 
ATOM   261 C CG  . LYS A 1 33  ? 0.094   -17.173 1.387   1.00 35.04  ? 33   LYS A CG  1 
ATOM   262 C CD  . LYS A 1 33  ? -0.891  -18.194 0.796   1.00 42.09  ? 33   LYS A CD  1 
ATOM   263 C CE  . LYS A 1 33  ? -2.096  -17.537 0.148   1.00 47.03  ? 33   LYS A CE  1 
ATOM   264 N NZ  . LYS A 1 33  ? -3.408  -17.822 0.864   1.00 50.63  ? 33   LYS A NZ  1 
ATOM   265 N N   . GLU A 1 34  ? 3.670   -14.414 -0.390  1.00 25.85  ? 34   GLU A N   1 
ATOM   266 C CA  . GLU A 1 34  ? 4.881   -14.271 -1.145  1.00 24.74  ? 34   GLU A CA  1 
ATOM   267 C C   . GLU A 1 34  ? 6.109   -14.545 -0.322  1.00 25.49  ? 34   GLU A C   1 
ATOM   268 O O   . GLU A 1 34  ? 6.163   -14.248 0.888   1.00 26.02  ? 34   GLU A O   1 
ATOM   269 C CB  . GLU A 1 34  ? 5.011   -12.861 -1.758  1.00 23.05  ? 34   GLU A CB  1 
ATOM   270 C CG  . GLU A 1 34  ? 4.101   -12.547 -2.894  1.00 23.57  ? 34   GLU A CG  1 
ATOM   271 C CD  . GLU A 1 34  ? 4.422   -11.150 -3.452  1.00 23.71  ? 34   GLU A CD  1 
ATOM   272 O OE1 . GLU A 1 34  ? 5.581   -10.905 -3.837  1.00 24.91  ? 34   GLU A OE1 1 
ATOM   273 O OE2 . GLU A 1 34  ? 3.504   -10.345 -3.460  1.00 23.06  ? 34   GLU A OE2 1 
ATOM   274 N N   . GLU A 1 35  ? 7.140   -15.125 -0.930  1.00 24.72  ? 35   GLU A N   1 
ATOM   275 C CA  . GLU A 1 35  ? 8.400   -15.287 -0.233  1.00 27.26  ? 35   GLU A CA  1 
ATOM   276 C C   . GLU A 1 35  ? 8.932   -13.998 0.348   1.00 27.06  ? 35   GLU A C   1 
ATOM   277 O O   . GLU A 1 35  ? 9.076   -12.969 -0.334  1.00 27.43  ? 35   GLU A O   1 
ATOM   278 C CB  . GLU A 1 35  ? 9.565   -15.769 -1.112  1.00 26.63  ? 35   GLU A CB  1 
ATOM   279 C CG  . GLU A 1 35  ? 9.681   -17.234 -1.364  1.00 33.21  ? 35   GLU A CG  1 
ATOM   280 C CD  . GLU A 1 35  ? 10.717  -17.422 -2.453  1.00 33.09  ? 35   GLU A CD  1 
ATOM   281 O OE1 . GLU A 1 35  ? 10.359  -18.013 -3.480  1.00 39.79  ? 35   GLU A OE1 1 
ATOM   282 O OE2 . GLU A 1 35  ? 11.855  -16.872 -2.286  1.00 35.15  ? 35   GLU A OE2 1 
ATOM   283 N N   . GLY A 1 36  ? 9.283   -14.089 1.606   1.00 26.14  ? 36   GLY A N   1 
ATOM   284 C CA  . GLY A 1 36  ? 9.955   -13.008 2.273   1.00 24.50  ? 36   GLY A CA  1 
ATOM   285 C C   . GLY A 1 36  ? 8.982   -11.942 2.766   1.00 23.42  ? 36   GLY A C   1 
ATOM   286 O O   . GLY A 1 36  ? 9.478   -10.981 3.332   1.00 23.15  ? 36   GLY A O   1 
ATOM   287 N N   . CYS A 1 37  ? 7.700   -12.117 2.594   1.00 22.81  ? 37   CYS A N   1 
ATOM   288 C CA  . CYS A 1 37  ? 6.732   -11.098 3.104   1.00 22.74  ? 37   CYS A CA  1 
ATOM   289 C C   . CYS A 1 37  ? 6.387   -11.407 4.538   1.00 24.58  ? 37   CYS A C   1 
ATOM   290 O O   . CYS A 1 37  ? 5.929   -12.529 4.856   1.00 25.61  ? 37   CYS A O   1 
ATOM   291 C CB  . CYS A 1 37  ? 5.478   -11.073 2.312   1.00 21.55  ? 37   CYS A CB  1 
ATOM   292 S SG  . CYS A 1 37  ? 4.340   -9.738  2.862   1.00 22.24  ? 37   CYS A SG  1 
ATOM   293 N N   . HIS A 1 38  ? 6.625   -10.445 5.427   1.00 24.15  ? 38   HIS A N   1 
ATOM   294 C CA  . HIS A 1 38  ? 6.241   -10.599 6.828   1.00 26.05  ? 38   HIS A CA  1 
ATOM   295 C C   . HIS A 1 38  ? 5.255   -9.547  7.315   1.00 25.00  ? 38   HIS A C   1 
ATOM   296 O O   . HIS A 1 38  ? 5.051   -9.390  8.528   1.00 25.39  ? 38   HIS A O   1 
ATOM   297 C CB  . HIS A 1 38  ? 7.460   -10.645 7.685   1.00 27.00  ? 38   HIS A CB  1 
ATOM   298 C CG  . HIS A 1 38  ? 8.368   -11.774 7.323   1.00 32.74  ? 38   HIS A CG  1 
ATOM   299 N ND1 . HIS A 1 38  ? 8.071   -13.085 7.623   1.00 40.25  ? 38   HIS A ND1 1 
ATOM   300 C CD2 . HIS A 1 38  ? 9.533   -11.795 6.644   1.00 34.99  ? 38   HIS A CD2 1 
ATOM   301 C CE1 . HIS A 1 38  ? 9.024   -13.865 7.138   1.00 39.97  ? 38   HIS A CE1 1 
ATOM   302 N NE2 . HIS A 1 38  ? 9.934   -13.105 6.561   1.00 38.95  ? 38   HIS A NE2 1 
ATOM   303 N N   . GLY A 1 39  ? 4.552   -8.946  6.372   1.00 22.05  ? 39   GLY A N   1 
ATOM   304 C CA  . GLY A 1 39  ? 3.473   -8.009  6.660   1.00 21.58  ? 39   GLY A CA  1 
ATOM   305 C C   . GLY A 1 39  ? 3.145   -7.165  5.448   1.00 19.25  ? 39   GLY A C   1 
ATOM   306 O O   . GLY A 1 39  ? 4.058   -6.825  4.685   1.00 19.35  ? 39   GLY A O   1 
ATOM   307 N N   . TYR A 1 40  ? 1.862   -6.955  5.261   1.00 18.09  ? 40   TYR A N   1 
ATOM   308 C CA  . TYR A 1 40  ? 1.307   -6.215  4.109   1.00 19.29  ? 40   TYR A CA  1 
ATOM   309 C C   . TYR A 1 40  ? -0.077  -5.783  4.401   1.00 19.62  ? 40   TYR A C   1 
ATOM   310 O O   . TYR A 1 40  ? -1.030  -6.525  4.215   1.00 21.32  ? 40   TYR A O   1 
ATOM   311 C CB  . TYR A 1 40  ? 1.409   -7.045  2.832   1.00 18.05  ? 40   TYR A CB  1 
ATOM   312 C CG  . TYR A 1 40  ? 1.220   -6.321  1.562   1.00 19.38  ? 40   TYR A CG  1 
ATOM   313 C CD1 . TYR A 1 40  ? 2.266   -5.653  0.976   1.00 20.43  ? 40   TYR A CD1 1 
ATOM   314 C CD2 . TYR A 1 40  ? 0.000   -6.317  0.926   1.00 19.88  ? 40   TYR A CD2 1 
ATOM   315 C CE1 . TYR A 1 40  ? 2.084   -4.988  -0.221  1.00 19.51  ? 40   TYR A CE1 1 
ATOM   316 C CE2 . TYR A 1 40  ? -0.175  -5.698  -0.315  1.00 20.62  ? 40   TYR A CE2 1 
ATOM   317 C CZ  . TYR A 1 40  ? 0.888   -5.058  -0.861  1.00 20.44  ? 40   TYR A CZ  1 
ATOM   318 O OH  . TYR A 1 40  ? 0.732   -4.444  -2.074  1.00 22.59  ? 40   TYR A OH  1 
ATOM   319 N N   . ALA A 1 41  ? -0.222  -4.522  4.846   1.00 18.72  ? 41   ALA A N   1 
ATOM   320 C CA  . ALA A 1 41  ? -1.476  -4.024  5.362   1.00 19.64  ? 41   ALA A CA  1 
ATOM   321 C C   . ALA A 1 41  ? -1.789  -2.641  4.756   1.00 18.99  ? 41   ALA A C   1 
ATOM   322 O O   . ALA A 1 41  ? -1.045  -1.713  5.038   1.00 18.97  ? 41   ALA A O   1 
ATOM   323 C CB  . ALA A 1 41  ? -1.369  -3.924  6.883   1.00 20.59  ? 41   ALA A CB  1 
ATOM   324 N N   . PRO A 1 42  ? -2.857  -2.508  4.004   1.00 18.94  ? 42   PRO A N   1 
ATOM   325 C CA  . PRO A 1 42  ? -3.378  -1.196  3.592   1.00 18.34  ? 42   PRO A CA  1 
ATOM   326 C C   . PRO A 1 42  ? -4.182  -0.584  4.718   1.00 18.23  ? 42   PRO A C   1 
ATOM   327 O O   . PRO A 1 42  ? -5.036  -1.228  5.316   1.00 19.71  ? 42   PRO A O   1 
ATOM   328 C CB  . PRO A 1 42  ? -4.240  -1.504  2.346   1.00 20.70  ? 42   PRO A CB  1 
ATOM   329 C CG  . PRO A 1 42  ? -4.582  -2.911  2.508   1.00 22.16  ? 42   PRO A CG  1 
ATOM   330 C CD  . PRO A 1 42  ? -3.627  -3.618  3.377   1.00 21.29  ? 42   PRO A CD  1 
ATOM   331 N N   . MET A 1 43  ? -3.817  0.652   5.060   1.00 17.18  ? 43   MET A N   1 
ATOM   332 C CA  . MET A 1 43  ? -4.401  1.383   6.159   1.00 17.49  ? 43   MET A CA  1 
ATOM   333 C C   . MET A 1 43  ? -4.966  2.679   5.636   1.00 17.72  ? 43   MET A C   1 
ATOM   334 O O   . MET A 1 43  ? -4.476  3.260   4.646   1.00 17.55  ? 43   MET A O   1 
ATOM   335 C CB  . MET A 1 43  ? -3.305  1.674   7.199   1.00 17.49  ? 43   MET A CB  1 
ATOM   336 C CG  . MET A 1 43  ? -2.334  0.531   7.510   1.00 18.33  ? 43   MET A CG  1 
ATOM   337 S SD  . MET A 1 43  ? -3.266  -0.770  8.406   1.00 22.55  ? 43   MET A SD  1 
ATOM   338 C CE  . MET A 1 43  ? -3.622  0.031   9.933   1.00 22.08  ? 43   MET A CE  1 
ATOM   339 N N   . VAL A 1 44  ? -5.961  3.184   6.360   1.00 17.20  ? 44   VAL A N   1 
ATOM   340 C CA  . VAL A 1 44  ? -6.488  4.512   6.126   1.00 17.22  ? 44   VAL A CA  1 
ATOM   341 C C   . VAL A 1 44  ? -6.613  5.289   7.444   1.00 19.45  ? 44   VAL A C   1 
ATOM   342 O O   . VAL A 1 44  ? -6.662  4.700   8.514   1.00 18.60  ? 44   VAL A O   1 
ATOM   343 C CB  . VAL A 1 44  ? -7.857  4.474   5.476   1.00 16.75  ? 44   VAL A CB  1 
ATOM   344 C CG1 . VAL A 1 44  ? -7.703  3.936   4.029   1.00 19.74  ? 44   VAL A CG1 1 
ATOM   345 C CG2 . VAL A 1 44  ? -8.826  3.676   6.315   1.00 18.19  ? 44   VAL A CG2 1 
ATOM   346 N N   . ASP A 1 45  ? -6.690  6.606   7.311   1.00 21.96  ? 45   ASP A N   1 
ATOM   347 C CA  . ASP A 1 45  ? -6.824  7.462   8.478   1.00 23.49  ? 45   ASP A CA  1 
ATOM   348 C C   . ASP A 1 45  ? -8.104  7.152   9.173   1.00 26.93  ? 45   ASP A C   1 
ATOM   349 O O   . ASP A 1 45  ? -9.128  6.839   8.539   1.00 26.85  ? 45   ASP A O   1 
ATOM   350 C CB  . ASP A 1 45  ? -6.857  8.968   8.060   1.00 23.93  ? 45   ASP A CB  1 
ATOM   351 C CG  . ASP A 1 45  ? -5.611  9.425   7.552   1.00 22.37  ? 45   ASP A CG  1 
ATOM   352 O OD1 . ASP A 1 45  ? -4.626  9.203   8.250   1.00 22.59  ? 45   ASP A OD1 1 
ATOM   353 O OD2 . ASP A 1 45  ? -5.444  9.979   6.397   1.00 29.20  ? 45   ASP A OD2 1 
ATOM   354 N N   . CYS A 1 46  ? -8.072  7.284   10.491  1.00 27.70  ? 46   CYS A N   1 
ATOM   355 C CA  . CYS A 1 46  ? -9.272  7.084   11.264  1.00 31.05  ? 46   CYS A CA  1 
ATOM   356 C C   . CYS A 1 46  ? -9.409  8.320   12.160  1.00 30.52  ? 46   CYS A C   1 
ATOM   357 O O   . CYS A 1 46  ? -8.568  8.537   12.965  1.00 28.26  ? 46   CYS A O   1 
ATOM   358 C CB  . CYS A 1 46  ? -9.111  5.854   12.107  1.00 30.19  ? 46   CYS A CB  1 
ATOM   359 S SG  . CYS A 1 46  ? -10.746 5.250   12.640  1.00 42.89  ? 46   CYS A SG  1 
ATOM   360 N N   . ALA A 1 47  ? -10.480 9.084   11.993  1.00 33.08  ? 47   ALA A N   1 
ATOM   361 C CA  . ALA A 1 47  ? -10.627 10.373  12.683  1.00 34.89  ? 47   ALA A CA  1 
ATOM   362 C C   . ALA A 1 47  ? -10.891 10.144  14.164  1.00 36.69  ? 47   ALA A C   1 
ATOM   363 O O   . ALA A 1 47  ? -11.922 9.551   14.552  1.00 38.57  ? 47   ALA A O   1 
ATOM   364 C CB  . ALA A 1 47  ? -11.718 11.164  12.053  1.00 34.56  ? 47   ALA A CB  1 
ATOM   365 N N   . ALA A 1 48  ? -9.942  10.548  14.996  1.00 37.27  ? 48   ALA A N   1 
ATOM   366 C CA  . ALA A 1 48  ? -10.049 10.284  16.412  1.00 38.38  ? 48   ALA A CA  1 
ATOM   367 C C   . ALA A 1 48  ? -10.475 11.584  17.123  1.00 38.98  ? 48   ALA A C   1 
ATOM   368 O O   . ALA A 1 48  ? -10.592 11.593  18.320  1.00 40.16  ? 48   ALA A O   1 
ATOM   369 C CB  . ALA A 1 48  ? -8.751  9.724   16.964  1.00 38.07  ? 48   ALA A CB  1 
ATOM   370 N N   . GLY A 1 49  ? -10.726 12.667  16.378  1.00 40.08  ? 49   GLY A N   1 
ATOM   371 C CA  . GLY A 1 49  ? -11.053 13.965  16.979  1.00 40.66  ? 49   GLY A CA  1 
ATOM   372 C C   . GLY A 1 49  ? -10.035 14.455  18.022  1.00 41.23  ? 49   GLY A C   1 
ATOM   373 O O   . GLY A 1 49  ? -10.409 15.039  19.059  1.00 43.51  ? 49   GLY A O   1 
ATOM   374 N N   . VAL A 1 50  ? -8.753  14.196  17.778  1.00 39.19  ? 50   VAL A N   1 
ATOM   375 C CA  . VAL A 1 50  ? -7.688  14.766  18.577  1.00 37.42  ? 50   VAL A CA  1 
ATOM   376 C C   . VAL A 1 50  ? -6.926  15.778  17.767  1.00 36.34  ? 50   VAL A C   1 
ATOM   377 O O   . VAL A 1 50  ? -6.690  15.636  16.531  1.00 36.56  ? 50   VAL A O   1 
ATOM   378 C CB  . VAL A 1 50  ? -6.736  13.689  19.157  1.00 37.34  ? 50   VAL A CB  1 
ATOM   379 C CG1 . VAL A 1 50  ? -7.490  12.769  20.090  1.00 38.21  ? 50   VAL A CG1 1 
ATOM   380 C CG2 . VAL A 1 50  ? -6.066  12.845  18.080  1.00 36.04  ? 50   VAL A CG2 1 
ATOM   381 N N   . SER A 1 51  ? -6.475  16.799  18.463  1.00 33.17  ? 51   SER A N   1 
ATOM   382 C CA  . SER A 1 51  ? -5.884  17.938  17.814  1.00 32.82  ? 51   SER A CA  1 
ATOM   383 C C   . SER A 1 51  ? -4.530  17.611  17.155  1.00 30.55  ? 51   SER A C   1 
ATOM   384 O O   . SER A 1 51  ? -4.136  18.275  16.202  1.00 30.81  ? 51   SER A O   1 
ATOM   385 C CB  . SER A 1 51  ? -5.754  19.062  18.852  1.00 33.29  ? 51   SER A CB  1 
ATOM   386 O OG  . SER A 1 51  ? -4.749  18.722  19.800  1.00 38.09  ? 51   SER A OG  1 
ATOM   387 N N   . PHE A 1 52  ? -3.852  16.557  17.606  1.00 27.63  ? 52   PHE A N   1 
ATOM   388 C CA  . PHE A 1 52  ? -2.525  16.274  17.089  1.00 26.75  ? 52   PHE A CA  1 
ATOM   389 C C   . PHE A 1 52  ? -2.522  15.380  15.819  1.00 24.92  ? 52   PHE A C   1 
ATOM   390 O O   . PHE A 1 52  ? -1.490  15.238  15.147  1.00 25.35  ? 52   PHE A O   1 
ATOM   391 C CB  . PHE A 1 52  ? -1.610  15.705  18.193  1.00 26.61  ? 52   PHE A CB  1 
ATOM   392 C CG  . PHE A 1 52  ? -2.068  14.424  18.755  1.00 29.13  ? 52   PHE A CG  1 
ATOM   393 C CD1 . PHE A 1 52  ? -1.764  13.237  18.112  1.00 31.57  ? 52   PHE A CD1 1 
ATOM   394 C CD2 . PHE A 1 52  ? -2.807  14.374  19.916  1.00 30.82  ? 52   PHE A CD2 1 
ATOM   395 C CE1 . PHE A 1 52  ? -2.196  12.054  18.627  1.00 32.94  ? 52   PHE A CE1 1 
ATOM   396 C CE2 . PHE A 1 52  ? -3.264  13.179  20.423  1.00 33.83  ? 52   PHE A CE2 1 
ATOM   397 C CZ  . PHE A 1 52  ? -2.950  12.022  19.809  1.00 32.15  ? 52   PHE A CZ  1 
ATOM   398 N N   . GLN A 1 53  ? -3.691  14.879  15.452  1.00 24.19  ? 53   GLN A N   1 
ATOM   399 C CA  . GLN A 1 53  ? -3.801  13.992  14.281  1.00 23.12  ? 53   GLN A CA  1 
ATOM   400 C C   . GLN A 1 53  ? -3.867  14.787  12.956  1.00 22.88  ? 53   GLN A C   1 
ATOM   401 O O   . GLN A 1 53  ? -4.538  15.848  12.862  1.00 24.93  ? 53   GLN A O   1 
ATOM   402 C CB  . GLN A 1 53  ? -5.063  13.179  14.408  1.00 23.31  ? 53   GLN A CB  1 
ATOM   403 C CG  . GLN A 1 53  ? -5.329  12.373  13.248  1.00 24.10  ? 53   GLN A CG  1 
ATOM   404 C CD  . GLN A 1 53  ? -6.513  11.474  13.442  1.00 26.21  ? 53   GLN A CD  1 
ATOM   405 O OE1 . GLN A 1 53  ? -7.366  11.719  14.314  1.00 27.51  ? 53   GLN A OE1 1 
ATOM   406 N NE2 . GLN A 1 53  ? -6.588  10.426  12.623  1.00 24.58  ? 53   GLN A NE2 1 
ATOM   407 N N   . SER A 1 54  ? -3.173  14.318  11.932  1.00 21.65  ? 54   SER A N   1 
ATOM   408 C CA  . SER A 1 54  ? -3.302  14.788  10.564  1.00 23.24  ? 54   SER A CA  1 
ATOM   409 C C   . SER A 1 54  ? -3.926  13.735  9.737   1.00 25.38  ? 54   SER A C   1 
ATOM   410 O O   . SER A 1 54  ? -3.587  12.540  9.891   1.00 25.35  ? 54   SER A O   1 
ATOM   411 C CB  . SER A 1 54  ? -1.945  15.069  9.972   1.00 22.45  ? 54   SER A CB  1 
ATOM   412 O OG  . SER A 1 54  ? -1.305  16.119  10.699  1.00 27.78  ? 54   SER A OG  1 
ATOM   413 N N   . MET A 1 55  ? -4.853  14.117  8.885   1.00 25.60  ? 55   MET A N   1 
ATOM   414 C CA  . MET A 1 55  ? -5.542  13.173  7.990   1.00 27.15  ? 55   MET A CA  1 
ATOM   415 C C   . MET A 1 55  ? -5.449  13.551  6.543   1.00 27.83  ? 55   MET A C   1 
ATOM   416 O O   . MET A 1 55  ? -5.436  14.741  6.228   1.00 27.79  ? 55   MET A O   1 
ATOM   417 C CB  . MET A 1 55  ? -6.968  13.108  8.378   1.00 25.33  ? 55   MET A CB  1 
ATOM   418 C CG  . MET A 1 55  ? -7.097  12.621  9.773   1.00 29.76  ? 55   MET A CG  1 
ATOM   419 S SD  . MET A 1 55  ? -8.724  12.094  10.231  1.00 31.36  ? 55   MET A SD  1 
ATOM   420 C CE  . MET A 1 55  ? -9.446  11.383  8.891   1.00 38.57  ? 55   MET A CE  1 
ATOM   421 N N   . ALA A 1 56  ? -5.318  12.544  5.656   1.00 26.70  ? 56   ALA A N   1 
ATOM   422 C CA  . ALA A 1 56  ? -5.354  12.748  4.233   1.00 26.68  ? 56   ALA A CA  1 
ATOM   423 C C   . ALA A 1 56  ? -6.407  11.741  3.709   1.00 26.92  ? 56   ALA A C   1 
ATOM   424 O O   . ALA A 1 56  ? -6.065  10.562  3.495   1.00 27.28  ? 56   ALA A O   1 
ATOM   425 C CB  . ALA A 1 56  ? -3.920  12.527  3.615   1.00 27.29  ? 56   ALA A CB  1 
ATOM   426 N N   . PRO A 1 57  ? -7.670  12.140  3.500   1.00 26.04  ? 57   PRO A N   1 
ATOM   427 C CA  . PRO A 1 57  ? -8.705  11.201  3.039   1.00 26.20  ? 57   PRO A CA  1 
ATOM   428 C C   . PRO A 1 57  ? -8.406  10.561  1.697   1.00 25.39  ? 57   PRO A C   1 
ATOM   429 O O   . PRO A 1 57  ? -8.880  9.458   1.488   1.00 27.20  ? 57   PRO A O   1 
ATOM   430 C CB  . PRO A 1 57  ? -9.940  12.068  2.904   1.00 27.92  ? 57   PRO A CB  1 
ATOM   431 C CG  . PRO A 1 57  ? -9.711  13.080  3.981   1.00 29.06  ? 57   PRO A CG  1 
ATOM   432 C CD  . PRO A 1 57  ? -8.263  13.475  3.740   1.00 27.59  ? 57   PRO A CD  1 
ATOM   433 N N   . ASP A 1 58  ? -7.606  11.197  0.863   1.00 21.62  ? 58   ASP A N   1 
ATOM   434 C CA  . ASP A 1 58  ? -7.330  10.635  -0.465  1.00 22.85  ? 58   ASP A CA  1 
ATOM   435 C C   . ASP A 1 58  ? -6.022  9.906   -0.454  1.00 22.53  ? 58   ASP A C   1 
ATOM   436 O O   . ASP A 1 58  ? -5.137  10.152  -1.293  1.00 24.55  ? 58   ASP A O   1 
ATOM   437 C CB  . ASP A 1 58  ? -7.256  11.756  -1.504  1.00 23.46  ? 58   ASP A CB  1 
ATOM   438 C CG  . ASP A 1 58  ? -8.522  12.486  -1.635  1.00 26.72  ? 58   ASP A CG  1 
ATOM   439 O OD1 . ASP A 1 58  ? -9.587  11.858  -1.660  1.00 31.91  ? 58   ASP A OD1 1 
ATOM   440 O OD2 . ASP A 1 58  ? -8.539  13.731  -1.681  1.00 39.70  ? 58   ASP A OD2 1 
ATOM   441 N N   . SER A 1 59  ? -5.814  9.140   0.593   1.00 21.76  ? 59   SER A N   1 
ATOM   442 C CA  . SER A 1 59  ? -4.629  8.323   0.647   1.00 22.55  ? 59   SER A CA  1 
ATOM   443 C C   . SER A 1 59  ? -4.797  7.027   1.396   1.00 21.75  ? 59   SER A C   1 
ATOM   444 O O   . SER A 1 59  ? -5.680  6.894   2.270   1.00 21.50  ? 59   SER A O   1 
ATOM   445 C CB  . SER A 1 59  ? -3.489  9.095   1.200   1.00 25.29  ? 59   SER A CB  1 
ATOM   446 O OG  . SER A 1 59  ? -3.564  9.155   2.587   1.00 24.56  ? 59   SER A OG  1 
ATOM   447 N N   . ILE A 1 60  ? -3.990  6.072   0.972   1.00 17.75  ? 60   ILE A N   1 
ATOM   448 C CA  . ILE A 1 60  ? -3.896  4.734   1.595   1.00 17.40  ? 60   ILE A CA  1 
ATOM   449 C C   . ILE A 1 60  ? -2.437  4.595   1.979   1.00 16.56  ? 60   ILE A C   1 
ATOM   450 O O   . ILE A 1 60  ? -1.525  4.967   1.216   1.00 17.21  ? 60   ILE A O   1 
ATOM   451 C CB  . ILE A 1 60  ? -4.281  3.656   0.599   1.00 17.94  ? 60   ILE A CB  1 
ATOM   452 C CG1 . ILE A 1 60  ? -5.748  3.834   0.165   1.00 18.18  ? 60   ILE A CG1 1 
ATOM   453 C CG2 . ILE A 1 60  ? -3.899  2.254   1.161   1.00 18.79  ? 60   ILE A CG2 1 
ATOM   454 C CD1 . ILE A 1 60  ? -6.082  3.077   -1.117  1.00 20.52  ? 60   ILE A CD1 1 
ATOM   455 N N   . VAL A 1 61  ? -2.191  4.168   3.192   1.00 15.62  ? 61   VAL A N   1 
ATOM   456 C CA  . VAL A 1 61  ? -0.858  3.959   3.664   1.00 16.22  ? 61   VAL A CA  1 
ATOM   457 C C   . VAL A 1 61  ? -0.602  2.449   3.797   1.00 17.30  ? 61   VAL A C   1 
ATOM   458 O O   . VAL A 1 61  ? -1.316  1.745   4.524   1.00 17.04  ? 61   VAL A O   1 
ATOM   459 C CB  . VAL A 1 61  ? -0.617  4.620   5.039   1.00 17.00  ? 61   VAL A CB  1 
ATOM   460 C CG1 . VAL A 1 61  ? 0.784   4.299   5.541   1.00 18.89  ? 61   VAL A CG1 1 
ATOM   461 C CG2 . VAL A 1 61  ? -0.773  6.140   4.913   1.00 20.35  ? 61   VAL A CG2 1 
ATOM   462 N N   . MET A 1 62  ? 0.351   1.938   3.022   1.00 17.14  ? 62   MET A N   1 
ATOM   463 C CA  . MET A 1 62  ? 0.795   0.557   3.204   1.00 17.80  ? 62   MET A CA  1 
ATOM   464 C C   . MET A 1 62  ? 1.898   0.431   4.239   1.00 17.03  ? 62   MET A C   1 
ATOM   465 O O   . MET A 1 62  ? 2.925   1.134   4.149   1.00 18.64  ? 62   MET A O   1 
ATOM   466 C CB  . MET A 1 62  ? 1.401   0.019   1.902   1.00 17.77  ? 62   MET A CB  1 
ATOM   467 C CG  . MET A 1 62  ? 0.518   0.154   0.737   1.00 21.51  ? 62   MET A CG  1 
ATOM   468 S SD  . MET A 1 62  ? -1.042  -0.567  0.813   1.00 25.45  ? 62   MET A SD  1 
ATOM   469 C CE  . MET A 1 62  ? -0.638  -2.283  1.139   1.00 23.83  ? 62   MET A CE  1 
ATOM   470 N N   . ILE A 1 63  ? 1.744   -0.561  5.150   1.00 16.73  ? 63   ILE A N   1 
ATOM   471 C CA  . ILE A 1 63  ? 2.770   -0.931  6.046   1.00 15.98  ? 63   ILE A CA  1 
ATOM   472 C C   . ILE A 1 63  ? 3.131   -2.373  5.745   1.00 17.21  ? 63   ILE A C   1 
ATOM   473 O O   . ILE A 1 63  ? 2.242   -3.221  5.770   1.00 17.07  ? 63   ILE A O   1 
ATOM   474 C CB  . ILE A 1 63  ? 2.306   -0.784  7.549   1.00 18.93  ? 63   ILE A CB  1 
ATOM   475 C CG1 . ILE A 1 63  ? 1.745   0.614   7.785   1.00 21.06  ? 63   ILE A CG1 1 
ATOM   476 C CG2 . ILE A 1 63  ? 3.482   -1.093  8.485   1.00 19.50  ? 63   ILE A CG2 1 
ATOM   477 C CD1 . ILE A 1 63  ? 1.243   0.814   9.195   1.00 24.16  ? 63   ILE A CD1 1 
ATOM   478 N N   . GLU A 1 64  ? 4.395   -2.579  5.436   1.00 17.16  ? 64   GLU A N   1 
ATOM   479 C CA  . GLU A 1 64  ? 4.890   -3.888  4.940   1.00 17.96  ? 64   GLU A CA  1 
ATOM   480 C C   . GLU A 1 64  ? 6.233   -4.240  5.555   1.00 18.43  ? 64   GLU A C   1 
ATOM   481 O O   . GLU A 1 64  ? 7.016   -3.383  5.958   1.00 18.82  ? 64   GLU A O   1 
ATOM   482 C CB  . GLU A 1 64  ? 5.117   -3.767  3.438   1.00 16.94  ? 64   GLU A CB  1 
ATOM   483 C CG  . GLU A 1 64  ? 4.210   -2.833  2.694   1.00 19.16  ? 64   GLU A CG  1 
ATOM   484 C CD  . GLU A 1 64  ? 4.455   -2.803  1.189   1.00 22.52  ? 64   GLU A CD  1 
ATOM   485 O OE1 . GLU A 1 64  ? 5.214   -3.622  0.610   1.00 19.24  ? 64   GLU A OE1 1 
ATOM   486 O OE2 . GLU A 1 64  ? 3.843   -1.902  0.569   1.00 21.86  ? 64   GLU A OE2 1 
ATOM   487 N N   . GLN A 1 65  ? 6.550   -5.536  5.604   1.00 19.13  ? 65   GLN A N   1 
ATOM   488 C CA  . GLN A 1 65  ? 7.843   -6.009  5.970   1.00 20.55  ? 65   GLN A CA  1 
ATOM   489 C C   . GLN A 1 65  ? 8.272   -7.083  4.978   1.00 17.69  ? 65   GLN A C   1 
ATOM   490 O O   . GLN A 1 65  ? 7.463   -7.928  4.616   1.00 20.23  ? 65   GLN A O   1 
ATOM   491 C CB  . GLN A 1 65  ? 7.775   -6.665  7.346   1.00 22.64  ? 65   GLN A CB  1 
ATOM   492 C CG  . GLN A 1 65  ? 7.641   -5.624  8.499   1.00 27.31  ? 65   GLN A CG  1 
ATOM   493 C CD  . GLN A 1 65  ? 7.668   -6.352  9.850   1.00 37.91  ? 65   GLN A CD  1 
ATOM   494 O OE1 . GLN A 1 65  ? 8.593   -6.170  10.628  1.00 44.31  ? 65   GLN A OE1 1 
ATOM   495 N NE2 . GLN A 1 65  ? 6.676   -7.212  10.085  1.00 40.46  ? 65   GLN A NE2 1 
ATOM   496 N N   . TRP A 1 66  ? 9.475   -6.897  4.508   1.00 19.33  ? 66   TRP A N   1 
ATOM   497 C CA  . TRP A 1 66  ? 10.139  -7.798  3.544   1.00 20.30  ? 66   TRP A CA  1 
ATOM   498 C C   . TRP A 1 66  ? 11.498  -8.234  4.074   1.00 21.06  ? 66   TRP A C   1 
ATOM   499 O O   . TRP A 1 66  ? 12.337  -7.485  4.651   1.00 20.63  ? 66   TRP A O   1 
ATOM   500 C CB  . TRP A 1 66  ? 10.260  -7.087  2.159   1.00 18.08  ? 66   TRP A CB  1 
ATOM   501 C CG  . TRP A 1 66  ? 8.975   -6.816  1.573   1.00 20.39  ? 66   TRP A CG  1 
ATOM   502 C CD1 . TRP A 1 66  ? 8.227   -5.651  1.701   1.00 19.92  ? 66   TRP A CD1 1 
ATOM   503 C CD2 . TRP A 1 66  ? 8.150   -7.729  0.815   1.00 18.37  ? 66   TRP A CD2 1 
ATOM   504 N NE1 . TRP A 1 66  ? 7.042   -5.795  1.044   1.00 19.11  ? 66   TRP A NE1 1 
ATOM   505 C CE2 . TRP A 1 66  ? 6.951   -7.063  0.506   1.00 19.07  ? 66   TRP A CE2 1 
ATOM   506 C CE3 . TRP A 1 66  ? 8.300   -9.059  0.364   1.00 20.80  ? 66   TRP A CE3 1 
ATOM   507 C CZ2 . TRP A 1 66  ? 5.915   -7.667  -0.194  1.00 20.91  ? 66   TRP A CZ2 1 
ATOM   508 C CZ3 . TRP A 1 66  ? 7.306   -9.623  -0.360  1.00 22.86  ? 66   TRP A CZ3 1 
ATOM   509 C CH2 . TRP A 1 66  ? 6.107   -8.962  -0.628  1.00 21.79  ? 66   TRP A CH2 1 
ATOM   510 N N   . GLU A 1 67  ? 11.830  -9.497  3.785   1.00 22.75  ? 67   GLU A N   1 
ATOM   511 C CA  . GLU A 1 67  ? 13.072  -9.989  4.278   1.00 24.31  ? 67   GLU A CA  1 
ATOM   512 C C   . GLU A 1 67  ? 14.308  -9.328  3.677   1.00 23.61  ? 67   GLU A C   1 
ATOM   513 O O   . GLU A 1 67  ? 15.355  -9.236  4.336   1.00 24.78  ? 67   GLU A O   1 
ATOM   514 C CB  . GLU A 1 67  ? 13.109  -11.517 4.083   1.00 25.98  ? 67   GLU A CB  1 
ATOM   515 C CG  . GLU A 1 67  ? 12.144  -12.272 4.974   1.00 32.97  ? 67   GLU A CG  1 
ATOM   516 C CD  . GLU A 1 67  ? 12.302  -13.797 4.907   1.00 37.74  ? 67   GLU A CD  1 
ATOM   517 O OE1 . GLU A 1 67  ? 13.438  -14.243 4.677   1.00 43.90  ? 67   GLU A OE1 1 
ATOM   518 O OE2 . GLU A 1 67  ? 11.288  -14.516 5.043   1.00 39.02  ? 67   GLU A OE2 1 
ATOM   519 N N   . SER A 1 68  ? 14.225  -8.889  2.419   1.00 22.16  ? 68   SER A N   1 
ATOM   520 C CA  . SER A 1 68  ? 15.335  -8.231  1.750   1.00 22.39  ? 68   SER A CA  1 
ATOM   521 C C   . SER A 1 68  ? 14.838  -7.405  0.617   1.00 21.22  ? 68   SER A C   1 
ATOM   522 O O   . SER A 1 68  ? 13.685  -7.538  0.217   1.00 22.24  ? 68   SER A O   1 
ATOM   523 C CB  . SER A 1 68  ? 16.320  -9.299  1.158   1.00 22.95  ? 68   SER A CB  1 
ATOM   524 O OG  . SER A 1 68  ? 15.756  -9.854  -0.011  1.00 24.27  ? 68   SER A OG  1 
ATOM   525 N N   . ILE A 1 69  ? 15.695  -6.574  0.078   1.00 21.32  ? 69   ILE A N   1 
ATOM   526 C CA  . ILE A 1 69  ? 15.389  -5.827  -1.128  1.00 22.64  ? 69   ILE A CA  1 
ATOM   527 C C   . ILE A 1 69  ? 15.063  -6.718  -2.336  1.00 23.29  ? 69   ILE A C   1 
ATOM   528 O O   . ILE A 1 69  ? 14.151  -6.428  -3.088  1.00 21.48  ? 69   ILE A O   1 
ATOM   529 C CB  . ILE A 1 69  ? 16.475  -4.799  -1.449  1.00 23.92  ? 69   ILE A CB  1 
ATOM   530 C CG1 . ILE A 1 69  ? 16.031  -3.850  -2.560  1.00 25.43  ? 69   ILE A CG1 1 
ATOM   531 C CG2 . ILE A 1 69  ? 17.783  -5.420  -1.922  1.00 27.89  ? 69   ILE A CG2 1 
ATOM   532 C CD1 . ILE A 1 69  ? 14.807  -3.029  -2.221  1.00 29.08  ? 69   ILE A CD1 1 
ATOM   533 N N   . ALA A 1 70  ? 15.819  -7.799  -2.516  1.00 23.23  ? 70   ALA A N   1 
ATOM   534 C CA  . ALA A 1 70  ? 15.433  -8.769  -3.559  1.00 23.25  ? 70   ALA A CA  1 
ATOM   535 C C   . ALA A 1 70  ? 14.007  -9.281  -3.478  1.00 21.36  ? 70   ALA A C   1 
ATOM   536 O O   . ALA A 1 70  ? 13.338  -9.431  -4.524  1.00 21.82  ? 70   ALA A O   1 
ATOM   537 C CB  . ALA A 1 70  ? 16.423  -9.943  -3.575  1.00 24.49  ? 70   ALA A CB  1 
ATOM   538 N N   . HIS A 1 71  ? 13.533  -9.546  -2.263  1.00 21.33  ? 71   HIS A N   1 
ATOM   539 C CA  . HIS A 1 71  ? 12.181  -10.030 -2.072  1.00 21.10  ? 71   HIS A CA  1 
ATOM   540 C C   . HIS A 1 71  ? 11.130  -8.966  -2.415  1.00 20.38  ? 71   HIS A C   1 
ATOM   541 O O   . HIS A 1 71  ? 10.127  -9.245  -3.046  1.00 19.23  ? 71   HIS A O   1 
ATOM   542 C CB  . HIS A 1 71  ? 11.964  -10.530 -0.686  1.00 22.15  ? 71   HIS A CB  1 
ATOM   543 C CG  . HIS A 1 71  ? 12.726  -11.791 -0.353  1.00 24.53  ? 71   HIS A CG  1 
ATOM   544 N ND1 . HIS A 1 71  ? 12.127  -13.022 -0.258  1.00 32.75  ? 71   HIS A ND1 1 
ATOM   545 C CD2 . HIS A 1 71  ? 14.016  -11.977 -0.032  1.00 24.41  ? 71   HIS A CD2 1 
ATOM   546 C CE1 . HIS A 1 71  ? 13.035  -13.932 0.077   1.00 26.30  ? 71   HIS A CE1 1 
ATOM   547 N NE2 . HIS A 1 71  ? 14.186  -13.329 0.217   1.00 27.82  ? 71   HIS A NE2 1 
ATOM   548 N N   . LEU A 1 72  ? 11.392  -7.725  -2.002  1.00 19.70  ? 72   LEU A N   1 
ATOM   549 C CA  . LEU A 1 72  ? 10.547  -6.628  -2.404  1.00 19.48  ? 72   LEU A CA  1 
ATOM   550 C C   . LEU A 1 72  ? 10.520  -6.416  -3.920  1.00 19.13  ? 72   LEU A C   1 
ATOM   551 O O   . LEU A 1 72  ? 9.459   -6.203  -4.519  1.00 20.44  ? 72   LEU A O   1 
ATOM   552 C CB  . LEU A 1 72  ? 11.030  -5.336  -1.692  1.00 20.90  ? 72   LEU A CB  1 
ATOM   553 C CG  . LEU A 1 72  ? 10.228  -4.097  -2.066  1.00 19.61  ? 72   LEU A CG  1 
ATOM   554 C CD1 . LEU A 1 72  ? 8.763   -4.194  -1.838  1.00 20.27  ? 72   LEU A CD1 1 
ATOM   555 C CD2 . LEU A 1 72  ? 10.878  -2.909  -1.318  1.00 21.80  ? 72   LEU A CD2 1 
ATOM   556 N N   . GLU A 1 73  ? 11.682  -6.394  -4.533  1.00 20.67  ? 73   GLU A N   1 
ATOM   557 C CA  . GLU A 1 73  ? 11.769  -6.227  -5.982  1.00 22.18  ? 73   GLU A CA  1 
ATOM   558 C C   . GLU A 1 73  ? 11.011  -7.354  -6.737  1.00 21.87  ? 73   GLU A C   1 
ATOM   559 O O   . GLU A 1 73  ? 10.307  -7.095  -7.694  1.00 21.68  ? 73   GLU A O   1 
ATOM   560 C CB  . GLU A 1 73  ? 13.188  -6.138  -6.448  1.00 23.51  ? 73   GLU A CB  1 
ATOM   561 C CG  . GLU A 1 73  ? 13.769  -4.795  -6.017  1.00 26.67  ? 73   GLU A CG  1 
ATOM   562 C CD  . GLU A 1 73  ? 15.184  -4.532  -6.431  1.00 36.07  ? 73   GLU A CD  1 
ATOM   563 O OE1 . GLU A 1 73  ? 16.048  -5.432  -6.239  1.00 41.48  ? 73   GLU A OE1 1 
ATOM   564 O OE2 . GLU A 1 73  ? 15.404  -3.402  -6.925  1.00 40.36  ? 73   GLU A OE2 1 
ATOM   565 N N   . ALA A 1 74  ? 11.128  -8.580  -6.262  1.00 21.02  ? 74   ALA A N   1 
ATOM   566 C CA  . ALA A 1 74  ? 10.368  -9.708  -6.839  1.00 22.40  ? 74   ALA A CA  1 
ATOM   567 C C   . ALA A 1 74  ? 8.888   -9.512  -6.719  1.00 22.29  ? 74   ALA A C   1 
ATOM   568 O O   . ALA A 1 74  ? 8.118   -9.743  -7.644  1.00 23.63  ? 74   ALA A O   1 
ATOM   569 C CB  . ALA A 1 74  ? 10.767  -11.003 -6.155  1.00 22.68  ? 74   ALA A CB  1 
ATOM   570 N N   . HIS A 1 75  ? 8.463   -9.047  -5.537  1.00 21.25  ? 75   HIS A N   1 
ATOM   571 C CA  . HIS A 1 75  ? 7.089   -8.674  -5.292  1.00 21.61  ? 75   HIS A CA  1 
ATOM   572 C C   . HIS A 1 75  ? 6.527   -7.766  -6.388  1.00 20.67  ? 75   HIS A C   1 
ATOM   573 O O   . HIS A 1 75  ? 5.438   -7.972  -6.871  1.00 21.85  ? 75   HIS A O   1 
ATOM   574 C CB  . HIS A 1 75  ? 6.990   -7.975  -3.898  1.00 21.69  ? 75   HIS A CB  1 
ATOM   575 C CG  . HIS A 1 75  ? 5.678   -7.299  -3.675  1.00 18.71  ? 75   HIS A CG  1 
ATOM   576 N ND1 . HIS A 1 75  ? 5.528   -5.921  -3.647  1.00 23.42  ? 75   HIS A ND1 1 
ATOM   577 C CD2 . HIS A 1 75  ? 4.448   -7.814  -3.479  1.00 17.24  ? 75   HIS A CD2 1 
ATOM   578 C CE1 . HIS A 1 75  ? 4.242   -5.649  -3.484  1.00 18.15  ? 75   HIS A CE1 1 
ATOM   579 N NE2 . HIS A 1 75  ? 3.575   -6.781  -3.344  1.00 24.01  ? 75   HIS A NE2 1 
ATOM   580 N N   . LEU A 1 76  ? 7.309   -6.783  -6.809  1.00 21.83  ? 76   LEU A N   1 
ATOM   581 C CA  . LEU A 1 76  ? 6.832   -5.774  -7.716  1.00 21.57  ? 76   LEU A CA  1 
ATOM   582 C C   . LEU A 1 76  ? 6.619   -6.340  -9.122  1.00 22.90  ? 76   LEU A C   1 
ATOM   583 O O   . LEU A 1 76  ? 5.871   -5.784  -9.892  1.00 23.11  ? 76   LEU A O   1 
ATOM   584 C CB  . LEU A 1 76  ? 7.816   -4.640  -7.768  1.00 22.35  ? 76   LEU A CB  1 
ATOM   585 C CG  . LEU A 1 76  ? 7.917   -3.874  -6.427  1.00 25.02  ? 76   LEU A CG  1 
ATOM   586 C CD1 . LEU A 1 76  ? 9.016   -2.856  -6.469  1.00 28.89  ? 76   LEU A CD1 1 
ATOM   587 C CD2 . LEU A 1 76  ? 6.583   -3.316  -6.044  1.00 29.59  ? 76   LEU A CD2 1 
ATOM   588 N N   . GLN A 1 77  ? 7.260   -7.452  -9.416  1.00 23.39  ? 77   GLN A N   1 
ATOM   589 C CA  . GLN A 1 77  ? 7.131   -8.086  -10.758 1.00 24.23  ? 77   GLN A CA  1 
ATOM   590 C C   . GLN A 1 77  ? 6.107   -9.210  -10.840 1.00 25.22  ? 77   GLN A C   1 
ATOM   591 O O   . GLN A 1 77  ? 5.940   -9.840  -11.931 1.00 26.03  ? 77   GLN A O   1 
ATOM   592 C CB  . GLN A 1 77  ? 8.492   -8.625  -11.168 1.00 25.84  ? 77   GLN A CB  1 
ATOM   593 C CG  . GLN A 1 77  ? 9.569   -7.613  -11.369 1.00 28.46  ? 77   GLN A CG  1 
ATOM   594 C CD  . GLN A 1 77  ? 9.134   -6.406  -12.194 1.00 34.37  ? 77   GLN A CD  1 
ATOM   595 O OE1 . GLN A 1 77  ? 9.300   -5.254  -11.764 1.00 41.31  ? 77   GLN A OE1 1 
ATOM   596 N NE2 . GLN A 1 77  ? 8.577   -6.660  -13.372 1.00 36.77  ? 77   GLN A NE2 1 
ATOM   597 N N   . THR A 1 78  ? 5.423   -9.520  -9.757  1.00 23.65  ? 78   THR A N   1 
ATOM   598 C CA  . THR A 1 78  ? 4.456   -10.615 -9.716  1.00 23.72  ? 78   THR A CA  1 
ATOM   599 C C   . THR A 1 78  ? 3.242   -10.258 -10.522 1.00 23.85  ? 78   THR A C   1 
ATOM   600 O O   . THR A 1 78  ? 2.920   -9.086  -10.682 1.00 22.80  ? 78   THR A O   1 
ATOM   601 C CB  . THR A 1 78  ? 4.011   -10.986 -8.278  1.00 23.73  ? 78   THR A CB  1 
ATOM   602 O OG1 . THR A 1 78  ? 3.438   -9.816  -7.643  1.00 25.01  ? 78   THR A OG1 1 
ATOM   603 C CG2 . THR A 1 78  ? 5.172   -11.503 -7.413  1.00 22.26  ? 78   THR A CG2 1 
ATOM   604 N N   . PRO A 1 79  ? 2.523   -11.262 -11.053 1.00 23.88  ? 79   PRO A N   1 
ATOM   605 C CA  . PRO A 1 79  ? 1.340   -10.932 -11.854 1.00 23.34  ? 79   PRO A CA  1 
ATOM   606 C C   . PRO A 1 79  ? 0.270   -10.256 -11.054 1.00 21.51  ? 79   PRO A C   1 
ATOM   607 O O   . PRO A 1 79  ? -0.446  -9.456  -11.623 1.00 23.81  ? 79   PRO A O   1 
ATOM   608 C CB  . PRO A 1 79  ? 0.867   -12.316 -12.409 1.00 23.48  ? 79   PRO A CB  1 
ATOM   609 C CG  . PRO A 1 79  ? 1.401   -13.310 -11.452 1.00 24.28  ? 79   PRO A CG  1 
ATOM   610 C CD  . PRO A 1 79  ? 2.751   -12.720 -10.951 1.00 26.99  ? 79   PRO A CD  1 
ATOM   611 N N   . HIS A 1 80  ? 0.123   -10.584 -9.771  1.00 22.84  ? 80   HIS A N   1 
ATOM   612 C CA  . HIS A 1 80  ? -0.947  -9.922  -9.004  1.00 23.01  ? 80   HIS A CA  1 
ATOM   613 C C   . HIS A 1 80  ? -0.623  -8.432  -8.932  1.00 22.79  ? 80   HIS A C   1 
ATOM   614 O O   . HIS A 1 80  ? -1.537  -7.649  -8.952  1.00 23.07  ? 80   HIS A O   1 
ATOM   615 C CB  . HIS A 1 80  ? -1.217  -10.532 -7.633  1.00 22.61  ? 80   HIS A CB  1 
ATOM   616 C CG  . HIS A 1 80  ? -0.012  -10.856 -6.840  1.00 23.65  ? 80   HIS A CG  1 
ATOM   617 N ND1 . HIS A 1 80  ? 0.437   -10.071 -5.785  1.00 25.63  ? 80   HIS A ND1 1 
ATOM   618 C CD2 . HIS A 1 80  ? 0.802   -11.922 -6.878  1.00 21.99  ? 80   HIS A CD2 1 
ATOM   619 C CE1 . HIS A 1 80  ? 1.521   -10.613 -5.282  1.00 23.49  ? 80   HIS A CE1 1 
ATOM   620 N NE2 . HIS A 1 80  ? 1.777   -11.738 -5.937  1.00 29.66  ? 80   HIS A NE2 1 
ATOM   621 N N   . MET A 1 81  ? 0.659   -8.050  -8.875  1.00 24.09  ? 81   MET A N   1 
ATOM   622 C CA  . MET A 1 81  ? 0.990   -6.588  -8.763  1.00 23.76  ? 81   MET A CA  1 
ATOM   623 C C   . MET A 1 81  ? 0.894   -5.869  -10.089 1.00 24.55  ? 81   MET A C   1 
ATOM   624 O O   . MET A 1 81  ? 0.372   -4.786  -10.156 1.00 23.38  ? 81   MET A O   1 
ATOM   625 C CB  . MET A 1 81  ? 2.301   -6.287  -8.040  1.00 23.49  ? 81   MET A CB  1 
ATOM   626 C CG  . MET A 1 81  ? 2.361   -6.854  -6.655  1.00 25.66  ? 81   MET A CG  1 
ATOM   627 S SD  . MET A 1 81  ? 1.037   -6.398  -5.547  1.00 23.80  ? 81   MET A SD  1 
ATOM   628 C CE  . MET A 1 81  ? -0.331  -7.020  -6.042  1.00 36.70  ? 81   MET A CE  1 
ATOM   629 N N   . LYS A 1 82  ? 1.313   -6.529  -11.189 1.00 23.96  ? 82   LYS A N   1 
ATOM   630 C CA  . LYS A 1 82  ? 1.036   -6.019  -12.519 1.00 25.55  ? 82   LYS A CA  1 
ATOM   631 C C   . LYS A 1 82  ? -0.466  -5.876  -12.784 1.00 23.16  ? 82   LYS A C   1 
ATOM   632 O O   . LYS A 1 82  ? -0.889  -4.841  -13.272 1.00 23.70  ? 82   LYS A O   1 
ATOM   633 C CB  . LYS A 1 82  ? 1.768   -6.888  -13.567 1.00 25.64  ? 82   LYS A CB  1 
ATOM   634 C CG  . LYS A 1 82  ? 3.285   -6.869  -13.515 1.00 30.21  ? 82   LYS A CG  1 
ATOM   635 C CD  . LYS A 1 82  ? 3.903   -7.879  -14.499 1.00 36.62  ? 82   LYS A CD  1 
ATOM   636 C CE  . LYS A 1 82  ? 5.434   -7.809  -14.543 1.00 37.77  ? 82   LYS A CE  1 
ATOM   637 N NZ  . LYS A 1 82  ? 5.914   -6.407  -14.846 1.00 43.36  ? 82   LYS A NZ  1 
ATOM   638 N N   . ALA A 1 83  ? -1.319  -6.848  -12.360 1.00 24.30  ? 83   ALA A N   1 
ATOM   639 C CA  . ALA A 1 83  ? -2.745  -6.738  -12.516 1.00 23.89  ? 83   ALA A CA  1 
ATOM   640 C C   . ALA A 1 83  ? -3.353  -5.623  -11.680 1.00 23.67  ? 83   ALA A C   1 
ATOM   641 O O   . ALA A 1 83  ? -4.247  -4.941  -12.108 1.00 23.48  ? 83   ALA A O   1 
ATOM   642 C CB  . ALA A 1 83  ? -3.446  -8.067  -12.153 1.00 25.21  ? 83   ALA A CB  1 
ATOM   643 N N   . TYR A 1 84  ? -2.831  -5.478  -10.467 1.00 24.81  ? 84   TYR A N   1 
ATOM   644 C CA  . TYR A 1 84  ? -3.212  -4.388  -9.554  1.00 24.06  ? 84   TYR A CA  1 
ATOM   645 C C   . TYR A 1 84  ? -2.927  -3.038  -10.219 1.00 23.24  ? 84   TYR A C   1 
ATOM   646 O O   . TYR A 1 84  ? -3.803  -2.189  -10.311 1.00 23.94  ? 84   TYR A O   1 
ATOM   647 C CB  . TYR A 1 84  ? -2.484  -4.553  -8.201  1.00 24.51  ? 84   TYR A CB  1 
ATOM   648 C CG  . TYR A 1 84  ? -2.462  -3.238  -7.428  1.00 22.85  ? 84   TYR A CG  1 
ATOM   649 C CD1 . TYR A 1 84  ? -3.507  -2.897  -6.560  1.00 22.58  ? 84   TYR A CD1 1 
ATOM   650 C CD2 . TYR A 1 84  ? -1.423  -2.343  -7.601  1.00 24.57  ? 84   TYR A CD2 1 
ATOM   651 C CE1 . TYR A 1 84  ? -3.503  -1.621  -5.898  1.00 24.40  ? 84   TYR A CE1 1 
ATOM   652 C CE2 . TYR A 1 84  ? -1.429  -1.081  -6.933  1.00 22.08  ? 84   TYR A CE2 1 
ATOM   653 C CZ  . TYR A 1 84  ? -2.475  -0.756  -6.110  1.00 22.29  ? 84   TYR A CZ  1 
ATOM   654 O OH  . TYR A 1 84  ? -2.481  0.475   -5.457  1.00 21.77  ? 84   TYR A OH  1 
ATOM   655 N N   . SER A 1 85  ? -1.728  -2.855  -10.728 1.00 25.51  ? 85   SER A N   1 
ATOM   656 C CA  . SER A 1 85  ? -1.314  -1.572  -11.302 1.00 26.93  ? 85   SER A CA  1 
ATOM   657 C C   . SER A 1 85  ? -2.173  -1.181  -12.484 1.00 28.17  ? 85   SER A C   1 
ATOM   658 O O   . SER A 1 85  ? -2.601  -0.034  -12.629 1.00 26.89  ? 85   SER A O   1 
ATOM   659 C CB  . SER A 1 85  ? 0.146   -1.586  -11.703 1.00 28.70  ? 85   SER A CB  1 
ATOM   660 O OG  . SER A 1 85  ? 0.960   -1.701  -10.562 1.00 32.93  ? 85   SER A OG  1 
ATOM   661 N N   . GLU A 1 86  ? -2.476  -2.162  -13.346 1.00 26.97  ? 86   GLU A N   1 
ATOM   662 C CA  . GLU A 1 86  ? -3.383  -1.907  -14.438 1.00 26.83  ? 86   GLU A CA  1 
ATOM   663 C C   . GLU A 1 86  ? -4.773  -1.524  -13.955 1.00 25.70  ? 86   GLU A C   1 
ATOM   664 O O   . GLU A 1 86  ? -5.384  -0.604  -14.483 1.00 27.03  ? 86   GLU A O   1 
ATOM   665 C CB  . GLU A 1 86  ? -3.402  -3.119  -15.409 1.00 27.53  ? 86   GLU A CB  1 
ATOM   666 C CG  . GLU A 1 86  ? -4.397  -2.928  -16.536 1.00 31.86  ? 86   GLU A CG  1 
ATOM   667 C CD  . GLU A 1 86  ? -3.961  -1.883  -17.575 1.00 34.84  ? 86   GLU A CD  1 
ATOM   668 O OE1 . GLU A 1 86  ? -2.750  -1.548  -17.669 1.00 38.76  ? 86   GLU A OE1 1 
ATOM   669 O OE2 . GLU A 1 86  ? -4.864  -1.410  -18.295 1.00 42.83  ? 86   GLU A OE2 1 
ATOM   670 N N   . ALA A 1 87  ? -5.283  -2.210  -12.929 1.00 25.43  ? 87   ALA A N   1 
ATOM   671 C CA  . ALA A 1 87  ? -6.619  -2.006  -12.429 1.00 24.70  ? 87   ALA A CA  1 
ATOM   672 C C   . ALA A 1 87  ? -6.811  -0.612  -11.795 1.00 25.82  ? 87   ALA A C   1 
ATOM   673 O O   . ALA A 1 87  ? -7.881  -0.037  -11.837 1.00 27.75  ? 87   ALA A O   1 
ATOM   674 C CB  . ALA A 1 87  ? -6.974  -3.104  -11.429 1.00 26.03  ? 87   ALA A CB  1 
ATOM   675 N N   . VAL A 1 88  ? -5.750  -0.049  -11.241 1.00 24.28  ? 88   VAL A N   1 
ATOM   676 C CA  . VAL A 1 88  ? -5.887  1.204   -10.488 1.00 24.93  ? 88   VAL A CA  1 
ATOM   677 C C   . VAL A 1 88  ? -5.336  2.408   -11.202 1.00 24.85  ? 88   VAL A C   1 
ATOM   678 O O   . VAL A 1 88  ? -5.280  3.517   -10.650 1.00 25.02  ? 88   VAL A O   1 
ATOM   679 C CB  . VAL A 1 88  ? -5.221  1.101   -9.056  1.00 23.09  ? 88   VAL A CB  1 
ATOM   680 C CG1 . VAL A 1 88  ? -5.809  -0.055  -8.248  1.00 25.08  ? 88   VAL A CG1 1 
ATOM   681 C CG2 . VAL A 1 88  ? -3.695  1.011   -9.127  1.00 24.80  ? 88   VAL A CG2 1 
ATOM   682 N N   . LYS A 1 89  ? -4.925  2.238   -12.451 1.00 25.89  ? 89   LYS A N   1 
ATOM   683 C CA  . LYS A 1 89  ? -4.257  3.327   -13.176 1.00 26.29  ? 89   LYS A CA  1 
ATOM   684 C C   . LYS A 1 89  ? -5.026  4.630   -13.319 1.00 26.12  ? 89   LYS A C   1 
ATOM   685 O O   . LYS A 1 89  ? -4.409  5.693   -13.472 1.00 27.71  ? 89   LYS A O   1 
ATOM   686 C CB  . LYS A 1 89  ? -3.779  2.855   -14.552 1.00 27.72  ? 89   LYS A CB  1 
ATOM   687 C CG  . LYS A 1 89  ? -4.869  2.491   -15.481 1.00 29.65  ? 89   LYS A CG  1 
ATOM   688 C CD  . LYS A 1 89  ? -4.250  1.780   -16.674 1.00 33.87  ? 89   LYS A CD  1 
ATOM   689 C CE  . LYS A 1 89  ? -5.166  1.777   -17.876 1.00 36.74  ? 89   LYS A CE  1 
ATOM   690 N NZ  . LYS A 1 89  ? -4.377  1.134   -19.001 1.00 39.38  ? 89   LYS A NZ  1 
ATOM   691 N N   . GLY A 1 90  ? -6.355  4.573   -13.276 1.00 24.98  ? 90   GLY A N   1 
ATOM   692 C CA  . GLY A 1 90  ? -7.192  5.772   -13.363 1.00 25.69  ? 90   GLY A CA  1 
ATOM   693 C C   . GLY A 1 90  ? -7.611  6.321   -11.999 1.00 25.03  ? 90   GLY A C   1 
ATOM   694 O O   . GLY A 1 90  ? -8.333  7.307   -11.902 1.00 26.48  ? 90   GLY A O   1 
ATOM   695 N N   . ASP A 1 91  ? -7.166  5.646   -10.928 1.00 25.47  ? 91   ASP A N   1 
ATOM   696 C CA  . ASP A 1 91  ? -7.538  5.977   -9.552  1.00 23.86  ? 91   ASP A CA  1 
ATOM   697 C C   . ASP A 1 91  ? -6.377  6.553   -8.764  1.00 22.30  ? 91   ASP A C   1 
ATOM   698 O O   . ASP A 1 91  ? -6.621  7.267   -7.823  1.00 24.45  ? 91   ASP A O   1 
ATOM   699 C CB  . ASP A 1 91  ? -8.018  4.719   -8.802  1.00 23.43  ? 91   ASP A CB  1 
ATOM   700 C CG  . ASP A 1 91  ? -9.198  4.019   -9.536  1.00 27.03  ? 91   ASP A CG  1 
ATOM   701 O OD1 . ASP A 1 91  ? -10.249 4.684   -9.733  1.00 27.48  ? 91   ASP A OD1 1 
ATOM   702 O OD2 . ASP A 1 91  ? -9.118  2.813   -9.822  1.00 28.50  ? 91   ASP A OD2 1 
ATOM   703 N N   . VAL A 1 92  ? -5.144  6.262   -9.123  1.00 20.23  ? 92   VAL A N   1 
ATOM   704 C CA  . VAL A 1 92  ? -3.989  6.659   -8.314  1.00 18.59  ? 92   VAL A CA  1 
ATOM   705 C C   . VAL A 1 92  ? -3.273  7.835   -8.962  1.00 19.82  ? 92   VAL A C   1 
ATOM   706 O O   . VAL A 1 92  ? -3.120  7.825   -10.183 1.00 21.27  ? 92   VAL A O   1 
ATOM   707 C CB  . VAL A 1 92  ? -3.005  5.462   -8.119  1.00 17.77  ? 92   VAL A CB  1 
ATOM   708 C CG1 . VAL A 1 92  ? -1.681  5.883   -7.553  1.00 20.13  ? 92   VAL A CG1 1 
ATOM   709 C CG2 . VAL A 1 92  ? -3.700  4.447   -7.315  1.00 19.39  ? 92   VAL A CG2 1 
ATOM   710 N N   . LEU A 1 93  ? -2.824  8.791   -8.151  1.00 18.64  ? 93   LEU A N   1 
ATOM   711 C CA  . LEU A 1 93  ? -2.060  9.967   -8.608  1.00 19.02  ? 93   LEU A CA  1 
ATOM   712 C C   . LEU A 1 93  ? -0.563  9.841   -8.418  1.00 18.83  ? 93   LEU A C   1 
ATOM   713 O O   . LEU A 1 93  ? 0.263   10.264  -9.257  1.00 20.13  ? 93   LEU A O   1 
ATOM   714 C CB  . LEU A 1 93  ? -2.582  11.203  -7.888  1.00 19.48  ? 93   LEU A CB  1 
ATOM   715 C CG  . LEU A 1 93  ? -4.035  11.575  -8.243  1.00 20.84  ? 93   LEU A CG  1 
ATOM   716 C CD1 . LEU A 1 93  ? -4.424  12.799  -7.522  1.00 23.61  ? 93   LEU A CD1 1 
ATOM   717 C CD2 . LEU A 1 93  ? -4.275  11.650  -9.782  1.00 22.97  ? 93   LEU A CD2 1 
ATOM   718 N N   . GLU A 1 94  ? -0.152  9.273   -7.265  1.00 19.50  ? 94   GLU A N   1 
ATOM   719 C CA  . GLU A 1 94  ? 1.258   9.118   -6.981  1.00 21.82  ? 94   GLU A CA  1 
ATOM   720 C C   . GLU A 1 94  ? 1.464   8.215   -5.794  1.00 21.77  ? 94   GLU A C   1 
ATOM   721 O O   . GLU A 1 94  ? 0.503   7.914   -5.082  1.00 19.18  ? 94   GLU A O   1 
ATOM   722 C CB  . GLU A 1 94  ? 1.964   10.438  -6.706  1.00 24.41  ? 94   GLU A CB  1 
ATOM   723 C CG  . GLU A 1 94  ? 1.432   11.244  -5.583  1.00 27.95  ? 94   GLU A CG  1 
ATOM   724 C CD  . GLU A 1 94  ? 2.381   12.433  -5.279  1.00 33.64  ? 94   GLU A CD  1 
ATOM   725 O OE1 . GLU A 1 94  ? 3.014   12.986  -6.199  1.00 40.56  ? 94   GLU A OE1 1 
ATOM   726 O OE2 . GLU A 1 94  ? 2.482   12.829  -4.123  1.00 40.46  ? 94   GLU A OE2 1 
ATOM   727 N N   . MET A 1 95  ? 2.711   7.802   -5.610  1.00 22.49  ? 95   MET A N   1 
ATOM   728 C CA  . MET A 1 95  ? 3.119   7.041   -4.407  1.00 23.69  ? 95   MET A CA  1 
ATOM   729 C C   . MET A 1 95  ? 4.383   7.617   -3.788  1.00 26.00  ? 95   MET A C   1 
ATOM   730 O O   . MET A 1 95  ? 5.300   8.118   -4.513  1.00 26.21  ? 95   MET A O   1 
ATOM   731 C CB  . MET A 1 95  ? 3.407   5.626   -4.760  1.00 23.55  ? 95   MET A CB  1 
ATOM   732 C CG  . MET A 1 95  ? 2.229   4.878   -5.253  1.00 24.35  ? 95   MET A CG  1 
ATOM   733 S SD  . MET A 1 95  ? 2.516   3.125   -5.451  1.00 29.62  ? 95   MET A SD  1 
ATOM   734 C CE  . MET A 1 95  ? 3.388   3.142   -7.064  1.00 32.25  ? 95   MET A CE  1 
ATOM   735 N N   . ASN A 1 96  ? 4.487   7.571   -2.463  1.00 25.28  ? 96   ASN A N   1 
ATOM   736 C CA  . ASN A 1 96  ? 5.707   8.040   -1.768  1.00 25.47  ? 96   ASN A CA  1 
ATOM   737 C C   . ASN A 1 96  ? 6.112   6.844   -0.947  1.00 25.36  ? 96   ASN A C   1 
ATOM   738 O O   . ASN A 1 96  ? 5.337   6.473   -0.042  1.00 25.93  ? 96   ASN A O   1 
ATOM   739 C CB  . ASN A 1 96  ? 5.406   9.215   -0.829  1.00 27.38  ? 96   ASN A CB  1 
ATOM   740 C CG  . ASN A 1 96  ? 6.672   9.719   0.008   1.00 34.36  ? 96   ASN A CG  1 
ATOM   741 O OD1 . ASN A 1 96  ? 6.601   9.890   1.267   1.00 42.21  ? 96   ASN A OD1 1 
ATOM   742 N ND2 . ASN A 1 96  ? 7.778   9.940   -0.665  1.00 35.63  ? 96   ASN A ND2 1 
ATOM   743 N N   . ILE A 1 97  ? 7.278   6.264   -1.240  1.00 24.06  ? 97   ILE A N   1 
ATOM   744 C CA  . ILE A 1 97  ? 7.669   4.957   -0.685  1.00 24.17  ? 97   ILE A CA  1 
ATOM   745 C C   . ILE A 1 97  ? 8.929   5.092   0.125   1.00 23.14  ? 97   ILE A C   1 
ATOM   746 O O   . ILE A 1 97  ? 9.980   5.485   -0.397  1.00 21.82  ? 97   ILE A O   1 
ATOM   747 C CB  . ILE A 1 97  ? 7.891   3.979   -1.796  1.00 24.82  ? 97   ILE A CB  1 
ATOM   748 C CG1 . ILE A 1 97  ? 6.583   3.773   -2.566  1.00 27.66  ? 97   ILE A CG1 1 
ATOM   749 C CG2 . ILE A 1 97  ? 8.395   2.598   -1.282  1.00 23.63  ? 97   ILE A CG2 1 
ATOM   750 C CD1 . ILE A 1 97  ? 6.830   3.423   -3.957  1.00 29.36  ? 97   ILE A CD1 1 
ATOM   751 N N   . ARG A 1 98  ? 8.835   4.775   1.418   1.00 20.75  ? 98   ARG A N   1 
ATOM   752 C CA  . ARG A 1 98  ? 10.021  4.760   2.249   1.00 20.43  ? 98   ARG A CA  1 
ATOM   753 C C   . ARG A 1 98  ? 10.402  3.316   2.603   1.00 19.34  ? 98   ARG A C   1 
ATOM   754 O O   . ARG A 1 98  ? 9.519   2.489   2.885   1.00 18.43  ? 98   ARG A O   1 
ATOM   755 C CB  . ARG A 1 98  ? 9.820   5.503   3.556   1.00 21.12  ? 98   ARG A CB  1 
ATOM   756 C CG  . ARG A 1 98  ? 9.056   6.826   3.535   1.00 26.15  ? 98   ARG A CG  1 
ATOM   757 C CD  . ARG A 1 98  ? 9.901   7.935   3.491   1.00 28.25  ? 98   ARG A CD  1 
ATOM   758 N NE  . ARG A 1 98  ? 10.869  8.124   4.583   1.00 28.50  ? 98   ARG A NE  1 
ATOM   759 C CZ  . ARG A 1 98  ? 10.760  8.975   5.598   1.00 24.92  ? 98   ARG A CZ  1 
ATOM   760 N NH1 . ARG A 1 98  ? 9.636   9.621   5.859   1.00 27.70  ? 98   ARG A NH1 1 
ATOM   761 N NH2 . ARG A 1 98  ? 11.799  9.120   6.437   1.00 25.62  ? 98   ARG A NH2 1 
ATOM   762 N N   . ILE A 1 99  ? 11.717  3.066   2.606   1.00 18.38  ? 99   ILE A N   1 
ATOM   763 C CA  . ILE A 1 99  ? 12.300  1.813   3.069   1.00 18.89  ? 99   ILE A CA  1 
ATOM   764 C C   . ILE A 1 99  ? 13.124  2.123   4.312   1.00 17.98  ? 99   ILE A C   1 
ATOM   765 O O   . ILE A 1 99  ? 14.031  2.987   4.285   1.00 19.51  ? 99   ILE A O   1 
ATOM   766 C CB  . ILE A 1 99  ? 13.219  1.203   2.010   1.00 20.42  ? 99   ILE A CB  1 
ATOM   767 C CG1 . ILE A 1 99  ? 12.414  0.908   0.729   1.00 22.55  ? 99   ILE A CG1 1 
ATOM   768 C CG2 . ILE A 1 99  ? 13.837  -0.031  2.584   1.00 20.69  ? 99   ILE A CG2 1 
ATOM   769 C CD1 . ILE A 1 99  ? 13.254  0.348   -0.399  1.00 27.74  ? 99   ILE A CD1 1 
ATOM   770 N N   . LEU A 1 100 ? 12.714  1.477   5.400   1.00 17.88  ? 100  LEU A N   1 
ATOM   771 C CA  . LEU A 1 100 ? 13.154  1.836   6.750   1.00 17.86  ? 100  LEU A CA  1 
ATOM   772 C C   . LEU A 1 100 ? 13.807  0.685   7.495   1.00 18.75  ? 100  LEU A C   1 
ATOM   773 O O   . LEU A 1 100 ? 13.507  -0.454  7.246   1.00 19.54  ? 100  LEU A O   1 
ATOM   774 C CB  . LEU A 1 100 ? 11.954  2.322   7.554   1.00 17.93  ? 100  LEU A CB  1 
ATOM   775 C CG  . LEU A 1 100 ? 11.051  3.439   7.020   1.00 16.17  ? 100  LEU A CG  1 
ATOM   776 C CD1 . LEU A 1 100 ? 9.747   3.580   7.891   1.00 19.58  ? 100  LEU A CD1 1 
ATOM   777 C CD2 . LEU A 1 100 ? 11.768  4.716   7.109   1.00 18.99  ? 100  LEU A CD2 1 
ATOM   778 N N   . GLN A 1 101 ? 14.724  1.041   8.395   1.00 19.35  ? 101  GLN A N   1 
ATOM   779 C CA  . GLN A 1 101 ? 15.375  0.103   9.297   1.00 20.22  ? 101  GLN A CA  1 
ATOM   780 C C   . GLN A 1 101 ? 15.173  0.655   10.703  1.00 21.74  ? 101  GLN A C   1 
ATOM   781 O O   . GLN A 1 101 ? 14.950  1.834   10.885  1.00 18.94  ? 101  GLN A O   1 
ATOM   782 C CB  . GLN A 1 101 ? 16.864  0.047   8.949   1.00 21.44  ? 101  GLN A CB  1 
ATOM   783 C CG  . GLN A 1 101 ? 17.584  1.413   9.030   1.00 26.85  ? 101  GLN A CG  1 
ATOM   784 C CD  . GLN A 1 101 ? 19.114  1.408   8.819   1.00 33.96  ? 101  GLN A CD  1 
ATOM   785 O OE1 . GLN A 1 101 ? 19.801  0.455   9.201   1.00 39.87  ? 101  GLN A OE1 1 
ATOM   786 N NE2 . GLN A 1 101 ? 19.635  2.500   8.254   1.00 37.19  ? 101  GLN A NE2 1 
ATOM   787 N N   . PRO A 1 102 ? 15.325  -0.181  11.721  1.00 22.29  ? 102  PRO A N   1 
ATOM   788 C CA  . PRO A 1 102 ? 15.351  0.324   13.095  1.00 22.69  ? 102  PRO A CA  1 
ATOM   789 C C   . PRO A 1 102 ? 16.403  1.429   13.313  1.00 21.93  ? 102  PRO A C   1 
ATOM   790 O O   . PRO A 1 102 ? 17.566  1.398   12.873  1.00 21.81  ? 102  PRO A O   1 
ATOM   791 C CB  . PRO A 1 102 ? 15.704  -0.953  13.899  1.00 24.15  ? 102  PRO A CB  1 
ATOM   792 C CG  . PRO A 1 102 ? 15.126  -2.047  13.024  1.00 24.18  ? 102  PRO A CG  1 
ATOM   793 C CD  . PRO A 1 102 ? 15.514  -1.646  11.653  1.00 24.07  ? 102  PRO A CD  1 
ATOM   794 N N   . GLY A 1 103 ? 16.000  2.488   14.029  1.00 21.63  ? 103  GLY A N   1 
ATOM   795 C CA  . GLY A 1 103 ? 16.880  3.610   14.283  1.00 22.61  ? 103  GLY A CA  1 
ATOM   796 C C   . GLY A 1 103 ? 17.741  3.395   15.508  1.00 22.95  ? 103  GLY A C   1 
ATOM   797 O O   . GLY A 1 103 ? 18.682  4.136   15.650  1.00 24.05  ? 103  GLY A O   1 
HETATM 798 C C1K . VK3 B 2 .   ? 3.226   -0.806  -6.221  1.00 48.91  ? 4558 VK3 A C1K 1 
HETATM 799 O O1K . VK3 B 2 .   ? 2.131   -1.146  -6.664  1.00 51.69  ? 4558 VK3 A O1K 1 
HETATM 800 C C2K . VK3 B 2 .   ? 4.068   -0.104  -7.070  1.00 51.93  ? 4558 VK3 A C2K 1 
HETATM 801 C C3K . VK3 B 2 .   ? 5.310   0.340   -6.662  1.00 52.18  ? 4558 VK3 A C3K 1 
HETATM 802 C C4K . VK3 B 2 .   ? 5.826   0.070   -5.308  1.00 50.32  ? 4558 VK3 A C4K 1 
HETATM 803 O O4K . VK3 B 2 .   ? 6.971   0.451   -4.988  1.00 52.27  ? 4558 VK3 A O4K 1 
HETATM 804 C C5K . VK3 B 2 .   ? 4.987   -0.706  -4.383  1.00 49.27  ? 4558 VK3 A C5K 1 
HETATM 805 C C6K . VK3 B 2 .   ? 5.391   -1.045  -3.105  1.00 47.64  ? 4558 VK3 A C6K 1 
HETATM 806 C C7K . VK3 B 2 .   ? 4.524   -1.796  -2.302  1.00 38.41  ? 4558 VK3 A C7K 1 
HETATM 807 C C8K . VK3 B 2 .   ? 3.318   -2.209  -2.771  1.00 24.61  ? 4558 VK3 A C8K 1 
HETATM 808 C C9K . VK3 B 2 .   ? 2.870   -1.908  -3.988  1.00 44.98  ? 4558 VK3 A C9K 1 
HETATM 809 C C10 . VK3 B 2 .   ? 3.648   -1.149  -4.845  1.00 49.69  ? 4558 VK3 A C10 1 
HETATM 810 C C11 . VK3 B 2 .   ? 6.180   1.105   -7.612  1.00 53.92  ? 4558 VK3 A C11 1 
HETATM 811 O O   . HOH C 3 .   ? -4.521  10.200  10.800  1.00 18.73  ? 4559 HOH A O   1 
HETATM 812 O O   . HOH C 3 .   ? 17.942  -0.117  16.962  1.00 27.43  ? 4560 HOH A O   1 
HETATM 813 O O   . HOH C 3 .   ? 7.479   -12.721 -4.667  1.00 25.23  ? 4561 HOH A O   1 
HETATM 814 O O   . HOH C 3 .   ? -4.941  8.178   -12.199 1.00 24.70  ? 4562 HOH A O   1 
HETATM 815 O O   . HOH C 3 .   ? -6.366  7.864   4.704   1.00 24.14  ? 4563 HOH A O   1 
HETATM 816 O O   . HOH C 3 .   ? -2.850  -7.504  6.027   1.00 25.31  ? 4564 HOH A O   1 
HETATM 817 O O   . HOH C 3 .   ? 9.434   -11.978 -2.867  1.00 23.84  ? 4565 HOH A O   1 
HETATM 818 O O   . HOH C 3 .   ? 18.219  -6.377  1.756   1.00 32.85  ? 4566 HOH A O   1 
HETATM 819 O O   . HOH C 3 .   ? -13.604 6.169   -2.305  1.00 31.68  ? 4567 HOH A O   1 
HETATM 820 O O   . HOH C 3 .   ? -9.630  9.568   -3.087  1.00 23.97  ? 4568 HOH A O   1 
HETATM 821 O O   . HOH C 3 .   ? 8.526   -11.850 -9.281  1.00 28.69  ? 4569 HOH A O   1 
HETATM 822 O O   . HOH C 3 .   ? 0.021   -7.738  7.512   1.00 30.16  ? 4570 HOH A O   1 
HETATM 823 O O   . HOH C 3 .   ? -5.894  -6.109  -7.531  1.00 30.93  ? 4571 HOH A O   1 
HETATM 824 O O   . HOH C 3 .   ? 20.817  4.931   17.231  1.00 29.18  ? 4572 HOH A O   1 
HETATM 825 O O   . HOH C 3 .   ? 4.413   -11.433 -13.645 1.00 29.89  ? 4573 HOH A O   1 
HETATM 826 O O   . HOH C 3 .   ? -12.457 4.512   0.769   1.00 31.82  ? 4574 HOH A O   1 
HETATM 827 O O   . HOH C 3 .   ? 2.289   -4.746  8.081   1.00 33.33  ? 4575 HOH A O   1 
HETATM 828 O O   . HOH C 3 .   ? -5.312  -12.820 -2.676  1.00 28.35  ? 4576 HOH A O   1 
HETATM 829 O O   . HOH C 3 .   ? 4.561   8.148   -7.955  1.00 24.00  ? 4577 HOH A O   1 
HETATM 830 O O   . HOH C 3 .   ? -5.908  13.383  1.263   1.00 38.62  ? 4578 HOH A O   1 
HETATM 831 O O   . HOH C 3 .   ? -0.001  15.730  12.910  1.00 28.01  ? 4579 HOH A O   1 
HETATM 832 O O   . HOH C 3 .   ? -10.251 7.129   6.434   1.00 38.02  ? 4580 HOH A O   1 
HETATM 833 O O   . HOH C 3 .   ? 18.722  -8.614  -1.246  1.00 31.98  ? 4581 HOH A O   1 
HETATM 834 O O   . HOH C 3 .   ? -8.815  -9.575  1.583   1.00 31.26  ? 4582 HOH A O   1 
HETATM 835 O O   . HOH C 3 .   ? -2.525  -15.159 3.084   1.00 32.69  ? 4583 HOH A O   1 
HETATM 836 O O   . HOH C 3 .   ? 6.821   -15.265 -3.909  1.00 30.64  ? 4584 HOH A O   1 
HETATM 837 O O   . HOH C 3 .   ? 11.169  -5.164  -9.369  1.00 32.76  ? 4585 HOH A O   1 
HETATM 838 O O   . HOH C 3 .   ? 12.682  -2.950  9.677   1.00 32.20  ? 4586 HOH A O   1 
HETATM 839 O O   . HOH C 3 .   ? -1.375  2.268   -11.598 1.00 34.75  ? 4587 HOH A O   1 
HETATM 840 O O   . HOH C 3 .   ? -12.370 -6.812  -3.840  1.00 33.49  ? 4588 HOH A O   1 
HETATM 841 O O   . HOH C 3 .   ? -4.489  -7.826  -8.912  1.00 34.96  ? 4589 HOH A O   1 
HETATM 842 O O   . HOH C 3 .   ? -5.736  -5.793  -14.060 1.00 34.33  ? 4590 HOH A O   1 
HETATM 843 O O   . HOH C 3 .   ? 13.151  -16.807 1.038   1.00 41.11  ? 4591 HOH A O   1 
HETATM 844 O O   . HOH C 3 .   ? -11.965 9.133   1.541   1.00 37.78  ? 4592 HOH A O   1 
HETATM 845 O O   . HOH C 3 .   ? 1.882   -15.751 -3.055  1.00 34.31  ? 4593 HOH A O   1 
HETATM 846 O O   . HOH C 3 .   ? -12.115 8.703   -3.509  1.00 36.27  ? 4594 HOH A O   1 
HETATM 847 O O   . HOH C 3 .   ? 14.504  -9.844  -6.873  1.00 32.86  ? 4595 HOH A O   1 
HETATM 848 O O   . HOH C 3 .   ? -11.613 -1.883  -7.691  1.00 32.66  ? 4596 HOH A O   1 
HETATM 849 O O   . HOH C 3 .   ? 6.854   -13.200 -10.861 1.00 37.84  ? 4597 HOH A O   1 
HETATM 850 O O   . HOH C 3 .   ? 2.984   -13.105 5.662   1.00 38.22  ? 4598 HOH A O   1 
HETATM 851 O O   . HOH C 3 .   ? -8.459  2.612   -13.006 1.00 36.12  ? 4599 HOH A O   1 
HETATM 852 O O   . HOH C 3 .   ? 8.019   -13.820 -7.081  1.00 29.91  ? 4600 HOH A O   1 
HETATM 853 O O   . HOH C 3 .   ? -5.072  -3.711  6.842   1.00 32.38  ? 4601 HOH A O   1 
HETATM 854 O O   . HOH C 3 .   ? 18.235  -1.462  19.992  1.00 39.15  ? 4602 HOH A O   1 
HETATM 855 O O   . HOH C 3 .   ? -4.322  -9.665  6.563   1.00 31.05  ? 4603 HOH A O   1 
HETATM 856 O O   . HOH C 3 .   ? 17.926  -0.804  3.927   1.00 42.71  ? 4604 HOH A O   1 
HETATM 857 O O   . HOH C 3 .   ? 8.884   -16.394 3.738   1.00 48.13  ? 4605 HOH A O   1 
HETATM 858 O O   . HOH C 3 .   ? 20.272  2.907   11.965  1.00 42.59  ? 4606 HOH A O   1 
HETATM 859 O O   . HOH C 3 .   ? -3.114  16.527  -6.849  1.00 35.82  ? 4607 HOH A O   1 
HETATM 860 O O   . HOH C 3 .   ? -4.055  -4.614  9.197   1.00 40.97  ? 4608 HOH A O   1 
HETATM 861 O O   . HOH C 3 .   ? 20.255  4.786   13.416  1.00 39.45  ? 4609 HOH A O   1 
HETATM 862 O O   . HOH C 3 .   ? 8.830   -15.569 -11.146 0.33 41.48  ? 4610 HOH A O   1 
HETATM 863 O O   . HOH C 3 .   ? 6.038   -15.426 -7.948  1.00 37.12  ? 4611 HOH A O   1 
HETATM 864 O O   . HOH C 3 .   ? -9.300  -6.291  -10.933 1.00 40.68  ? 4612 HOH A O   1 
HETATM 865 O O   . HOH C 3 .   ? 5.272   7.356   3.299   1.00 40.30  ? 4613 HOH A O   1 
HETATM 866 O O   . HOH C 3 .   ? -1.898  6.348   -13.958 1.00 43.17  ? 4614 HOH A O   1 
HETATM 867 O O   . HOH C 3 .   ? 4.663   -3.470  -9.912  1.00 39.83  ? 4615 HOH A O   1 
HETATM 868 O O   . HOH C 3 .   ? 15.944  -10.526 6.823   1.00 48.25  ? 4616 HOH A O   1 
HETATM 869 O O   . HOH C 3 .   ? 19.182  -0.638  11.817  1.00 37.74  ? 4617 HOH A O   1 
HETATM 870 O O   . HOH C 3 .   ? 0.503   -10.224 8.515   1.00 44.30  ? 4618 HOH A O   1 
HETATM 871 O O   . HOH C 3 .   ? -9.340  8.548   -13.923 1.00 38.80  ? 4619 HOH A O   1 
HETATM 872 O O   . HOH C 3 .   ? -12.804 16.226  19.690  1.00 49.05  ? 4620 HOH A O   1 
HETATM 873 O O   . HOH C 3 .   ? 5.455   -15.175 3.349   1.00 37.48  ? 4621 HOH A O   1 
HETATM 874 O O   . HOH C 3 .   ? -5.271  -6.014  5.684   1.00 38.76  ? 4622 HOH A O   1 
HETATM 875 O O   . HOH C 3 .   ? -5.221  13.659  -14.794 1.00 55.77  ? 4623 HOH A O   1 
HETATM 876 O O   . HOH C 3 .   ? 10.780  -19.528 -5.183  1.00 39.38  ? 4624 HOH A O   1 
HETATM 877 O O   . HOH C 3 .   ? 11.268  -8.976  7.447   1.00 18.94  ? 4625 HOH A O   1 
HETATM 878 O O   . HOH C 3 .   ? -5.613  15.745  -6.251  1.00 35.58  ? 4626 HOH A O   1 
HETATM 879 O O   . HOH C 3 .   ? 5.873   7.908   5.518   1.00 42.45  ? 4627 HOH A O   1 
HETATM 880 O O   . HOH C 3 .   ? 5.755   10.030  3.758   1.00 46.85  ? 4628 HOH A O   1 
HETATM 881 O O   . HOH C 3 .   ? -5.415  13.672  -4.173  1.00 40.32  ? 4629 HOH A O   1 
HETATM 882 O O   . HOH C 3 .   ? -5.480  -11.350 4.391   1.00 39.71  ? 4630 HOH A O   1 
HETATM 883 O O   . HOH C 3 .   ? -7.546  16.776  13.355  1.00 41.69  ? 4631 HOH A O   1 
HETATM 884 O O   . HOH C 3 .   ? 17.973  -6.158  4.370   1.00 62.12  ? 4632 HOH A O   1 
HETATM 885 O O   . HOH C 3 .   ? 12.854  -4.563  11.833  1.00 41.76  ? 4633 HOH A O   1 
HETATM 886 O O   . HOH C 3 .   ? -11.963 12.505  -1.623  1.00 46.74  ? 4634 HOH A O   1 
HETATM 887 O O   . HOH C 3 .   ? -8.752  13.935  14.788  1.00 39.79  ? 4635 HOH A O   1 
HETATM 888 O O   . HOH C 3 .   ? -3.789  12.561  -0.483  1.00 45.24  ? 4636 HOH A O   1 
HETATM 889 O O   . HOH C 3 .   ? -12.179 -3.401  0.167   1.00 37.45  ? 4637 HOH A O   1 
HETATM 890 O O   . HOH C 3 .   ? -10.237 4.096   -12.553 1.00 46.08  ? 4638 HOH A O   1 
HETATM 891 O O   . HOH C 3 .   ? 14.305  -3.594  16.339  1.00 43.01  ? 4639 HOH A O   1 
HETATM 892 O O   . HOH C 3 .   ? 2.066   10.035  -1.932  1.00 45.31  ? 4640 HOH A O   1 
HETATM 893 O O   . HOH C 3 .   ? 0.167   2.814   -9.001  1.00 35.49  ? 4641 HOH A O   1 
HETATM 894 O O   . HOH C 3 .   ? -13.136 12.049  -9.894  1.00 51.32  ? 4642 HOH A O   1 
HETATM 895 O O   . HOH C 3 .   ? -4.188  -13.983 4.771   1.00 40.39  ? 4643 HOH A O   1 
HETATM 896 O O   . HOH C 3 .   ? 12.605  -9.078  -9.645  1.00 41.82  ? 4644 HOH A O   1 
HETATM 897 O O   . HOH C 3 .   ? 4.598   -5.169  8.605   1.00 56.17  ? 4645 HOH A O   1 
HETATM 898 O O   . HOH C 3 .   ? 13.073  -6.666  -10.601 1.00 49.11  ? 4646 HOH A O   1 
HETATM 899 O O   . HOH C 3 .   ? 19.847  -4.010  3.886   1.00 57.09  ? 4647 HOH A O   1 
HETATM 900 O O   . HOH C 3 .   ? 4.596   11.086  -2.753  1.00 58.89  ? 4648 HOH A O   1 
HETATM 901 O O   . HOH C 3 .   ? -7.058  -9.820  3.367   1.00 44.65  ? 4649 HOH A O   1 
HETATM 902 O O   . HOH C 3 .   ? -8.067  0.223   -15.203 1.00 47.97  ? 4650 HOH A O   1 
HETATM 903 O O   . HOH C 3 .   ? 2.515   -2.667  -8.641  1.00 46.39  ? 4651 HOH A O   1 
HETATM 904 O O   . HOH C 3 .   ? 4.883   -15.111 -10.288 1.00 41.03  ? 4652 HOH A O   1 
HETATM 905 O O   . HOH C 3 .   ? 16.648  -8.208  -7.276  1.00 47.31  ? 4653 HOH A O   1 
HETATM 906 O O   . HOH C 3 .   ? 0.791   12.279  -1.347  1.00 61.24  ? 4654 HOH A O   1 
HETATM 907 O O   . HOH C 3 .   ? -12.577 5.800   5.941   1.00 38.91  ? 4655 HOH A O   1 
HETATM 908 O O   . HOH C 3 .   ? -15.289 0.424   -5.316  1.00 45.97  ? 4656 HOH A O   1 
HETATM 909 O O   . HOH C 3 .   ? -12.438 8.704   9.589   1.00 44.72  ? 4657 HOH A O   1 
HETATM 910 O O   . HOH C 3 .   ? -6.459  18.974  14.066  1.00 41.13  ? 4658 HOH A O   1 
HETATM 911 O O   . HOH C 3 .   ? 0.815   -6.256  9.174   1.00 51.74  ? 4659 HOH A O   1 
HETATM 912 O O   . HOH C 3 .   ? 2.647   -11.685 7.785   1.00 43.77  ? 4660 HOH A O   1 
HETATM 913 O O   . HOH C 3 .   ? 3.167   16.288  -8.864  1.00 43.17  ? 4661 HOH A O   1 
HETATM 914 O O   . HOH C 3 .   ? -12.135 10.961  -12.355 1.00 58.48  ? 4662 HOH A O   1 
HETATM 915 O O   . HOH C 3 .   ? -6.307  16.483  21.569  1.00 52.67  ? 4663 HOH A O   1 
HETATM 916 O O   . HOH C 3 .   ? 0.409   12.729  3.291   1.00 55.41  ? 4664 HOH A O   1 
HETATM 917 O O   . HOH C 3 .   ? 8.514   -1.960  13.229  1.00 51.99  ? 4665 HOH A O   1 
HETATM 918 O O   . HOH C 3 .   ? -17.071 1.975   -4.058  1.00 48.39  ? 4666 HOH A O   1 
HETATM 919 O O   . HOH C 3 .   ? -2.053  2.836   -19.654 1.00 53.19  ? 4667 HOH A O   1 
HETATM 920 O O   . HOH C 3 .   ? 11.497  -13.094 -9.032  1.00 43.26  ? 4668 HOH A O   1 
HETATM 921 O O   . HOH C 3 .   ? -12.919 4.119   -9.774  1.00 39.89  ? 4669 HOH A O   1 
HETATM 922 O O   . HOH C 3 .   ? -1.940  19.113  19.822  1.00 42.63  ? 4670 HOH A O   1 
HETATM 923 O O   . HOH C 3 .   ? -6.771  -8.115  5.742   1.00 43.49  ? 4671 HOH A O   1 
HETATM 924 O O   . HOH C 3 .   ? -5.267  -10.128 -9.121  1.00 51.75  ? 4672 HOH A O   1 
HETATM 925 O O   . HOH C 3 .   ? 8.562   -9.384  -14.620 1.00 47.19  ? 4673 HOH A O   1 
HETATM 926 O O   . HOH C 3 .   ? -9.273  14.158  -11.576 1.00 50.43  ? 4674 HOH A O   1 
HETATM 927 O O   . HOH C 3 .   ? 0.191   -3.412  -15.002 1.00 48.65  ? 4675 HOH A O   1 
HETATM 928 O O   . HOH C 3 .   ? 21.371  -2.065  6.324   1.00 54.55  ? 4676 HOH A O   1 
HETATM 929 O O   . HOH C 3 .   ? -7.399  -7.495  -12.846 1.00 47.19  ? 4677 HOH A O   1 
HETATM 930 O O   . HOH C 3 .   ? -19.097 7.489   -7.288  1.00 58.26  ? 4678 HOH A O   1 
HETATM 931 O O   . HOH C 3 .   ? -6.224  8.591   -15.597 1.00 41.93  ? 4679 HOH A O   1 
HETATM 932 O O   . HOH C 3 .   ? -10.703 -8.074  2.446   1.00 48.63  ? 4680 HOH A O   1 
HETATM 933 O O   . HOH C 3 .   ? 19.975  -1.071  18.401  1.00 59.08  ? 4681 HOH A O   1 
HETATM 934 O O   . HOH C 3 .   ? 16.912  -2.670  8.108   1.00 50.61  ? 4682 HOH A O   1 
HETATM 935 O O   . HOH C 3 .   ? 1.759   0.854   -9.556  1.00 51.57  ? 4683 HOH A O   1 
HETATM 936 O O   . HOH C 3 .   ? -9.608  15.144  1.197   1.00 49.18  ? 4684 HOH A O   1 
HETATM 937 O O   . HOH C 3 .   ? -17.291 3.607   -2.198  1.00 55.46  ? 4685 HOH A O   1 
HETATM 938 O O   . HOH C 3 .   ? 15.795  -5.161  10.896  1.00 47.46  ? 4686 HOH A O   1 
HETATM 939 O O   . HOH C 3 .   ? 4.421   -15.742 -4.392  1.00 51.24  ? 4687 HOH A O   1 
HETATM 940 O O   . HOH C 3 .   ? -12.938 -5.752  0.910   1.00 56.91  ? 4688 HOH A O   1 
HETATM 941 O O   . HOH C 3 .   ? 16.978  -3.082  16.243  1.00 47.68  ? 4689 HOH A O   1 
HETATM 942 O O   . HOH C 3 .   ? -14.345 9.506   -11.997 1.00 74.23  ? 4690 HOH A O   1 
HETATM 943 O O   . HOH C 3 .   ? -16.275 -2.083  -1.489  1.00 58.37  ? 4691 HOH A O   1 
HETATM 944 O O   . HOH C 3 .   ? -19.707 2.108   -6.210  1.00 66.15  ? 4692 HOH A O   1 
HETATM 945 O O   . HOH C 3 .   ? -6.076  20.539  22.371  1.00 49.71  ? 4693 HOH A O   1 
HETATM 946 O O   . HOH C 3 .   ? -19.060 6.151   -4.938  1.00 61.75  ? 4694 HOH A O   1 
HETATM 947 O O   . HOH C 3 .   ? 8.095   -2.879  11.013  1.00 44.65  ? 4695 HOH A O   1 
HETATM 948 O O   . HOH C 3 .   ? -1.359  12.259  0.926   1.00 52.47  ? 4696 HOH A O   1 
HETATM 949 O O   . HOH C 3 .   ? -10.728 13.843  -8.392  1.00 54.66  ? 4697 HOH A O   1 
HETATM 950 O O   . HOH C 3 .   ? 11.983  -2.643  -8.491  1.00 56.44  ? 4698 HOH A O   1 
HETATM 951 O O   . HOH C 3 .   ? 17.070  2.338   18.828  1.00 35.61  ? 4699 HOH A O   1 
HETATM 952 O O   . HOH C 3 .   ? -10.317 10.915  -14.151 1.00 50.31  ? 4700 HOH A O   1 
HETATM 953 O O   . HOH C 3 .   ? 18.994  -3.248  18.911  1.00 48.88  ? 4701 HOH A O   1 
HETATM 954 O O   . HOH C 3 .   ? 4.402   15.035  -6.935  1.00 57.73  ? 4702 HOH A O   1 
HETATM 955 O O   . HOH C 3 .   ? 19.217  -2.938  7.434   1.00 53.31  ? 4703 HOH A O   1 
HETATM 956 O O   . HOH C 3 .   ? -8.494  2.393   -15.787 1.00 52.89  ? 4704 HOH A O   1 
HETATM 957 O O   . HOH C 3 .   ? 3.522   7.883   4.861   1.00 57.12  ? 4705 HOH A O   1 
HETATM 958 O O   . HOH C 3 .   ? -16.357 3.611   0.459   1.00 44.80  ? 4706 HOH A O   1 
HETATM 959 O O   . HOH C 3 .   ? 5.277   -3.387  10.884  1.00 53.86  ? 4707 HOH A O   1 
HETATM 960 O O   . HOH C 3 .   ? -6.659  -9.127  8.023   1.00 50.33  ? 4708 HOH A O   1 
HETATM 961 O O   . HOH C 3 .   ? 18.014  -8.700  4.403   1.00 57.40  ? 4709 HOH A O   1 
HETATM 962 O O   . HOH C 3 .   ? -7.196  -14.402 -1.971  1.00 47.03  ? 4710 HOH A O   1 
HETATM 963 O O   . HOH C 3 .   ? 7.184   10.880  -2.932  1.00 55.81  ? 4711 HOH A O   1 
HETATM 964 O O   . HOH C 3 .   ? -0.605  -16.010 4.911   1.00 53.23  ? 4712 HOH A O   1 
HETATM 965 O O   . HOH C 3 .   ? -14.150 -6.069  -2.287  1.00 60.63  ? 4713 HOH A O   1 
HETATM 966 O O   . HOH C 3 .   ? -14.174 11.695  15.333  1.00 60.20  ? 4714 HOH A O   1 
HETATM 967 O O   . HOH C 3 .   ? 11.369  -16.956 2.870   1.00 64.65  ? 4715 HOH A O   1 
HETATM 968 O O   . HOH C 3 .   ? -9.101  8.811   5.816   1.00 39.01  ? 4716 HOH A O   1 
HETATM 969 O O   . HOH C 3 .   ? -7.874  4.605   -16.875 1.00 48.81  ? 4717 HOH A O   1 
HETATM 970 O O   . HOH C 3 .   ? -14.264 6.173   -9.212  1.00 45.16  ? 4718 HOH A O   1 
HETATM 971 O O   . HOH C 3 .   ? -7.247  -5.912  2.689   1.00 42.62  ? 4719 HOH A O   1 
HETATM 972 O O   . HOH C 3 .   ? -9.041  -11.868 -1.519  1.00 47.03  ? 4720 HOH A O   1 
HETATM 973 O O   . HOH C 3 .   ? -11.356 15.290  -1.233  1.00 49.96  ? 4721 HOH A O   1 
HETATM 974 O O   . HOH C 3 .   ? -8.211  -4.034  -14.875 1.00 49.39  ? 4722 HOH A O   1 
HETATM 975 O O   . HOH C 3 .   ? 16.359  -1.909  5.460   1.00 60.61  ? 4723 HOH A O   1 
HETATM 976 O O   . HOH C 3 .   ? -7.776  -15.728 0.607   1.00 51.24  ? 4724 HOH A O   1 
HETATM 977 O O   . HOH C 3 .   ? -15.890 8.999   -4.147  1.00 50.62  ? 4725 HOH A O   1 
HETATM 978 O O   . HOH C 3 .   ? -1.312  10.535  -0.584  1.00 84.35  ? 4726 HOH A O   1 
HETATM 979 O O   . HOH C 3 .   ? 18.351  -6.462  -5.306  1.00 55.77  ? 4727 HOH A O   1 
HETATM 980 O O   . HOH C 3 .   ? -10.998 10.926  21.270  1.00 53.31  ? 4728 HOH A O   1 
HETATM 981 O O   . HOH C 3 .   ? 16.793  -3.931  6.708   1.00 102.20 ? 4729 HOH A O   1 
HETATM 982 O O   . HOH C 3 .   ? -14.998 2.592   -6.611  1.00 71.10  ? 4730 HOH A O   1 
HETATM 983 O O   . HOH C 3 .   ? 12.609  -6.699  -13.177 1.00 58.00  ? 4731 HOH A O   1 
HETATM 984 O O   . HOH C 3 .   ? -14.131 -1.575  -6.673  1.00 57.16  ? 4732 HOH A O   1 
HETATM 985 O O   . HOH C 3 .   ? -3.212  -13.964 7.158   1.00 51.89  ? 4733 HOH A O   1 
HETATM 986 O O   . HOH C 3 .   ? 21.117  1.272   14.114  1.00 66.93  ? 4734 HOH A O   1 
HETATM 987 O O   . HOH C 3 .   ? -10.170 17.486  17.893  1.00 69.94  ? 4735 HOH A O   1 
HETATM 988 O O   . HOH C 3 .   ? 8.643   8.030   0.745   1.00 92.48  ? 4736 HOH A O   1 
HETATM 989 O O   . HOH C 3 .   ? -11.759 -9.120  -2.824  1.00 55.49  ? 4737 HOH A O   1 
HETATM 990 O O   . HOH C 3 .   ? -0.327  18.846  10.385  1.00 59.17  ? 4738 HOH A O   1 
HETATM 991 O O   . HOH C 3 .   ? 5.408   -13.518 8.833   1.00 63.28  ? 4739 HOH A O   1 
# 
